data_2I4M
#
_entry.id   2I4M
#
_cell.length_a   110.360
_cell.length_b   211.900
_cell.length_c   150.200
_cell.angle_alpha   90.00
_cell.angle_beta   90.00
_cell.angle_gamma   90.00
#
_symmetry.space_group_name_H-M   'C 2 2 21'
#
loop_
_entity.id
_entity.type
_entity.pdbx_description
1 polymer 'Proline-tRNA ligase'
2 non-polymer "'5'-O-(N-(L-PROLYL)-SULFAMOYL)ADENOSINE"
3 water water
#
_entity_poly.entity_id   1
_entity_poly.type   'polypeptide(L)'
_entity_poly.pdbx_seq_one_letter_code
;MGSSHHHHHHSSGLVPRGSHMRLSRFFLPILKENPKEAEIVSHRLMLRAGMLRQEAAGIYAWLPLGHRVLKKIEQIVREE
QNRAGAIELLMPTLQLADLWRESGRYDAYGPEMLRIADRHKRELLYGPTNEEMITEIFRAYIKSYKSLPLNLYHIQWKFR
DEQRPRFGVMRGREFLMKDAYSFDVDEAGARKSYNKMFVAYLRTFARMGLKAIPMRAETGPIGGDLSHEFIVLAETGESG
VYIDRDVLNLPVPDENVDYDGDLTPIIKQWTSVYAATEDVHEPARYESEVPEANRLNTRGIEVGQIFYFGTKYSDSMKAN
VTGPDGTDAPIHGGSYGVGVSRLLGAIIEACHDDNGIIWPEAVAPFRVTILNLKQGDAATDAACDQLYRELSAKGVDVLY
DDTDQRAGAKFATADLIGIPWQIHVGPRGLAEGKVELKRRSDGARENLALADVVARLT
;
_entity_poly.pdbx_strand_id   A,B,C
#
loop_
_chem_comp.id
_chem_comp.type
_chem_comp.name
_chem_comp.formula
P5A non-polymer '5'-O-(N-(L-PROLYL)-SULFAMOYL)ADENOSINE 'C15 H21 N7 O7 S'
#
# COMPACT_ATOMS: atom_id res chain seq x y z
N GLY A 18 -29.95 13.52 -2.57
CA GLY A 18 -30.10 12.50 -3.69
C GLY A 18 -29.45 12.91 -5.01
N SER A 19 -28.56 12.05 -5.52
CA SER A 19 -27.65 12.39 -6.64
C SER A 19 -28.34 12.95 -7.90
N HIS A 20 -27.64 13.79 -8.66
CA HIS A 20 -28.29 14.60 -9.67
C HIS A 20 -27.29 15.09 -10.69
N MET A 21 -27.56 14.86 -11.96
CA MET A 21 -26.58 15.18 -13.02
C MET A 21 -27.24 15.91 -14.20
N ARG A 22 -26.46 16.72 -14.92
CA ARG A 22 -26.91 17.33 -16.18
C ARG A 22 -26.05 16.75 -17.27
N LEU A 23 -26.70 16.31 -18.35
CA LEU A 23 -25.97 15.60 -19.41
C LEU A 23 -24.79 16.40 -19.95
N SER A 24 -24.87 17.72 -19.93
CA SER A 24 -23.83 18.54 -20.56
C SER A 24 -22.62 18.66 -19.64
N ARG A 25 -22.77 18.08 -18.44
CA ARG A 25 -21.71 18.07 -17.47
C ARG A 25 -21.30 16.63 -17.24
N PHE A 26 -21.89 15.72 -17.99
CA PHE A 26 -21.72 14.31 -17.73
C PHE A 26 -20.81 13.74 -18.79
N PHE A 27 -20.55 12.44 -18.73
CA PHE A 27 -19.80 11.74 -19.77
C PHE A 27 -20.62 10.53 -20.11
N LEU A 28 -21.21 10.52 -21.31
CA LEU A 28 -22.16 9.45 -21.70
C LEU A 28 -22.07 9.18 -23.21
N PRO A 29 -21.05 8.43 -23.64
CA PRO A 29 -20.84 8.37 -25.08
C PRO A 29 -21.81 7.39 -25.77
N ILE A 30 -22.86 7.94 -26.36
CA ILE A 30 -23.85 7.12 -27.08
C ILE A 30 -23.31 6.69 -28.44
N LEU A 31 -23.57 5.46 -28.82
CA LEU A 31 -23.20 4.98 -30.13
C LEU A 31 -24.48 4.83 -30.94
N LYS A 32 -24.55 5.43 -32.12
CA LYS A 32 -25.81 5.39 -32.88
C LYS A 32 -26.12 3.98 -33.37
N GLU A 33 -25.09 3.23 -33.74
CA GLU A 33 -25.30 1.90 -34.30
C GLU A 33 -24.76 0.74 -33.47
N ASN A 34 -25.34 -0.43 -33.68
CA ASN A 34 -24.88 -1.68 -33.10
C ASN A 34 -23.42 -2.03 -33.43
N PRO A 35 -22.60 -2.28 -32.40
CA PRO A 35 -21.21 -2.67 -32.59
C PRO A 35 -21.07 -4.11 -33.03
N LYS A 36 -20.35 -4.32 -34.12
CA LYS A 36 -20.12 -5.66 -34.68
C LYS A 36 -19.70 -6.66 -33.62
N GLU A 37 -18.81 -6.25 -32.72
CA GLU A 37 -18.18 -7.15 -31.77
C GLU A 37 -19.11 -7.72 -30.69
N ALA A 38 -20.37 -7.28 -30.70
CA ALA A 38 -21.35 -7.72 -29.71
C ALA A 38 -22.41 -8.66 -30.29
N GLU A 39 -22.51 -9.85 -29.69
CA GLU A 39 -23.47 -10.87 -30.14
C GLU A 39 -24.81 -10.72 -29.43
N ILE A 40 -24.84 -11.04 -28.15
CA ILE A 40 -26.08 -11.01 -27.36
C ILE A 40 -26.52 -9.58 -27.16
N VAL A 41 -27.80 -9.38 -26.81
CA VAL A 41 -28.41 -8.04 -26.72
C VAL A 41 -27.82 -7.16 -25.62
N SER A 42 -27.50 -7.74 -24.46
CA SER A 42 -27.06 -6.91 -23.33
C SER A 42 -25.70 -6.27 -23.57
N HIS A 43 -24.77 -7.01 -24.16
CA HIS A 43 -23.48 -6.46 -24.53
C HIS A 43 -23.80 -5.39 -25.53
N ARG A 44 -24.50 -5.77 -26.57
CA ARG A 44 -24.82 -4.86 -27.65
C ARG A 44 -25.33 -3.56 -27.06
N LEU A 45 -26.17 -3.67 -26.04
CA LEU A 45 -26.85 -2.51 -25.47
C LEU A 45 -26.05 -1.70 -24.47
N MET A 46 -25.18 -2.36 -23.72
CA MET A 46 -24.32 -1.68 -22.74
C MET A 46 -23.29 -0.77 -23.41
N LEU A 47 -22.84 -1.19 -24.60
CA LEU A 47 -21.92 -0.40 -25.41
C LEU A 47 -22.60 0.80 -26.03
N ARG A 48 -23.79 0.62 -26.60
CA ARG A 48 -24.50 1.75 -27.21
C ARG A 48 -24.96 2.74 -26.17
N ALA A 49 -25.37 2.23 -25.01
CA ALA A 49 -25.91 3.06 -23.94
C ALA A 49 -24.85 3.78 -23.11
N GLY A 50 -23.62 3.83 -23.65
CA GLY A 50 -22.48 4.54 -23.03
C GLY A 50 -22.14 4.00 -21.66
N MET A 51 -22.28 2.70 -21.47
CA MET A 51 -22.09 2.14 -20.14
C MET A 51 -20.78 1.35 -19.96
N LEU A 52 -19.99 1.20 -21.03
CA LEU A 52 -18.94 0.21 -21.02
C LEU A 52 -17.89 0.46 -22.11
N ARG A 53 -16.63 0.20 -21.77
CA ARG A 53 -15.60 0.08 -22.80
C ARG A 53 -14.70 -1.12 -22.53
N GLN A 54 -14.47 -1.91 -23.57
CA GLN A 54 -13.51 -3.00 -23.47
C GLN A 54 -12.09 -2.44 -23.40
N GLU A 55 -11.31 -2.90 -22.44
CA GLU A 55 -9.91 -2.51 -22.36
C GLU A 55 -8.97 -3.60 -22.86
N ALA A 56 -9.25 -4.83 -22.46
CA ALA A 56 -8.69 -5.99 -23.10
C ALA A 56 -9.83 -6.99 -23.21
N ALA A 57 -9.58 -8.12 -23.88
CA ALA A 57 -10.57 -9.19 -23.93
C ALA A 57 -10.97 -9.52 -22.50
N GLY A 58 -12.26 -9.48 -22.24
CA GLY A 58 -12.81 -9.87 -20.94
C GLY A 58 -12.63 -8.82 -19.85
N ILE A 59 -11.94 -7.72 -20.17
CA ILE A 59 -11.62 -6.71 -19.17
C ILE A 59 -12.15 -5.33 -19.55
N TYR A 60 -12.99 -4.80 -18.67
CA TYR A 60 -13.83 -3.64 -18.97
C TYR A 60 -13.60 -2.47 -18.05
N ALA A 61 -13.54 -1.29 -18.66
CA ALA A 61 -13.81 -0.06 -17.92
C ALA A 61 -15.34 0.11 -17.84
N TRP A 62 -15.82 0.56 -16.69
CA TRP A 62 -17.23 0.83 -16.51
C TRP A 62 -17.38 2.31 -16.60
N LEU A 63 -18.02 2.78 -17.67
CA LEU A 63 -18.21 4.21 -17.90
C LEU A 63 -19.27 4.76 -16.94
N PRO A 64 -19.31 6.09 -16.76
CA PRO A 64 -20.11 6.68 -15.68
C PRO A 64 -21.50 6.10 -15.48
N LEU A 65 -22.28 5.99 -16.55
CA LEU A 65 -23.63 5.44 -16.42
C LEU A 65 -23.58 4.01 -15.88
N GLY A 66 -22.76 3.15 -16.46
CA GLY A 66 -22.61 1.75 -16.03
C GLY A 66 -22.17 1.61 -14.58
N HIS A 67 -21.25 2.46 -14.16
CA HIS A 67 -20.76 2.37 -12.80
C HIS A 67 -21.86 2.66 -11.76
N ARG A 68 -22.74 3.60 -12.12
CA ARG A 68 -23.87 3.95 -11.28
C ARG A 68 -24.78 2.75 -11.06
N VAL A 69 -25.03 2.00 -12.12
CA VAL A 69 -25.86 0.81 -12.02
C VAL A 69 -25.12 -0.22 -11.16
N LEU A 70 -23.83 -0.42 -11.48
CA LEU A 70 -22.99 -1.37 -10.77
C LEU A 70 -22.98 -1.10 -9.26
N LYS A 71 -22.86 0.19 -8.91
CA LYS A 71 -22.95 0.57 -7.51
C LYS A 71 -24.28 0.19 -6.84
N LYS A 72 -25.40 0.42 -7.53
CA LYS A 72 -26.74 0.09 -7.00
C LYS A 72 -26.95 -1.38 -6.76
N ILE A 73 -26.49 -2.20 -7.69
CA ILE A 73 -26.58 -3.64 -7.54
C ILE A 73 -25.73 -4.03 -6.35
N GLU A 74 -24.57 -3.38 -6.21
CA GLU A 74 -23.63 -3.68 -5.14
C GLU A 74 -24.30 -3.42 -3.79
N GLN A 75 -24.94 -2.27 -3.67
CA GLN A 75 -25.63 -1.88 -2.44
C GLN A 75 -26.77 -2.82 -2.02
N ILE A 76 -27.54 -3.29 -3.01
CA ILE A 76 -28.69 -4.15 -2.73
C ILE A 76 -28.16 -5.46 -2.18
N VAL A 77 -27.16 -6.00 -2.87
CA VAL A 77 -26.57 -7.27 -2.52
C VAL A 77 -26.03 -7.17 -1.11
N ARG A 78 -25.33 -6.08 -0.81
CA ARG A 78 -24.83 -5.83 0.54
C ARG A 78 -25.98 -5.79 1.56
N GLU A 79 -27.07 -5.07 1.25
CA GLU A 79 -28.17 -4.93 2.22
C GLU A 79 -28.73 -6.29 2.61
N GLU A 80 -29.00 -7.14 1.61
CA GLU A 80 -29.47 -8.48 1.91
C GLU A 80 -28.46 -9.37 2.65
N GLN A 81 -27.17 -9.27 2.34
CA GLN A 81 -26.20 -10.00 3.17
C GLN A 81 -26.24 -9.59 4.64
N ASN A 82 -26.27 -8.28 4.90
CA ASN A 82 -26.28 -7.78 6.27
C ASN A 82 -27.57 -8.14 6.97
N ARG A 83 -28.69 -8.08 6.22
CA ARG A 83 -30.00 -8.41 6.76
C ARG A 83 -30.04 -9.85 7.24
N ALA A 84 -29.19 -10.69 6.64
CA ALA A 84 -29.13 -12.10 6.95
C ALA A 84 -28.03 -12.37 7.97
N GLY A 85 -27.37 -11.33 8.43
CA GLY A 85 -26.44 -11.46 9.54
C GLY A 85 -24.98 -11.59 9.15
N ALA A 86 -24.72 -11.70 7.86
CA ALA A 86 -23.35 -11.78 7.37
C ALA A 86 -22.60 -10.47 7.63
N ILE A 87 -21.29 -10.60 7.85
CA ILE A 87 -20.48 -9.46 8.22
C ILE A 87 -19.52 -9.17 7.08
N GLU A 88 -19.43 -7.89 6.71
CA GLU A 88 -18.61 -7.47 5.58
C GLU A 88 -17.20 -7.08 5.97
N LEU A 89 -16.24 -7.64 5.23
CA LEU A 89 -14.83 -7.24 5.32
C LEU A 89 -14.32 -7.09 3.89
N LEU A 90 -13.00 -7.08 3.70
CA LEU A 90 -12.43 -7.03 2.35
C LEU A 90 -11.10 -7.79 2.22
N MET A 91 -11.07 -8.81 1.37
CA MET A 91 -9.83 -9.50 1.08
C MET A 91 -9.17 -8.88 -0.14
N PRO A 92 -7.82 -8.91 -0.19
CA PRO A 92 -7.10 -8.37 -1.34
C PRO A 92 -7.25 -9.18 -2.65
N THR A 93 -6.97 -8.51 -3.76
CA THR A 93 -7.02 -9.14 -5.05
C THR A 93 -5.92 -10.17 -5.15
N LEU A 94 -4.74 -9.87 -4.60
CA LEU A 94 -3.60 -10.76 -4.76
C LEU A 94 -3.39 -11.69 -3.59
N GLN A 95 -3.27 -12.96 -3.91
CA GLN A 95 -3.05 -14.00 -2.91
C GLN A 95 -1.72 -14.73 -3.18
N LEU A 96 -1.04 -15.18 -2.10
CA LEU A 96 0.13 -16.07 -2.20
C LEU A 96 -0.22 -17.47 -2.69
N ALA A 97 0.56 -17.97 -3.65
CA ALA A 97 0.51 -19.37 -4.05
C ALA A 97 0.57 -20.34 -2.88
N ASP A 98 1.42 -20.07 -1.88
CA ASP A 98 1.63 -21.02 -0.78
C ASP A 98 0.34 -21.33 -0.11
N LEU A 99 -0.50 -20.32 0.03
CA LEU A 99 -1.79 -20.47 0.69
C LEU A 99 -2.59 -21.53 -0.03
N TRP A 100 -2.58 -21.44 -1.36
CA TRP A 100 -3.28 -22.38 -2.20
C TRP A 100 -2.65 -23.79 -2.20
N ARG A 101 -1.33 -23.84 -2.01
CA ARG A 101 -0.63 -25.11 -1.78
C ARG A 101 -1.12 -25.83 -0.52
N GLU A 102 -1.42 -25.10 0.55
CA GLU A 102 -1.95 -25.71 1.78
C GLU A 102 -3.18 -26.55 1.55
N SER A 103 -4.06 -26.10 0.65
CA SER A 103 -5.32 -26.77 0.39
C SER A 103 -5.27 -27.73 -0.80
N GLY A 104 -4.15 -27.74 -1.51
CA GLY A 104 -4.02 -28.57 -2.71
C GLY A 104 -4.86 -28.09 -3.89
N ARG A 105 -5.20 -26.81 -3.91
CA ARG A 105 -5.89 -26.28 -5.08
C ARG A 105 -4.94 -25.60 -6.06
N TYR A 106 -3.75 -25.23 -5.60
CA TYR A 106 -2.82 -24.45 -6.42
C TYR A 106 -2.74 -25.00 -7.85
N ASP A 107 -2.11 -26.17 -8.02
CA ASP A 107 -1.93 -26.80 -9.34
C ASP A 107 -3.24 -27.38 -9.88
N ALA A 108 -4.22 -27.53 -8.99
CA ALA A 108 -5.46 -28.21 -9.30
C ALA A 108 -6.52 -27.29 -9.92
N TYR A 109 -6.57 -26.03 -9.50
CA TYR A 109 -7.59 -25.09 -10.01
C TYR A 109 -7.65 -25.05 -11.54
N GLY A 110 -6.50 -24.87 -12.18
CA GLY A 110 -6.41 -24.83 -13.63
C GLY A 110 -5.73 -23.60 -14.21
N PRO A 111 -5.57 -23.55 -15.54
CA PRO A 111 -4.97 -22.45 -16.30
C PRO A 111 -5.72 -21.11 -16.23
N GLU A 112 -6.93 -21.12 -15.67
CA GLU A 112 -7.77 -19.94 -15.56
C GLU A 112 -7.33 -19.07 -14.40
N MET A 113 -6.41 -19.61 -13.61
CA MET A 113 -5.83 -18.86 -12.52
C MET A 113 -4.66 -18.09 -13.05
N LEU A 114 -4.74 -16.76 -12.93
CA LEU A 114 -3.68 -15.90 -13.37
C LEU A 114 -2.57 -15.93 -12.33
N ARG A 115 -1.38 -16.36 -12.73
CA ARG A 115 -0.25 -16.43 -11.82
C ARG A 115 0.68 -15.26 -12.01
N ILE A 116 1.15 -14.71 -10.90
CA ILE A 116 2.02 -13.55 -10.95
C ILE A 116 3.29 -13.78 -10.14
N ALA A 117 4.37 -13.15 -10.58
CA ALA A 117 5.63 -13.20 -9.85
C ALA A 117 6.03 -11.78 -9.51
N ASP A 118 6.23 -11.49 -8.23
CA ASP A 118 6.69 -10.14 -7.86
C ASP A 118 8.20 -9.98 -8.04
N ARG A 119 8.70 -8.78 -7.77
CA ARG A 119 10.14 -8.49 -7.97
C ARG A 119 11.08 -9.39 -7.19
N HIS A 120 10.60 -9.97 -6.09
CA HIS A 120 11.39 -10.88 -5.28
C HIS A 120 11.11 -12.34 -5.64
N LYS A 121 10.44 -12.57 -6.77
CA LYS A 121 10.13 -13.91 -7.25
C LYS A 121 9.25 -14.69 -6.30
N ARG A 122 8.39 -14.01 -5.54
CA ARG A 122 7.41 -14.72 -4.72
C ARG A 122 6.20 -15.04 -5.57
N GLU A 123 5.60 -16.20 -5.37
CA GLU A 123 4.51 -16.59 -6.25
C GLU A 123 3.16 -16.11 -5.70
N LEU A 124 2.55 -15.17 -6.43
CA LEU A 124 1.20 -14.69 -6.15
C LEU A 124 0.28 -15.02 -7.32
N LEU A 125 -1.02 -14.96 -7.06
CA LEU A 125 -2.03 -15.11 -8.09
C LEU A 125 -3.12 -14.03 -7.91
N TYR A 126 -3.84 -13.73 -8.98
CA TYR A 126 -5.05 -12.93 -8.84
C TYR A 126 -6.13 -13.92 -8.44
N GLY A 127 -6.71 -13.71 -7.26
CA GLY A 127 -7.66 -14.65 -6.69
C GLY A 127 -8.89 -14.81 -7.55
N PRO A 128 -9.22 -16.06 -7.92
CA PRO A 128 -10.49 -16.31 -8.60
C PRO A 128 -11.63 -16.47 -7.61
N THR A 129 -11.29 -16.46 -6.33
CA THR A 129 -12.18 -16.87 -5.22
C THR A 129 -11.36 -16.86 -3.92
N ASN A 130 -11.98 -17.16 -2.79
CA ASN A 130 -11.34 -16.81 -1.52
C ASN A 130 -11.50 -17.77 -0.32
N GLU A 131 -11.81 -19.03 -0.60
CA GLU A 131 -11.97 -20.01 0.49
C GLU A 131 -10.74 -20.19 1.37
N GLU A 132 -9.60 -20.47 0.75
CA GLU A 132 -8.36 -20.58 1.51
C GLU A 132 -8.13 -19.31 2.29
N MET A 133 -8.22 -18.16 1.62
CA MET A 133 -7.88 -16.93 2.30
C MET A 133 -8.75 -16.72 3.51
N ILE A 134 -10.07 -16.87 3.32
CA ILE A 134 -11.01 -16.66 4.42
C ILE A 134 -10.72 -17.63 5.59
N THR A 135 -10.57 -18.92 5.30
CA THR A 135 -10.18 -19.90 6.29
C THR A 135 -8.95 -19.43 7.08
N GLU A 136 -7.89 -19.03 6.36
CA GLU A 136 -6.66 -18.51 6.97
C GLU A 136 -7.02 -17.45 8.01
N ILE A 137 -7.88 -16.54 7.62
CA ILE A 137 -8.26 -15.43 8.45
C ILE A 137 -9.00 -15.93 9.69
N PHE A 138 -9.91 -16.88 9.45
CA PHE A 138 -10.71 -17.48 10.49
C PHE A 138 -9.86 -18.15 11.57
N ARG A 139 -8.97 -19.05 11.14
CA ARG A 139 -8.18 -19.87 12.05
C ARG A 139 -7.19 -19.05 12.87
N ALA A 140 -6.86 -17.87 12.37
CA ALA A 140 -5.95 -16.99 13.09
C ALA A 140 -6.64 -16.37 14.29
N TYR A 141 -7.96 -16.31 14.29
CA TYR A 141 -8.62 -15.51 15.31
C TYR A 141 -9.67 -16.24 16.11
N ILE A 142 -10.37 -17.17 15.48
CA ILE A 142 -11.54 -17.81 16.09
C ILE A 142 -11.18 -19.15 16.71
N LYS A 143 -11.53 -19.31 17.99
CA LYS A 143 -11.14 -20.52 18.69
C LYS A 143 -12.25 -21.39 19.28
N SER A 144 -13.41 -20.81 19.59
CA SER A 144 -14.46 -21.58 20.29
C SER A 144 -15.80 -21.61 19.56
N TYR A 145 -16.45 -22.77 19.63
CA TYR A 145 -17.77 -22.98 19.04
C TYR A 145 -18.72 -21.82 19.31
N LYS A 146 -18.49 -21.08 20.39
CA LYS A 146 -19.35 -19.94 20.78
C LYS A 146 -19.36 -18.79 19.77
N SER A 147 -18.24 -18.56 19.08
CA SER A 147 -18.16 -17.50 18.05
C SER A 147 -19.02 -17.78 16.81
N LEU A 148 -19.44 -19.03 16.64
CA LEU A 148 -20.21 -19.48 15.47
C LEU A 148 -21.71 -19.53 15.73
N PRO A 149 -22.54 -19.53 14.67
CA PRO A 149 -22.24 -19.37 13.23
C PRO A 149 -21.51 -18.06 12.93
N LEU A 150 -20.75 -18.05 11.86
CA LEU A 150 -20.09 -16.83 11.43
C LEU A 150 -20.16 -16.78 9.92
N ASN A 151 -20.67 -15.66 9.39
CA ASN A 151 -20.67 -15.44 7.95
C ASN A 151 -19.90 -14.22 7.56
N LEU A 152 -18.73 -14.45 6.97
CA LEU A 152 -17.83 -13.40 6.55
C LEU A 152 -17.83 -13.23 5.04
N TYR A 153 -18.01 -12.00 4.57
CA TYR A 153 -18.09 -11.74 3.13
C TYR A 153 -17.44 -10.44 2.71
N HIS A 154 -17.18 -10.34 1.41
CA HIS A 154 -16.65 -9.11 0.82
C HIS A 154 -17.16 -9.01 -0.61
N ILE A 155 -17.11 -7.81 -1.17
CA ILE A 155 -17.44 -7.62 -2.57
C ILE A 155 -16.19 -7.14 -3.27
N GLN A 156 -15.70 -7.94 -4.20
CA GLN A 156 -14.34 -7.76 -4.68
C GLN A 156 -14.05 -8.39 -6.04
N TRP A 157 -13.08 -7.79 -6.74
CA TRP A 157 -12.75 -8.18 -8.09
C TRP A 157 -11.97 -9.49 -8.15
N LYS A 158 -12.25 -10.29 -9.18
CA LYS A 158 -11.68 -11.62 -9.31
C LYS A 158 -11.13 -11.77 -10.72
N PHE A 159 -10.30 -12.78 -10.93
CA PHE A 159 -9.86 -13.04 -12.27
C PHE A 159 -10.02 -14.51 -12.58
N ARG A 160 -10.49 -14.82 -13.78
CA ARG A 160 -10.40 -16.17 -14.29
C ARG A 160 -9.98 -15.95 -15.70
N ASP A 161 -8.83 -16.51 -16.07
CA ASP A 161 -8.31 -16.33 -17.41
C ASP A 161 -9.10 -17.22 -18.34
N GLU A 162 -10.40 -16.94 -18.40
CA GLU A 162 -11.36 -17.53 -19.31
C GLU A 162 -10.76 -17.80 -20.70
N GLN A 163 -11.06 -18.97 -21.27
CA GLN A 163 -10.43 -19.30 -22.56
C GLN A 163 -10.92 -18.36 -23.67
N ARG A 164 -12.23 -18.20 -23.81
CA ARG A 164 -12.76 -17.16 -24.70
C ARG A 164 -13.58 -16.13 -23.93
N PRO A 165 -12.91 -15.12 -23.37
CA PRO A 165 -13.68 -13.98 -22.89
C PRO A 165 -14.82 -13.70 -23.89
N ARG A 166 -16.04 -13.57 -23.38
CA ARG A 166 -17.20 -13.47 -24.29
C ARG A 166 -18.42 -12.83 -23.62
N PHE A 167 -19.36 -12.36 -24.44
CA PHE A 167 -20.65 -11.86 -23.98
C PHE A 167 -20.56 -10.61 -23.12
N GLY A 168 -19.59 -9.75 -23.41
CA GLY A 168 -19.38 -8.56 -22.58
C GLY A 168 -19.18 -8.98 -21.14
N VAL A 169 -19.94 -8.37 -20.23
CA VAL A 169 -19.79 -8.56 -18.79
C VAL A 169 -20.10 -9.98 -18.25
N MET A 170 -20.75 -10.80 -19.07
CA MET A 170 -21.27 -12.11 -18.63
C MET A 170 -20.32 -13.30 -18.64
N ARG A 171 -19.29 -13.27 -19.48
CA ARG A 171 -18.20 -14.23 -19.36
C ARG A 171 -16.88 -13.48 -19.61
N GLY A 172 -16.51 -12.65 -18.63
CA GLY A 172 -15.31 -11.83 -18.72
C GLY A 172 -14.13 -12.49 -18.08
N ARG A 173 -13.15 -11.70 -17.67
CA ARG A 173 -12.03 -12.26 -16.95
C ARG A 173 -11.84 -11.52 -15.65
N GLU A 174 -11.93 -10.19 -15.70
CA GLU A 174 -11.99 -9.37 -14.50
C GLU A 174 -13.46 -9.07 -14.23
N PHE A 175 -13.95 -9.46 -13.06
CA PHE A 175 -15.39 -9.43 -12.79
C PHE A 175 -15.67 -9.21 -11.32
N LEU A 176 -16.85 -8.73 -11.00
CA LEU A 176 -17.13 -8.35 -9.62
C LEU A 176 -18.02 -9.37 -8.97
N MET A 177 -17.60 -9.88 -7.82
CA MET A 177 -18.39 -10.89 -7.12
C MET A 177 -18.45 -10.62 -5.62
N LYS A 178 -19.67 -10.65 -5.09
CA LYS A 178 -19.85 -10.74 -3.68
C LYS A 178 -19.75 -12.22 -3.31
N ASP A 179 -18.67 -12.59 -2.63
CA ASP A 179 -18.52 -13.95 -2.16
C ASP A 179 -18.56 -14.02 -0.63
N ALA A 180 -19.37 -14.93 -0.12
CA ALA A 180 -19.64 -15.01 1.29
C ALA A 180 -19.18 -16.36 1.82
N TYR A 181 -18.75 -16.40 3.06
CA TYR A 181 -18.23 -17.65 3.62
C TYR A 181 -18.77 -17.87 5.03
N SER A 182 -19.26 -19.09 5.28
CA SER A 182 -19.90 -19.42 6.54
C SER A 182 -19.08 -20.39 7.32
N PHE A 183 -19.16 -20.27 8.64
CA PHE A 183 -18.37 -21.11 9.52
C PHE A 183 -19.24 -21.67 10.62
N ASP A 184 -19.43 -22.99 10.60
CA ASP A 184 -20.21 -23.68 11.61
C ASP A 184 -19.51 -24.86 12.29
N VAL A 185 -20.15 -25.38 13.33
CA VAL A 185 -19.56 -26.41 14.19
C VAL A 185 -19.70 -27.83 13.63
N ASP A 186 -20.89 -28.12 13.09
CA ASP A 186 -21.23 -29.44 12.52
C ASP A 186 -21.91 -29.26 11.18
N GLU A 187 -22.32 -30.36 10.53
CA GLU A 187 -23.09 -30.23 9.29
C GLU A 187 -24.43 -29.52 9.58
N ALA A 188 -24.98 -29.79 10.77
CA ALA A 188 -26.26 -29.21 11.21
C ALA A 188 -26.28 -27.67 11.11
N GLY A 189 -25.42 -27.00 11.87
CA GLY A 189 -25.27 -25.55 11.82
C GLY A 189 -25.01 -25.02 10.42
N ALA A 190 -24.21 -25.73 9.65
CA ALA A 190 -23.87 -25.29 8.30
C ALA A 190 -25.09 -25.18 7.39
N ARG A 191 -25.94 -26.21 7.41
CA ARG A 191 -27.19 -26.23 6.66
C ARG A 191 -28.13 -25.11 7.10
N LYS A 192 -28.05 -24.73 8.37
CA LYS A 192 -28.76 -23.55 8.89
C LYS A 192 -28.24 -22.25 8.23
N SER A 193 -26.91 -22.09 8.23
CA SER A 193 -26.25 -20.99 7.53
C SER A 193 -26.54 -20.97 6.02
N TYR A 194 -26.60 -22.16 5.44
CA TYR A 194 -26.98 -22.34 4.05
C TYR A 194 -28.40 -21.83 3.76
N ASN A 195 -29.30 -21.99 4.73
CA ASN A 195 -30.70 -21.55 4.59
C ASN A 195 -30.79 -20.04 4.57
N LYS A 196 -30.19 -19.43 5.59
CA LYS A 196 -30.00 -18.01 5.68
C LYS A 196 -29.57 -17.41 4.32
N MET A 197 -28.57 -17.98 3.65
CA MET A 197 -28.08 -17.38 2.40
C MET A 197 -29.03 -17.63 1.25
N PHE A 198 -29.66 -18.81 1.24
CA PHE A 198 -30.73 -19.16 0.32
C PHE A 198 -31.83 -18.12 0.37
N VAL A 199 -32.26 -17.76 1.58
CA VAL A 199 -33.31 -16.75 1.73
C VAL A 199 -32.85 -15.35 1.27
N ALA A 200 -31.70 -14.92 1.82
CA ALA A 200 -31.06 -13.67 1.44
C ALA A 200 -31.00 -13.51 -0.08
N TYR A 201 -30.82 -14.62 -0.80
CA TYR A 201 -30.68 -14.61 -2.25
C TYR A 201 -32.00 -14.45 -3.00
N LEU A 202 -33.06 -15.09 -2.52
CA LEU A 202 -34.36 -14.94 -3.16
C LEU A 202 -34.75 -13.47 -3.13
N ARG A 203 -34.52 -12.86 -1.97
CA ARG A 203 -34.80 -11.46 -1.76
C ARG A 203 -33.94 -10.60 -2.69
N THR A 204 -32.62 -10.82 -2.65
CA THR A 204 -31.70 -10.08 -3.47
C THR A 204 -32.19 -9.99 -4.90
N PHE A 205 -32.30 -11.13 -5.57
CA PHE A 205 -32.69 -11.12 -6.95
C PHE A 205 -34.07 -10.52 -7.16
N ALA A 206 -35.03 -10.83 -6.28
CA ALA A 206 -36.34 -10.22 -6.36
C ALA A 206 -36.19 -8.70 -6.41
N ARG A 207 -35.36 -8.15 -5.54
CA ARG A 207 -35.24 -6.69 -5.47
C ARG A 207 -34.69 -6.08 -6.75
N MET A 208 -34.15 -6.95 -7.60
CA MET A 208 -33.64 -6.53 -8.91
C MET A 208 -34.58 -6.86 -10.05
N GLY A 209 -35.87 -7.03 -9.75
CA GLY A 209 -36.86 -7.29 -10.78
C GLY A 209 -36.58 -8.55 -11.58
N LEU A 210 -35.83 -9.47 -10.96
CA LEU A 210 -35.47 -10.73 -11.60
C LEU A 210 -36.15 -11.86 -10.88
N LYS A 211 -36.79 -12.73 -11.64
CA LYS A 211 -37.16 -14.02 -11.10
C LYS A 211 -35.98 -14.94 -11.32
N ALA A 212 -35.10 -15.04 -10.32
CA ALA A 212 -34.03 -16.05 -10.34
C ALA A 212 -34.47 -17.27 -9.56
N ILE A 213 -34.30 -18.44 -10.16
CA ILE A 213 -34.84 -19.65 -9.56
C ILE A 213 -33.74 -20.46 -8.89
N PRO A 214 -33.96 -20.88 -7.63
CA PRO A 214 -33.03 -21.84 -7.04
C PRO A 214 -33.14 -23.19 -7.74
N MET A 215 -32.00 -23.73 -8.15
CA MET A 215 -31.94 -25.06 -8.72
C MET A 215 -30.75 -25.85 -8.19
N ARG A 216 -31.04 -27.06 -7.69
CA ARG A 216 -30.02 -28.04 -7.31
C ARG A 216 -29.02 -28.10 -8.45
N ALA A 217 -27.75 -27.93 -8.11
CA ALA A 217 -26.69 -27.88 -9.10
C ALA A 217 -25.53 -28.76 -8.68
N GLU A 218 -24.50 -28.81 -9.54
CA GLU A 218 -23.40 -29.74 -9.40
C GLU A 218 -22.78 -29.75 -8.01
N THR A 219 -23.05 -30.82 -7.26
CA THR A 219 -22.32 -31.11 -6.01
C THR A 219 -20.95 -31.73 -6.29
N GLY A 220 -20.08 -31.74 -5.28
CA GLY A 220 -18.77 -32.38 -5.39
C GLY A 220 -18.80 -33.80 -4.83
N PRO A 221 -17.61 -34.39 -4.60
CA PRO A 221 -17.48 -35.78 -4.06
C PRO A 221 -18.30 -36.01 -2.76
N ILE A 222 -18.71 -34.91 -2.14
CA ILE A 222 -19.49 -34.90 -0.90
C ILE A 222 -20.89 -35.55 -1.02
N GLY A 223 -21.55 -35.32 -2.17
CA GLY A 223 -22.94 -35.77 -2.37
C GLY A 223 -23.92 -34.94 -1.56
N GLY A 224 -25.11 -35.49 -1.31
CA GLY A 224 -26.14 -34.81 -0.54
C GLY A 224 -26.98 -33.87 -1.39
N ASP A 225 -27.52 -32.82 -0.77
CA ASP A 225 -28.45 -31.88 -1.45
C ASP A 225 -27.92 -30.44 -1.51
N LEU A 226 -26.86 -30.15 -0.75
CA LEU A 226 -26.44 -28.77 -0.52
C LEU A 226 -25.58 -28.18 -1.62
N SER A 227 -26.25 -27.73 -2.68
CA SER A 227 -25.68 -26.92 -3.75
C SER A 227 -26.79 -26.40 -4.65
N HIS A 228 -26.88 -25.07 -4.80
CA HIS A 228 -27.91 -24.45 -5.63
C HIS A 228 -27.37 -23.31 -6.46
N GLU A 229 -27.76 -23.29 -7.73
CA GLU A 229 -27.53 -22.16 -8.61
C GLU A 229 -28.82 -21.39 -8.80
N PHE A 230 -28.76 -20.08 -8.63
CA PHE A 230 -29.92 -19.22 -8.86
C PHE A 230 -29.93 -18.73 -10.27
N ILE A 231 -30.94 -19.16 -11.03
CA ILE A 231 -30.91 -19.01 -12.49
C ILE A 231 -32.08 -18.21 -13.00
N VAL A 232 -31.79 -17.25 -13.86
CA VAL A 232 -32.81 -16.45 -14.52
C VAL A 232 -33.06 -17.10 -15.87
N LEU A 233 -34.32 -17.23 -16.25
CA LEU A 233 -34.62 -17.94 -17.50
C LEU A 233 -34.37 -17.11 -18.77
N ALA A 234 -33.74 -17.74 -19.76
CA ALA A 234 -33.55 -17.11 -21.07
C ALA A 234 -33.07 -18.11 -22.11
N GLU A 235 -33.60 -18.00 -23.33
CA GLU A 235 -33.16 -18.83 -24.46
C GLU A 235 -31.78 -18.42 -24.98
N THR A 236 -31.35 -17.20 -24.62
CA THR A 236 -30.00 -16.74 -24.91
C THR A 236 -28.95 -17.33 -23.94
N GLY A 237 -29.42 -17.97 -22.85
CA GLY A 237 -28.56 -18.38 -21.72
C GLY A 237 -27.59 -19.52 -21.92
N GLU A 238 -26.64 -19.67 -21.00
CA GLU A 238 -25.58 -20.68 -21.16
C GLU A 238 -25.81 -22.00 -20.43
N SER A 239 -26.51 -21.95 -19.30
CA SER A 239 -26.81 -23.14 -18.51
C SER A 239 -28.20 -23.66 -18.87
N GLY A 240 -28.34 -24.98 -19.10
CA GLY A 240 -29.63 -25.60 -19.44
C GLY A 240 -30.47 -26.13 -18.26
N VAL A 241 -31.79 -25.97 -18.33
CA VAL A 241 -32.63 -26.26 -17.15
C VAL A 241 -33.95 -27.02 -17.40
N TYR A 242 -34.37 -27.77 -16.38
CA TYR A 242 -35.67 -28.46 -16.39
C TYR A 242 -36.44 -28.10 -15.12
N ILE A 243 -37.62 -27.51 -15.30
CA ILE A 243 -38.37 -26.94 -14.17
C ILE A 243 -39.89 -27.16 -14.14
N ASP A 244 -40.43 -27.31 -12.93
CA ASP A 244 -41.86 -27.31 -12.66
C ASP A 244 -42.37 -25.87 -12.50
N ARG A 245 -43.13 -25.41 -13.49
CA ARG A 245 -43.50 -23.99 -13.65
C ARG A 245 -44.15 -23.31 -12.43
N ASP A 246 -44.75 -24.10 -11.53
CA ASP A 246 -45.32 -23.54 -10.29
C ASP A 246 -44.29 -22.68 -9.55
N VAL A 247 -43.01 -23.01 -9.75
CA VAL A 247 -41.87 -22.30 -9.14
C VAL A 247 -41.75 -20.83 -9.57
N LEU A 248 -42.28 -20.49 -10.74
CA LEU A 248 -42.27 -19.10 -11.19
C LEU A 248 -43.25 -18.22 -10.38
N ASN A 249 -44.14 -18.87 -9.63
CA ASN A 249 -45.23 -18.19 -8.93
C ASN A 249 -45.04 -18.08 -7.44
N LEU A 250 -44.00 -18.74 -6.94
CA LEU A 250 -43.70 -18.75 -5.52
C LEU A 250 -43.43 -17.34 -4.95
N PRO A 251 -43.79 -17.12 -3.67
CA PRO A 251 -43.62 -15.79 -3.12
C PRO A 251 -42.26 -15.63 -2.44
N VAL A 252 -41.75 -14.40 -2.51
CA VAL A 252 -40.43 -14.11 -2.01
C VAL A 252 -40.54 -13.41 -0.67
N PRO A 253 -40.09 -14.08 0.39
CA PRO A 253 -40.12 -13.57 1.76
C PRO A 253 -39.94 -12.06 1.84
N ASP A 254 -40.83 -11.37 2.53
CA ASP A 254 -40.68 -9.92 2.67
C ASP A 254 -39.47 -9.61 3.57
N GLU A 255 -39.27 -8.33 3.86
CA GLU A 255 -38.06 -7.87 4.55
C GLU A 255 -38.00 -8.23 6.04
N ASN A 256 -39.11 -8.76 6.57
CA ASN A 256 -39.28 -9.06 8.00
C ASN A 256 -38.96 -10.49 8.41
N VAL A 257 -38.40 -11.27 7.49
CA VAL A 257 -38.13 -12.67 7.77
C VAL A 257 -37.18 -12.81 8.95
N ASP A 258 -37.53 -13.73 9.85
CA ASP A 258 -36.73 -13.95 11.03
C ASP A 258 -35.57 -14.88 10.71
N TYR A 259 -34.36 -14.33 10.75
CA TYR A 259 -33.16 -15.05 10.34
C TYR A 259 -32.53 -15.85 11.47
N ASP A 260 -33.02 -15.66 12.69
CA ASP A 260 -32.58 -16.48 13.83
C ASP A 260 -33.48 -17.73 13.96
N GLY A 261 -34.61 -17.69 13.25
CA GLY A 261 -35.61 -18.76 13.31
C GLY A 261 -35.30 -19.96 12.45
N ASP A 262 -36.36 -20.66 12.05
CA ASP A 262 -36.26 -21.87 11.24
C ASP A 262 -36.90 -21.68 9.88
N LEU A 263 -36.05 -21.60 8.87
CA LEU A 263 -36.47 -21.22 7.54
C LEU A 263 -36.88 -22.44 6.73
N THR A 264 -36.76 -23.61 7.33
CA THR A 264 -37.07 -24.86 6.64
C THR A 264 -38.36 -24.75 5.83
N PRO A 265 -39.48 -24.32 6.47
CA PRO A 265 -40.71 -23.94 5.76
C PRO A 265 -40.46 -23.27 4.41
N ILE A 266 -39.78 -22.13 4.43
CA ILE A 266 -39.50 -21.37 3.20
C ILE A 266 -38.64 -22.19 2.23
N ILE A 267 -37.64 -22.88 2.79
CA ILE A 267 -36.76 -23.71 1.98
C ILE A 267 -37.55 -24.85 1.35
N LYS A 268 -38.39 -25.51 2.15
CA LYS A 268 -39.24 -26.61 1.67
C LYS A 268 -40.17 -26.14 0.56
N GLN A 269 -40.67 -24.92 0.70
CA GLN A 269 -41.57 -24.33 -0.28
C GLN A 269 -40.90 -24.18 -1.66
N TRP A 270 -39.57 -24.00 -1.67
CA TRP A 270 -38.85 -23.79 -2.92
C TRP A 270 -38.17 -25.05 -3.45
N THR A 271 -37.80 -25.95 -2.55
CA THR A 271 -37.14 -27.20 -2.96
C THR A 271 -38.12 -28.29 -3.24
N SER A 272 -39.29 -28.23 -2.59
CA SER A 272 -40.34 -29.24 -2.76
C SER A 272 -40.66 -29.43 -4.23
N VAL A 273 -40.94 -28.31 -4.91
CA VAL A 273 -41.22 -28.33 -6.34
C VAL A 273 -39.93 -28.48 -7.14
N TYR A 274 -39.99 -29.25 -8.21
CA TYR A 274 -38.80 -29.66 -8.96
C TYR A 274 -38.07 -28.51 -9.66
N ALA A 275 -36.75 -28.53 -9.58
CA ALA A 275 -35.88 -27.48 -10.11
C ALA A 275 -34.48 -28.05 -10.27
N ALA A 276 -33.98 -28.16 -11.49
CA ALA A 276 -32.67 -28.75 -11.73
C ALA A 276 -32.01 -28.30 -13.03
N THR A 277 -30.68 -28.27 -13.01
CA THR A 277 -29.84 -27.99 -14.18
C THR A 277 -29.42 -29.29 -14.87
N GLU A 278 -28.99 -29.20 -16.12
CA GLU A 278 -28.59 -30.36 -16.90
C GLU A 278 -27.58 -31.28 -16.20
N ASP A 279 -26.88 -30.77 -15.18
CA ASP A 279 -25.84 -31.51 -14.46
C ASP A 279 -26.33 -32.60 -13.51
N VAL A 280 -27.44 -32.35 -12.82
CA VAL A 280 -27.98 -33.30 -11.85
C VAL A 280 -29.42 -33.67 -12.15
N HIS A 281 -29.76 -33.62 -13.43
CA HIS A 281 -31.12 -33.90 -13.90
C HIS A 281 -31.47 -35.40 -14.05
N GLU A 282 -32.58 -35.81 -13.41
CA GLU A 282 -33.12 -37.18 -13.52
C GLU A 282 -34.42 -37.20 -14.32
N PRO A 283 -34.34 -37.53 -15.64
CA PRO A 283 -35.56 -37.78 -16.42
C PRO A 283 -36.59 -38.66 -15.70
N ALA A 284 -36.13 -39.74 -15.07
CA ALA A 284 -36.99 -40.66 -14.29
C ALA A 284 -37.73 -40.05 -13.07
N ARG A 285 -37.17 -38.98 -12.50
CA ARG A 285 -37.73 -38.27 -11.34
C ARG A 285 -38.52 -37.01 -11.77
N TYR A 286 -38.18 -36.49 -12.95
CA TYR A 286 -38.85 -35.35 -13.54
C TYR A 286 -40.24 -35.80 -13.96
N GLU A 287 -40.28 -36.93 -14.64
CA GLU A 287 -41.53 -37.53 -15.10
C GLU A 287 -42.39 -37.96 -13.91
N SER A 288 -41.74 -38.32 -12.81
CA SER A 288 -42.45 -38.79 -11.62
C SER A 288 -43.04 -37.68 -10.72
N GLU A 289 -42.54 -36.45 -10.87
CA GLU A 289 -42.97 -35.34 -9.99
C GLU A 289 -43.79 -34.30 -10.74
N VAL A 290 -43.39 -33.99 -11.97
CA VAL A 290 -43.94 -32.85 -12.68
C VAL A 290 -44.96 -33.25 -13.73
N PRO A 291 -46.23 -32.84 -13.53
CA PRO A 291 -47.29 -33.10 -14.50
C PRO A 291 -46.96 -32.55 -15.89
N GLU A 292 -47.13 -33.40 -16.91
CA GLU A 292 -46.96 -33.06 -18.32
C GLU A 292 -46.97 -31.55 -18.65
N ALA A 293 -48.05 -30.84 -18.28
CA ALA A 293 -48.24 -29.42 -18.66
C ALA A 293 -47.41 -28.41 -17.86
N ASN A 294 -47.00 -28.80 -16.64
CA ASN A 294 -46.15 -27.97 -15.77
C ASN A 294 -44.65 -27.96 -16.17
N ARG A 295 -44.20 -28.99 -16.88
CA ARG A 295 -42.80 -29.15 -17.32
C ARG A 295 -42.32 -28.02 -18.26
N LEU A 296 -41.03 -27.66 -18.14
CA LEU A 296 -40.37 -26.72 -19.05
C LEU A 296 -38.87 -26.96 -19.13
N ASN A 297 -38.43 -27.44 -20.28
CA ASN A 297 -37.01 -27.54 -20.60
C ASN A 297 -36.59 -26.32 -21.41
N THR A 298 -35.83 -25.44 -20.77
CA THR A 298 -35.29 -24.24 -21.41
C THR A 298 -33.85 -24.00 -20.91
N ARG A 299 -33.29 -22.82 -21.20
CA ARG A 299 -32.00 -22.46 -20.61
C ARG A 299 -32.05 -21.19 -19.78
N GLY A 300 -30.93 -20.85 -19.14
CA GLY A 300 -30.91 -19.74 -18.20
C GLY A 300 -29.55 -19.12 -17.94
N ILE A 301 -29.55 -18.15 -17.04
CA ILE A 301 -28.36 -17.38 -16.73
C ILE A 301 -28.11 -17.50 -15.22
N GLU A 302 -26.96 -18.09 -14.88
CA GLU A 302 -26.54 -18.28 -13.49
C GLU A 302 -26.04 -16.97 -12.93
N VAL A 303 -26.75 -16.43 -11.95
CA VAL A 303 -26.41 -15.13 -11.41
C VAL A 303 -25.95 -15.27 -9.99
N GLY A 304 -26.22 -16.41 -9.40
CA GLY A 304 -25.86 -16.67 -8.02
C GLY A 304 -25.64 -18.15 -7.83
N GLN A 305 -25.00 -18.49 -6.72
CA GLN A 305 -24.50 -19.84 -6.52
C GLN A 305 -24.19 -20.05 -5.06
N ILE A 306 -24.88 -21.01 -4.46
CA ILE A 306 -24.60 -21.40 -3.07
C ILE A 306 -24.10 -22.85 -3.00
N PHE A 307 -23.14 -23.09 -2.12
CA PHE A 307 -22.41 -24.36 -2.12
C PHE A 307 -21.88 -24.65 -0.73
N TYR A 308 -22.35 -25.73 -0.11
CA TYR A 308 -21.88 -26.16 1.19
C TYR A 308 -20.77 -27.19 1.01
N PHE A 309 -19.59 -26.91 1.57
CA PHE A 309 -18.44 -27.79 1.39
C PHE A 309 -17.81 -28.35 2.67
N GLY A 310 -18.57 -28.36 3.76
CA GLY A 310 -18.13 -28.97 5.02
C GLY A 310 -16.69 -28.72 5.43
N THR A 311 -15.94 -29.80 5.66
CA THR A 311 -14.58 -29.68 6.17
C THR A 311 -13.49 -29.69 5.10
N LYS A 312 -13.89 -29.52 3.84
CA LYS A 312 -12.95 -29.56 2.69
C LYS A 312 -11.74 -28.66 2.90
N TYR A 313 -11.99 -27.45 3.37
CA TYR A 313 -10.92 -26.49 3.67
C TYR A 313 -10.34 -26.62 5.08
N SER A 314 -11.21 -26.81 6.07
CA SER A 314 -10.75 -26.89 7.45
C SER A 314 -9.84 -28.07 7.75
N ASP A 315 -10.07 -29.21 7.07
CA ASP A 315 -9.16 -30.36 7.19
C ASP A 315 -7.74 -29.97 6.83
N SER A 316 -7.52 -29.69 5.54
CA SER A 316 -6.20 -29.35 5.03
C SER A 316 -5.57 -28.15 5.74
N MET A 317 -6.40 -27.20 6.16
CA MET A 317 -5.90 -25.95 6.71
C MET A 317 -5.89 -25.94 8.22
N LYS A 318 -6.42 -27.00 8.81
CA LYS A 318 -6.47 -27.11 10.27
C LYS A 318 -7.15 -25.89 10.92
N ALA A 319 -8.38 -25.62 10.47
CA ALA A 319 -9.21 -24.59 11.06
C ALA A 319 -10.18 -25.29 11.97
N ASN A 320 -9.87 -25.25 13.26
CA ASN A 320 -10.65 -25.99 14.26
C ASN A 320 -11.22 -25.09 15.33
N VAL A 321 -12.33 -25.52 15.93
CA VAL A 321 -12.82 -24.91 17.18
C VAL A 321 -13.10 -25.99 18.22
N THR A 322 -13.12 -25.58 19.48
CA THR A 322 -13.46 -26.48 20.56
C THR A 322 -14.99 -26.59 20.60
N GLY A 323 -15.51 -27.81 20.43
CA GLY A 323 -16.96 -28.07 20.49
C GLY A 323 -17.57 -27.89 21.88
N PRO A 324 -18.93 -27.95 21.97
CA PRO A 324 -19.65 -27.70 23.25
C PRO A 324 -19.45 -28.85 24.24
N ASP A 325 -18.55 -29.76 23.89
CA ASP A 325 -18.13 -30.85 24.77
C ASP A 325 -16.60 -30.79 24.95
N GLY A 326 -15.99 -29.69 24.51
CA GLY A 326 -14.56 -29.45 24.73
C GLY A 326 -13.54 -30.28 23.99
N THR A 327 -13.87 -30.74 22.78
CA THR A 327 -12.86 -31.36 21.88
C THR A 327 -12.75 -30.65 20.51
N ASP A 328 -11.53 -30.57 19.97
CA ASP A 328 -11.23 -29.84 18.72
C ASP A 328 -11.77 -30.52 17.46
N ALA A 329 -12.56 -29.78 16.68
CA ALA A 329 -13.10 -30.28 15.41
C ALA A 329 -12.90 -29.32 14.23
N PRO A 330 -12.64 -29.86 13.02
CA PRO A 330 -12.60 -29.01 11.82
C PRO A 330 -13.97 -28.38 11.60
N ILE A 331 -14.01 -27.07 11.37
CA ILE A 331 -15.28 -26.37 11.13
C ILE A 331 -15.98 -26.85 9.86
N HIS A 332 -17.30 -26.65 9.80
CA HIS A 332 -18.04 -26.91 8.57
C HIS A 332 -18.38 -25.59 7.89
N GLY A 333 -18.02 -25.46 6.61
CA GLY A 333 -18.24 -24.22 5.89
C GLY A 333 -19.04 -24.31 4.60
N GLY A 334 -19.59 -23.17 4.20
CA GLY A 334 -20.26 -22.99 2.91
C GLY A 334 -19.78 -21.71 2.24
N SER A 335 -20.03 -21.57 0.95
CA SER A 335 -19.68 -20.34 0.23
C SER A 335 -20.79 -19.95 -0.71
N TYR A 336 -20.95 -18.63 -0.88
CA TYR A 336 -22.14 -18.09 -1.55
C TYR A 336 -21.72 -16.91 -2.43
N GLY A 337 -21.87 -17.05 -3.74
CA GLY A 337 -21.44 -15.99 -4.64
C GLY A 337 -22.55 -15.38 -5.47
N VAL A 338 -22.59 -14.04 -5.52
CA VAL A 338 -23.42 -13.31 -6.47
C VAL A 338 -22.54 -12.64 -7.51
N GLY A 339 -22.81 -12.93 -8.78
CA GLY A 339 -22.10 -12.28 -9.89
C GLY A 339 -22.54 -10.85 -10.12
N VAL A 340 -22.06 -9.95 -9.26
CA VAL A 340 -22.42 -8.54 -9.28
C VAL A 340 -22.23 -7.88 -10.64
N SER A 341 -21.02 -7.89 -11.18
CA SER A 341 -20.81 -7.27 -12.46
C SER A 341 -21.66 -7.99 -13.48
N ARG A 342 -21.77 -9.30 -13.36
CA ARG A 342 -22.51 -10.04 -14.35
C ARG A 342 -24.04 -9.77 -14.32
N LEU A 343 -24.58 -9.39 -13.16
CA LEU A 343 -26.00 -9.06 -13.07
C LEU A 343 -26.39 -7.99 -14.08
N LEU A 344 -25.45 -7.10 -14.40
CA LEU A 344 -25.74 -6.03 -15.31
C LEU A 344 -26.17 -6.64 -16.62
N GLY A 345 -25.49 -7.70 -17.01
CA GLY A 345 -25.83 -8.37 -18.26
C GLY A 345 -27.13 -9.16 -18.20
N ALA A 346 -27.43 -9.75 -17.04
CA ALA A 346 -28.65 -10.52 -16.87
C ALA A 346 -29.82 -9.56 -16.86
N ILE A 347 -29.79 -8.59 -15.94
CA ILE A 347 -30.86 -7.62 -15.86
C ILE A 347 -31.26 -7.11 -17.27
N ILE A 348 -30.31 -6.68 -18.09
CA ILE A 348 -30.68 -6.20 -19.44
C ILE A 348 -31.27 -7.27 -20.35
N GLU A 349 -30.69 -8.46 -20.37
CA GLU A 349 -31.27 -9.56 -21.15
C GLU A 349 -32.74 -9.70 -20.78
N ALA A 350 -33.01 -9.71 -19.47
CA ALA A 350 -34.34 -9.85 -18.92
C ALA A 350 -35.18 -8.57 -18.99
N CYS A 351 -34.58 -7.43 -19.30
CA CYS A 351 -35.33 -6.17 -19.27
C CYS A 351 -34.96 -5.18 -20.35
N HIS A 352 -35.47 -5.44 -21.54
CA HIS A 352 -35.26 -4.57 -22.67
C HIS A 352 -36.44 -4.71 -23.62
N ASP A 353 -36.47 -3.86 -24.63
CA ASP A 353 -37.37 -4.05 -25.74
C ASP A 353 -36.64 -3.49 -26.96
N ASP A 354 -37.38 -3.19 -28.01
CA ASP A 354 -36.74 -2.88 -29.29
C ASP A 354 -36.08 -1.50 -29.19
N ASN A 355 -36.49 -0.75 -28.17
CA ASN A 355 -36.00 0.59 -27.92
C ASN A 355 -34.83 0.65 -26.95
N GLY A 356 -34.51 -0.47 -26.29
CA GLY A 356 -33.30 -0.57 -25.47
C GLY A 356 -33.53 -1.08 -24.06
N ILE A 357 -32.88 -0.45 -23.08
CA ILE A 357 -32.89 -0.95 -21.73
C ILE A 357 -34.16 -0.53 -20.98
N ILE A 358 -34.68 -1.41 -20.12
CA ILE A 358 -35.72 -1.00 -19.17
C ILE A 358 -35.26 -1.33 -17.74
N TRP A 359 -34.56 -0.38 -17.11
CA TRP A 359 -34.03 -0.64 -15.79
C TRP A 359 -35.18 -0.77 -14.79
N PRO A 360 -35.20 -1.85 -13.99
CA PRO A 360 -35.97 -1.83 -12.75
C PRO A 360 -35.54 -0.64 -11.92
N GLU A 361 -36.49 -0.02 -11.22
CA GLU A 361 -36.24 1.22 -10.47
C GLU A 361 -35.07 1.04 -9.52
N ALA A 362 -35.03 -0.11 -8.85
CA ALA A 362 -34.10 -0.32 -7.75
C ALA A 362 -32.63 -0.38 -8.18
N VAL A 363 -32.38 -0.57 -9.49
CA VAL A 363 -31.01 -0.65 -10.01
C VAL A 363 -30.71 0.35 -11.11
N ALA A 364 -31.66 1.25 -11.40
CA ALA A 364 -31.45 2.21 -12.47
C ALA A 364 -30.43 3.25 -12.00
N PRO A 365 -29.61 3.76 -12.93
CA PRO A 365 -28.57 4.74 -12.61
C PRO A 365 -29.16 6.08 -12.19
N PHE A 366 -30.41 6.31 -12.57
CA PHE A 366 -31.17 7.51 -12.26
C PHE A 366 -32.62 7.11 -12.28
N ARG A 367 -33.45 7.70 -11.42
CA ARG A 367 -34.86 7.34 -11.38
C ARG A 367 -35.59 8.01 -12.50
N VAL A 368 -35.25 9.28 -12.72
CA VAL A 368 -35.89 10.08 -13.74
C VAL A 368 -34.91 10.92 -14.54
N THR A 369 -35.22 11.09 -15.83
CA THR A 369 -34.50 12.01 -16.68
C THR A 369 -35.49 13.09 -17.10
N ILE A 370 -35.02 14.33 -17.16
CA ILE A 370 -35.86 15.46 -17.57
C ILE A 370 -35.46 15.83 -18.97
N LEU A 371 -36.42 15.96 -19.86
CA LEU A 371 -36.09 16.19 -21.27
C LEU A 371 -36.57 17.53 -21.72
N ASN A 372 -35.63 18.35 -22.19
CA ASN A 372 -35.94 19.68 -22.69
C ASN A 372 -36.16 19.65 -24.20
N LEU A 373 -37.42 19.87 -24.59
CA LEU A 373 -37.84 19.69 -25.99
C LEU A 373 -37.74 20.97 -26.81
N LYS A 374 -37.28 22.04 -26.17
CA LYS A 374 -36.83 23.21 -26.90
C LYS A 374 -35.75 23.89 -26.06
N GLN A 375 -34.66 23.17 -25.86
CA GLN A 375 -33.53 23.66 -25.05
C GLN A 375 -32.99 24.97 -25.62
N GLY A 376 -32.86 25.97 -24.76
CA GLY A 376 -32.44 27.30 -25.18
C GLY A 376 -33.56 28.33 -25.06
N ASP A 377 -34.80 27.90 -25.23
CA ASP A 377 -35.97 28.75 -25.00
C ASP A 377 -36.10 29.06 -23.52
N ALA A 378 -36.29 30.35 -23.20
CA ALA A 378 -36.25 30.84 -21.82
C ALA A 378 -37.17 30.10 -20.85
N ALA A 379 -38.44 30.03 -21.20
CA ALA A 379 -39.47 29.50 -20.30
C ALA A 379 -39.29 28.03 -19.94
N THR A 380 -39.01 27.18 -20.93
CA THR A 380 -38.87 25.74 -20.65
C THR A 380 -37.60 25.45 -19.87
N ASP A 381 -36.52 26.16 -20.23
CA ASP A 381 -35.25 26.08 -19.55
C ASP A 381 -35.43 26.31 -18.04
N ALA A 382 -36.35 27.17 -17.66
CA ALA A 382 -36.51 27.54 -16.25
C ALA A 382 -37.31 26.48 -15.50
N ALA A 383 -38.27 25.89 -16.20
CA ALA A 383 -39.12 24.85 -15.64
C ALA A 383 -38.31 23.58 -15.38
N CYS A 384 -37.46 23.24 -16.34
CA CYS A 384 -36.50 22.16 -16.14
C CYS A 384 -35.66 22.40 -14.90
N ASP A 385 -34.98 23.55 -14.84
CA ASP A 385 -34.17 23.89 -13.67
C ASP A 385 -34.95 23.65 -12.41
N GLN A 386 -36.16 24.20 -12.38
CA GLN A 386 -37.01 24.09 -11.22
C GLN A 386 -37.28 22.63 -10.83
N LEU A 387 -37.59 21.79 -11.80
CA LEU A 387 -37.86 20.39 -11.51
C LEU A 387 -36.58 19.67 -11.13
N TYR A 388 -35.51 20.02 -11.84
CA TYR A 388 -34.20 19.49 -11.56
C TYR A 388 -33.92 19.67 -10.11
N ARG A 389 -34.11 20.89 -9.62
CA ARG A 389 -33.72 21.24 -8.26
C ARG A 389 -34.69 20.72 -7.20
N GLU A 390 -35.97 20.66 -7.53
CA GLU A 390 -36.96 20.15 -6.58
C GLU A 390 -36.85 18.64 -6.39
N LEU A 391 -36.61 17.91 -7.48
CA LEU A 391 -36.43 16.44 -7.44
C LEU A 391 -35.14 16.06 -6.74
N SER A 392 -34.11 16.88 -6.97
CA SER A 392 -32.85 16.77 -6.29
C SER A 392 -33.03 16.84 -4.77
N ALA A 393 -33.78 17.84 -4.30
CA ALA A 393 -33.97 18.06 -2.86
C ALA A 393 -34.70 16.89 -2.17
N LYS A 394 -35.52 16.15 -2.89
CA LYS A 394 -36.29 15.11 -2.25
C LYS A 394 -35.71 13.72 -2.52
N GLY A 395 -34.38 13.69 -2.60
CA GLY A 395 -33.59 12.46 -2.74
C GLY A 395 -33.95 11.57 -3.92
N VAL A 396 -34.26 12.18 -5.06
CA VAL A 396 -34.59 11.42 -6.26
C VAL A 396 -33.41 11.54 -7.20
N ASP A 397 -32.99 10.41 -7.76
CA ASP A 397 -31.91 10.42 -8.75
C ASP A 397 -32.41 10.92 -10.10
N VAL A 398 -31.91 12.08 -10.47
CA VAL A 398 -32.46 12.85 -11.56
C VAL A 398 -31.36 13.35 -12.52
N LEU A 399 -31.37 12.79 -13.71
CA LEU A 399 -30.60 13.32 -14.81
C LEU A 399 -31.51 14.30 -15.57
N TYR A 400 -30.96 15.46 -15.94
CA TYR A 400 -31.68 16.41 -16.77
C TYR A 400 -30.91 16.56 -18.07
N ASP A 401 -31.43 15.93 -19.12
CA ASP A 401 -30.89 16.04 -20.46
C ASP A 401 -31.09 17.46 -20.92
N ASP A 402 -30.00 18.22 -20.90
CA ASP A 402 -30.03 19.63 -21.15
C ASP A 402 -29.19 19.95 -22.38
N THR A 403 -29.02 18.96 -23.25
CA THR A 403 -28.20 19.11 -24.46
C THR A 403 -28.92 19.90 -25.53
N ASP A 404 -28.14 20.51 -26.42
CA ASP A 404 -28.70 21.22 -27.57
C ASP A 404 -29.06 20.22 -28.68
N GLN A 405 -30.25 19.64 -28.56
CA GLN A 405 -30.67 18.50 -29.38
C GLN A 405 -32.20 18.39 -29.48
N ARG A 406 -32.67 18.01 -30.66
CA ARG A 406 -34.12 17.89 -30.96
C ARG A 406 -34.81 16.88 -30.07
N ALA A 407 -36.09 17.12 -29.78
CA ALA A 407 -36.88 16.16 -29.00
C ALA A 407 -36.59 14.71 -29.41
N GLY A 408 -36.62 14.43 -30.72
CA GLY A 408 -36.47 13.06 -31.24
C GLY A 408 -35.22 12.39 -30.70
N ALA A 409 -34.09 13.08 -30.86
CA ALA A 409 -32.81 12.64 -30.31
C ALA A 409 -32.90 12.33 -28.81
N LYS A 410 -33.48 13.27 -28.05
CA LYS A 410 -33.67 13.09 -26.61
C LYS A 410 -34.53 11.89 -26.23
N PHE A 411 -35.56 11.60 -27.02
CA PHE A 411 -36.38 10.44 -26.71
C PHE A 411 -35.59 9.17 -26.92
N ALA A 412 -34.92 9.06 -28.07
CA ALA A 412 -34.19 7.85 -28.45
C ALA A 412 -33.17 7.44 -27.40
N THR A 413 -32.53 8.45 -26.78
CA THR A 413 -31.50 8.24 -25.79
C THR A 413 -32.12 7.89 -24.45
N ALA A 414 -33.07 8.72 -24.00
CA ALA A 414 -33.78 8.47 -22.73
C ALA A 414 -34.32 7.08 -22.75
N ASP A 415 -34.84 6.67 -23.90
CA ASP A 415 -35.37 5.34 -24.07
C ASP A 415 -34.25 4.31 -24.08
N LEU A 416 -33.19 4.60 -24.81
CA LEU A 416 -32.01 3.74 -24.88
C LEU A 416 -31.42 3.46 -23.52
N ILE A 417 -30.95 4.50 -22.84
CA ILE A 417 -30.26 4.33 -21.55
C ILE A 417 -31.11 3.74 -20.40
N GLY A 418 -32.42 3.67 -20.57
CA GLY A 418 -33.26 2.83 -19.71
C GLY A 418 -33.84 3.39 -18.42
N ILE A 419 -33.71 4.71 -18.22
CA ILE A 419 -34.25 5.42 -17.05
C ILE A 419 -35.73 5.11 -16.93
N PRO A 420 -36.18 4.71 -15.72
CA PRO A 420 -37.59 4.42 -15.41
C PRO A 420 -38.69 5.50 -15.72
N TRP A 421 -38.37 6.78 -15.59
CA TRP A 421 -39.37 7.82 -15.83
C TRP A 421 -38.78 8.94 -16.65
N GLN A 422 -39.54 9.40 -17.62
CA GLN A 422 -39.12 10.54 -18.38
C GLN A 422 -40.04 11.68 -18.00
N ILE A 423 -39.56 12.90 -18.16
CA ILE A 423 -40.44 14.03 -18.04
C ILE A 423 -40.20 14.86 -19.27
N HIS A 424 -41.23 14.96 -20.10
CA HIS A 424 -41.16 15.79 -21.29
C HIS A 424 -41.64 17.19 -21.00
N VAL A 425 -40.85 18.16 -21.46
CA VAL A 425 -41.05 19.57 -21.17
C VAL A 425 -40.76 20.33 -22.45
N GLY A 426 -41.76 21.03 -22.95
CA GLY A 426 -41.64 21.89 -24.13
C GLY A 426 -42.57 23.11 -24.00
N PRO A 427 -42.50 24.06 -24.95
CA PRO A 427 -43.40 25.22 -24.86
C PRO A 427 -44.87 24.82 -25.01
N ARG A 428 -45.13 23.78 -25.82
CA ARG A 428 -46.47 23.19 -25.97
C ARG A 428 -47.20 23.02 -24.63
N GLY A 429 -46.78 22.02 -23.85
CA GLY A 429 -47.47 21.69 -22.59
C GLY A 429 -47.38 22.77 -21.53
N LEU A 430 -46.29 23.54 -21.57
CA LEU A 430 -46.03 24.60 -20.58
C LEU A 430 -46.99 25.76 -20.77
N ALA A 431 -47.52 25.86 -22.00
CA ALA A 431 -48.59 26.80 -22.32
C ALA A 431 -49.72 26.66 -21.31
N GLU A 432 -50.30 25.47 -21.20
CA GLU A 432 -51.38 25.28 -20.22
C GLU A 432 -50.80 24.80 -18.89
N GLY A 433 -49.51 25.07 -18.70
CA GLY A 433 -48.80 24.77 -17.45
C GLY A 433 -48.73 23.29 -17.14
N LYS A 434 -48.23 22.51 -18.09
CA LYS A 434 -48.22 21.06 -17.93
C LYS A 434 -46.96 20.39 -18.49
N VAL A 435 -46.60 19.26 -17.90
CA VAL A 435 -45.46 18.47 -18.33
C VAL A 435 -45.92 17.05 -18.59
N GLU A 436 -45.30 16.38 -19.56
CA GLU A 436 -45.63 14.97 -19.79
C GLU A 436 -44.71 14.08 -18.99
N LEU A 437 -45.30 13.17 -18.23
CA LEU A 437 -44.57 12.14 -17.50
C LEU A 437 -44.76 10.81 -18.21
N LYS A 438 -43.67 10.11 -18.51
CA LYS A 438 -43.73 8.80 -19.17
C LYS A 438 -43.07 7.73 -18.29
N ARG A 439 -43.71 6.57 -18.20
CA ARG A 439 -43.17 5.43 -17.50
C ARG A 439 -42.58 4.49 -18.52
N ARG A 440 -41.26 4.29 -18.46
CA ARG A 440 -40.52 3.58 -19.51
C ARG A 440 -40.98 2.13 -19.73
N SER A 441 -41.39 1.48 -18.64
CA SER A 441 -41.48 0.04 -18.67
C SER A 441 -42.55 -0.41 -19.64
N ASP A 442 -43.60 0.40 -19.77
CA ASP A 442 -44.80 -0.02 -20.46
C ASP A 442 -45.34 1.09 -21.38
N GLY A 443 -44.69 2.26 -21.36
CA GLY A 443 -45.10 3.37 -22.19
C GLY A 443 -46.17 4.25 -21.59
N ALA A 444 -46.61 3.92 -20.38
CA ALA A 444 -47.65 4.70 -19.72
C ALA A 444 -47.32 6.15 -19.85
N ARG A 445 -48.28 6.96 -20.24
CA ARG A 445 -48.09 8.41 -20.16
C ARG A 445 -49.28 9.17 -19.58
N GLU A 446 -48.95 10.29 -18.95
CA GLU A 446 -49.88 11.08 -18.16
C GLU A 446 -49.39 12.50 -18.28
N ASN A 447 -50.01 13.24 -19.18
CA ASN A 447 -49.82 14.67 -19.23
C ASN A 447 -50.31 15.22 -17.90
N LEU A 448 -49.49 16.06 -17.26
CA LEU A 448 -49.72 16.48 -15.88
C LEU A 448 -49.42 17.95 -15.66
N ALA A 449 -49.94 18.48 -14.55
CA ALA A 449 -49.62 19.85 -14.12
C ALA A 449 -48.19 19.92 -13.58
N LEU A 450 -47.44 20.92 -14.07
CA LEU A 450 -46.08 21.19 -13.61
C LEU A 450 -45.91 21.15 -12.08
N ALA A 451 -46.93 21.57 -11.35
CA ALA A 451 -46.86 21.62 -9.88
C ALA A 451 -47.18 20.26 -9.20
N ASP A 452 -47.64 19.28 -9.98
CA ASP A 452 -48.03 17.98 -9.45
C ASP A 452 -46.97 16.91 -9.64
N VAL A 453 -46.22 17.01 -10.73
CA VAL A 453 -45.26 15.99 -11.13
C VAL A 453 -44.28 15.59 -10.02
N VAL A 454 -43.81 16.59 -9.26
CA VAL A 454 -42.93 16.33 -8.13
C VAL A 454 -43.58 15.36 -7.13
N ALA A 455 -44.87 15.53 -6.87
CA ALA A 455 -45.63 14.60 -6.03
C ALA A 455 -45.58 13.16 -6.55
N ARG A 456 -44.64 12.90 -7.47
CA ARG A 456 -44.46 11.59 -8.12
C ARG A 456 -45.78 10.98 -8.57
N GLY B 18 -29.22 4.52 9.40
CA GLY B 18 -28.11 4.61 10.41
C GLY B 18 -27.66 3.26 10.96
N SER B 19 -26.45 2.83 10.58
CA SER B 19 -25.94 1.47 10.87
C SER B 19 -25.82 1.11 12.36
N HIS B 20 -26.11 -0.15 12.69
CA HIS B 20 -26.17 -0.62 14.07
C HIS B 20 -25.58 -2.03 14.14
N MET B 21 -25.02 -2.38 15.29
CA MET B 21 -24.30 -3.63 15.41
C MET B 21 -24.17 -4.04 16.87
N ARG B 22 -24.23 -5.34 17.12
CA ARG B 22 -24.01 -5.91 18.45
C ARG B 22 -22.71 -6.69 18.44
N LEU B 23 -21.80 -6.37 19.35
CA LEU B 23 -20.48 -6.98 19.34
C LEU B 23 -20.51 -8.51 19.39
N SER B 24 -21.59 -9.08 19.91
CA SER B 24 -21.80 -10.53 19.82
C SER B 24 -22.09 -10.91 18.36
N ARG B 25 -22.94 -10.14 17.68
CA ARG B 25 -23.13 -10.28 16.21
C ARG B 25 -21.84 -10.04 15.40
N PHE B 26 -20.87 -9.33 15.97
CA PHE B 26 -19.71 -8.81 15.20
C PHE B 26 -18.50 -9.74 15.04
N PHE B 27 -17.51 -9.27 14.31
CA PHE B 27 -16.22 -9.94 14.16
C PHE B 27 -15.10 -8.95 14.39
N LEU B 28 -14.61 -8.88 15.62
CA LEU B 28 -13.58 -7.91 15.97
C LEU B 28 -12.46 -8.54 16.82
N PRO B 29 -11.35 -8.95 16.18
CA PRO B 29 -10.31 -9.67 16.89
C PRO B 29 -9.27 -8.73 17.49
N ILE B 30 -9.57 -8.23 18.69
CA ILE B 30 -8.67 -7.38 19.45
C ILE B 30 -7.43 -8.16 19.88
N LEU B 31 -6.25 -7.56 19.69
CA LEU B 31 -5.01 -8.16 20.18
C LEU B 31 -4.59 -7.53 21.50
N LYS B 32 -4.20 -8.37 22.45
CA LYS B 32 -3.76 -7.93 23.80
C LYS B 32 -2.38 -7.24 23.79
N GLU B 33 -1.37 -7.94 23.28
CA GLU B 33 -0.02 -7.38 23.16
C GLU B 33 0.08 -6.52 21.93
N ASN B 34 1.02 -5.57 21.93
CA ASN B 34 1.45 -4.94 20.69
C ASN B 34 2.17 -5.94 19.78
N PRO B 35 1.76 -6.03 18.49
CA PRO B 35 2.43 -6.88 17.52
C PRO B 35 3.88 -6.47 17.28
N LYS B 36 4.77 -7.44 17.38
CA LYS B 36 6.22 -7.20 17.30
C LYS B 36 6.63 -6.66 15.94
N GLU B 37 5.89 -7.05 14.91
CA GLU B 37 6.13 -6.59 13.55
C GLU B 37 5.85 -5.10 13.28
N ALA B 38 5.03 -4.46 14.12
CA ALA B 38 4.54 -3.10 13.85
C ALA B 38 5.39 -1.98 14.43
N GLU B 39 6.21 -1.38 13.57
CA GLU B 39 7.19 -0.37 13.95
C GLU B 39 6.58 0.93 14.40
N ILE B 40 5.44 1.30 13.85
CA ILE B 40 4.87 2.60 14.14
C ILE B 40 3.46 2.47 14.64
N VAL B 41 2.99 3.50 15.33
CA VAL B 41 1.70 3.49 16.02
C VAL B 41 0.49 3.12 15.16
N SER B 42 0.28 3.84 14.04
CA SER B 42 -0.88 3.58 13.17
C SER B 42 -0.96 2.12 12.83
N HIS B 43 0.22 1.53 12.60
CA HIS B 43 0.32 0.13 12.23
C HIS B 43 -0.01 -0.77 13.43
N ARG B 44 0.65 -0.47 14.56
CA ARG B 44 0.44 -1.17 15.83
C ARG B 44 -1.04 -1.21 16.14
N LEU B 45 -1.64 -0.02 16.27
CA LEU B 45 -3.02 0.13 16.64
C LEU B 45 -4.00 -0.64 15.74
N MET B 46 -3.87 -0.47 14.42
CA MET B 46 -4.79 -1.14 13.48
C MET B 46 -4.79 -2.65 13.63
N LEU B 47 -3.64 -3.24 13.89
CA LEU B 47 -3.58 -4.67 14.15
C LEU B 47 -4.27 -4.98 15.49
N ARG B 48 -3.87 -4.24 16.52
CA ARG B 48 -4.41 -4.40 17.86
C ARG B 48 -5.91 -4.24 17.84
N ALA B 49 -6.40 -3.17 17.21
CA ALA B 49 -7.84 -2.88 17.14
C ALA B 49 -8.57 -3.76 16.13
N GLY B 50 -7.92 -4.83 15.70
CA GLY B 50 -8.55 -5.83 14.83
C GLY B 50 -9.22 -5.20 13.63
N MET B 51 -8.42 -4.54 12.81
CA MET B 51 -8.90 -3.77 11.67
C MET B 51 -8.26 -4.25 10.38
N LEU B 52 -7.13 -4.93 10.53
CA LEU B 52 -6.26 -5.24 9.44
C LEU B 52 -5.62 -6.57 9.70
N ARG B 53 -5.27 -7.24 8.60
CA ARG B 53 -4.53 -8.49 8.63
C ARG B 53 -3.57 -8.54 7.44
N GLN B 54 -2.32 -8.89 7.70
CA GLN B 54 -1.34 -9.01 6.63
C GLN B 54 -1.55 -10.33 5.91
N GLU B 55 -1.78 -10.26 4.60
CA GLU B 55 -1.91 -11.48 3.81
C GLU B 55 -0.62 -11.75 3.06
N ALA B 56 0.16 -10.70 2.87
CA ALA B 56 1.44 -10.83 2.21
C ALA B 56 2.18 -9.55 2.54
N ALA B 57 3.48 -9.48 2.23
CA ALA B 57 4.22 -8.25 2.45
C ALA B 57 3.56 -7.06 1.73
N GLY B 58 3.08 -6.11 2.51
CA GLY B 58 2.40 -4.92 1.99
C GLY B 58 1.08 -5.17 1.28
N ILE B 59 0.52 -6.36 1.45
CA ILE B 59 -0.81 -6.71 0.94
C ILE B 59 -1.75 -7.12 2.11
N TYR B 60 -2.82 -6.35 2.31
CA TYR B 60 -3.67 -6.42 3.51
C TYR B 60 -5.14 -6.80 3.33
N ALA B 61 -5.65 -7.62 4.22
CA ALA B 61 -7.08 -7.87 4.36
C ALA B 61 -7.61 -6.77 5.27
N TRP B 62 -8.84 -6.35 5.06
CA TRP B 62 -9.41 -5.28 5.86
C TRP B 62 -10.54 -5.89 6.63
N LEU B 63 -10.37 -5.95 7.94
CA LEU B 63 -11.35 -6.59 8.79
C LEU B 63 -12.51 -5.62 9.01
N PRO B 64 -13.69 -6.15 9.40
CA PRO B 64 -14.93 -5.40 9.38
C PRO B 64 -14.79 -3.95 9.79
N LEU B 65 -14.17 -3.72 10.94
CA LEU B 65 -14.01 -2.36 11.45
C LEU B 65 -13.19 -1.58 10.44
N GLY B 66 -12.03 -2.15 10.07
CA GLY B 66 -11.12 -1.57 9.08
C GLY B 66 -11.84 -1.15 7.82
N HIS B 67 -12.59 -2.10 7.26
CA HIS B 67 -13.39 -1.81 6.09
C HIS B 67 -14.31 -0.62 6.30
N ARG B 68 -14.98 -0.58 7.44
CA ARG B 68 -15.98 0.44 7.64
C ARG B 68 -15.35 1.81 7.59
N VAL B 69 -14.19 1.97 8.19
CA VAL B 69 -13.58 3.27 8.18
C VAL B 69 -13.25 3.60 6.74
N LEU B 70 -12.57 2.67 6.10
CA LEU B 70 -12.10 2.84 4.74
C LEU B 70 -13.26 3.27 3.83
N LYS B 71 -14.45 2.70 4.06
CA LYS B 71 -15.60 3.07 3.25
C LYS B 71 -16.21 4.44 3.59
N LYS B 72 -15.98 4.94 4.80
CA LYS B 72 -16.33 6.33 5.11
C LYS B 72 -15.34 7.31 4.48
N ILE B 73 -14.05 7.01 4.59
CA ILE B 73 -13.00 7.79 3.91
C ILE B 73 -13.30 7.90 2.41
N GLU B 74 -13.53 6.75 1.78
CA GLU B 74 -13.88 6.68 0.36
C GLU B 74 -15.08 7.60 0.02
N GLN B 75 -16.08 7.61 0.89
CA GLN B 75 -17.26 8.45 0.73
C GLN B 75 -16.99 9.95 0.83
N ILE B 76 -16.20 10.39 1.78
CA ILE B 76 -15.93 11.82 1.93
C ILE B 76 -15.20 12.33 0.69
N VAL B 77 -14.37 11.45 0.13
CA VAL B 77 -13.58 11.77 -1.05
C VAL B 77 -14.49 11.79 -2.28
N ARG B 78 -15.43 10.86 -2.31
CA ARG B 78 -16.38 10.79 -3.41
C ARG B 78 -17.19 12.09 -3.47
N GLU B 79 -17.82 12.43 -2.35
CA GLU B 79 -18.61 13.65 -2.23
C GLU B 79 -17.86 14.92 -2.70
N GLU B 80 -16.61 15.08 -2.26
CA GLU B 80 -15.87 16.31 -2.55
C GLU B 80 -15.39 16.38 -3.98
N GLN B 81 -15.16 15.23 -4.60
CA GLN B 81 -14.85 15.15 -6.03
C GLN B 81 -16.07 15.55 -6.85
N ASN B 82 -17.24 15.08 -6.42
CA ASN B 82 -18.45 15.38 -7.16
C ASN B 82 -18.76 16.85 -7.03
N ARG B 83 -18.60 17.37 -5.82
CA ARG B 83 -18.90 18.77 -5.61
C ARG B 83 -18.02 19.65 -6.47
N ALA B 84 -16.84 19.14 -6.87
CA ALA B 84 -15.90 19.90 -7.70
C ALA B 84 -16.11 19.65 -9.20
N GLY B 85 -17.22 19.01 -9.55
CA GLY B 85 -17.57 18.72 -10.94
C GLY B 85 -16.95 17.49 -11.59
N ALA B 86 -16.22 16.66 -10.84
CA ALA B 86 -15.62 15.47 -11.46
C ALA B 86 -16.63 14.34 -11.60
N ILE B 87 -16.38 13.44 -12.54
CA ILE B 87 -17.35 12.37 -12.86
C ILE B 87 -16.80 10.99 -12.58
N GLU B 88 -17.47 10.25 -11.71
CA GLU B 88 -16.98 8.91 -11.34
C GLU B 88 -17.17 7.88 -12.44
N LEU B 89 -16.12 7.16 -12.79
CA LEU B 89 -16.26 5.90 -13.53
C LEU B 89 -15.48 4.83 -12.81
N LEU B 90 -15.06 3.80 -13.53
CA LEU B 90 -14.17 2.80 -12.94
C LEU B 90 -13.40 2.11 -14.00
N MET B 91 -12.09 2.16 -13.92
CA MET B 91 -11.21 1.46 -14.84
C MET B 91 -10.79 0.09 -14.23
N PRO B 92 -10.28 -0.83 -15.05
CA PRO B 92 -10.06 -2.13 -14.47
C PRO B 92 -8.71 -2.20 -13.75
N THR B 93 -8.53 -3.21 -12.89
CA THR B 93 -7.24 -3.37 -12.26
C THR B 93 -6.15 -3.82 -13.24
N LEU B 94 -6.52 -4.53 -14.30
CA LEU B 94 -5.52 -5.08 -15.24
C LEU B 94 -5.40 -4.32 -16.56
N GLN B 95 -4.24 -3.72 -16.78
CA GLN B 95 -3.99 -2.98 -18.01
C GLN B 95 -3.10 -3.70 -19.05
N LEU B 96 -3.20 -3.27 -20.31
CA LEU B 96 -2.37 -3.81 -21.38
C LEU B 96 -1.06 -3.07 -21.49
N ALA B 97 0.04 -3.81 -21.40
CA ALA B 97 1.37 -3.30 -21.62
C ALA B 97 1.48 -2.53 -22.93
N ASP B 98 0.92 -3.07 -24.02
CA ASP B 98 0.88 -2.35 -25.30
C ASP B 98 0.42 -0.92 -25.13
N LEU B 99 -0.51 -0.72 -24.20
CA LEU B 99 -0.98 0.60 -23.91
C LEU B 99 0.14 1.46 -23.32
N TRP B 100 0.88 0.92 -22.37
CA TRP B 100 2.00 1.65 -21.74
C TRP B 100 3.18 1.87 -22.68
N ARG B 101 3.32 1.00 -23.67
CA ARG B 101 4.22 1.24 -24.80
C ARG B 101 3.90 2.48 -25.64
N GLU B 102 2.62 2.81 -25.78
CA GLU B 102 2.21 3.97 -26.58
C GLU B 102 2.77 5.28 -26.07
N SER B 103 2.90 5.40 -24.75
CA SER B 103 3.32 6.66 -24.10
C SER B 103 4.76 6.63 -23.62
N GLY B 104 5.40 5.48 -23.72
CA GLY B 104 6.78 5.35 -23.31
C GLY B 104 6.88 4.61 -22.00
N ARG B 105 5.94 4.91 -21.11
CA ARG B 105 6.08 4.49 -19.72
C ARG B 105 6.33 3.00 -19.40
N TYR B 106 6.18 2.09 -20.36
CA TYR B 106 6.31 0.68 -20.02
C TYR B 106 7.56 0.38 -19.22
N ASP B 107 8.68 0.94 -19.65
CA ASP B 107 10.01 0.62 -19.08
C ASP B 107 10.47 1.75 -18.15
N ALA B 108 9.51 2.49 -17.58
CA ALA B 108 9.80 3.67 -16.77
C ALA B 108 8.87 3.78 -15.55
N TYR B 109 8.45 2.62 -15.06
CA TYR B 109 8.02 2.52 -13.67
C TYR B 109 9.07 1.70 -12.98
N GLY B 110 9.91 1.07 -13.80
CA GLY B 110 10.94 0.22 -13.30
C GLY B 110 10.35 -0.93 -12.51
N PRO B 111 11.06 -1.35 -11.46
CA PRO B 111 10.73 -2.64 -10.88
C PRO B 111 9.46 -2.58 -10.02
N GLU B 112 8.92 -1.39 -9.77
CA GLU B 112 7.73 -1.31 -8.95
C GLU B 112 6.47 -1.65 -9.73
N MET B 113 6.62 -2.08 -10.98
CA MET B 113 5.46 -2.45 -11.79
C MET B 113 5.24 -3.94 -11.88
N LEU B 114 4.13 -4.42 -11.35
CA LEU B 114 3.82 -5.83 -11.41
C LEU B 114 3.46 -6.18 -12.84
N ARG B 115 4.27 -7.03 -13.49
CA ARG B 115 3.98 -7.49 -14.87
C ARG B 115 3.36 -8.85 -14.81
N ILE B 116 2.37 -9.06 -15.65
CA ILE B 116 1.66 -10.30 -15.70
C ILE B 116 1.62 -10.78 -17.13
N ALA B 117 1.70 -12.10 -17.28
CA ALA B 117 1.50 -12.75 -18.56
C ALA B 117 0.23 -13.56 -18.43
N ASP B 118 -0.70 -13.40 -19.35
CA ASP B 118 -1.92 -14.21 -19.29
C ASP B 118 -1.67 -15.58 -19.91
N ARG B 119 -2.67 -16.45 -19.88
CA ARG B 119 -2.55 -17.78 -20.45
C ARG B 119 -2.23 -17.76 -21.95
N HIS B 120 -2.47 -16.65 -22.64
CA HIS B 120 -2.15 -16.57 -24.06
C HIS B 120 -0.83 -15.79 -24.26
N LYS B 121 -0.07 -15.68 -23.17
CA LYS B 121 1.22 -15.01 -23.17
C LYS B 121 1.11 -13.51 -23.44
N ARG B 122 0.02 -12.90 -23.03
CA ARG B 122 -0.16 -11.52 -23.36
C ARG B 122 0.30 -10.65 -22.23
N GLU B 123 1.09 -9.64 -22.58
CA GLU B 123 1.73 -8.76 -21.61
C GLU B 123 0.65 -7.87 -20.98
N LEU B 124 0.30 -8.19 -19.75
CA LEU B 124 -0.59 -7.37 -18.96
C LEU B 124 0.22 -6.82 -17.78
N LEU B 125 -0.29 -5.79 -17.12
CA LEU B 125 0.30 -5.35 -15.87
C LEU B 125 -0.83 -5.00 -14.93
N TYR B 126 -0.54 -5.01 -13.61
CA TYR B 126 -1.49 -4.53 -12.59
C TYR B 126 -1.27 -3.04 -12.45
N GLY B 127 -2.29 -2.25 -12.78
CA GLY B 127 -2.11 -0.80 -12.93
C GLY B 127 -1.65 -0.12 -11.66
N PRO B 128 -0.51 0.58 -11.72
CA PRO B 128 -0.07 1.41 -10.60
C PRO B 128 -0.71 2.78 -10.62
N THR B 129 -1.34 3.12 -11.74
CA THR B 129 -1.88 4.44 -11.99
C THR B 129 -2.56 4.35 -13.36
N ASN B 130 -3.19 5.43 -13.82
CA ASN B 130 -4.10 5.29 -14.95
C ASN B 130 -4.10 6.39 -16.00
N GLU B 131 -3.02 7.17 -16.10
CA GLU B 131 -2.92 8.22 -17.14
C GLU B 131 -3.19 7.74 -18.57
N GLU B 132 -2.48 6.71 -19.03
CA GLU B 132 -2.66 6.26 -20.41
C GLU B 132 -4.03 5.67 -20.68
N MET B 133 -4.56 4.89 -19.73
CA MET B 133 -5.85 4.24 -19.95
C MET B 133 -6.95 5.27 -20.04
N ILE B 134 -6.94 6.21 -19.12
CA ILE B 134 -7.93 7.26 -19.12
C ILE B 134 -7.84 8.06 -20.42
N THR B 135 -6.64 8.21 -20.96
CA THR B 135 -6.49 8.94 -22.22
C THR B 135 -7.05 8.07 -23.35
N GLU B 136 -6.80 6.77 -23.26
CA GLU B 136 -7.26 5.82 -24.27
C GLU B 136 -8.75 5.96 -24.39
N ILE B 137 -9.43 6.11 -23.26
CA ILE B 137 -10.87 6.20 -23.19
C ILE B 137 -11.34 7.53 -23.80
N PHE B 138 -10.66 8.59 -23.40
CA PHE B 138 -11.06 9.91 -23.76
C PHE B 138 -11.02 10.09 -25.26
N ARG B 139 -9.97 9.57 -25.91
CA ARG B 139 -9.70 9.86 -27.31
C ARG B 139 -10.70 9.13 -28.17
N ALA B 140 -11.20 8.01 -27.64
CA ALA B 140 -12.18 7.20 -28.31
C ALA B 140 -13.48 7.96 -28.56
N TYR B 141 -13.80 8.92 -27.68
CA TYR B 141 -15.11 9.55 -27.66
C TYR B 141 -15.15 11.07 -27.71
N ILE B 142 -14.10 11.76 -27.28
CA ILE B 142 -14.17 13.21 -27.21
C ILE B 142 -13.32 13.86 -28.28
N LYS B 143 -13.96 14.70 -29.10
CA LYS B 143 -13.29 15.35 -30.22
C LYS B 143 -13.53 16.85 -30.28
N SER B 144 -14.42 17.38 -29.43
CA SER B 144 -14.68 18.83 -29.45
C SER B 144 -14.37 19.57 -28.14
N TYR B 145 -13.80 20.77 -28.28
CA TYR B 145 -13.48 21.65 -27.15
C TYR B 145 -14.73 21.94 -26.35
N LYS B 146 -15.89 21.92 -27.01
CA LYS B 146 -17.15 22.17 -26.33
C LYS B 146 -17.41 21.17 -25.22
N SER B 147 -16.73 20.02 -25.25
CA SER B 147 -16.86 18.97 -24.22
C SER B 147 -16.03 19.17 -22.94
N LEU B 148 -15.02 20.03 -23.03
CA LEU B 148 -14.08 20.25 -21.93
C LEU B 148 -14.50 21.54 -21.26
N PRO B 149 -14.07 21.78 -20.00
CA PRO B 149 -13.27 20.92 -19.13
C PRO B 149 -14.02 19.65 -18.78
N LEU B 150 -13.27 18.54 -18.75
CA LEU B 150 -13.77 17.27 -18.32
C LEU B 150 -12.83 16.64 -17.33
N ASN B 151 -13.36 16.26 -16.17
CA ASN B 151 -12.62 15.56 -15.14
C ASN B 151 -13.23 14.18 -14.86
N LEU B 152 -12.50 13.13 -15.21
CA LEU B 152 -12.92 11.76 -14.94
C LEU B 152 -12.07 11.19 -13.83
N TYR B 153 -12.67 10.35 -13.00
CA TYR B 153 -11.99 9.78 -11.87
C TYR B 153 -12.63 8.45 -11.50
N HIS B 154 -11.87 7.63 -10.80
CA HIS B 154 -12.38 6.40 -10.19
C HIS B 154 -11.65 6.20 -8.89
N ILE B 155 -12.20 5.33 -8.04
CA ILE B 155 -11.57 4.91 -6.81
C ILE B 155 -11.36 3.42 -6.98
N GLN B 156 -10.10 3.02 -7.13
CA GLN B 156 -9.74 1.68 -7.60
C GLN B 156 -8.46 1.16 -6.97
N TRP B 157 -8.39 -0.15 -6.80
CA TRP B 157 -7.22 -0.77 -6.23
C TRP B 157 -6.03 -0.66 -7.16
N LYS B 158 -4.85 -0.38 -6.60
CA LYS B 158 -3.64 -0.25 -7.39
C LYS B 158 -2.53 -1.08 -6.80
N PHE B 159 -1.52 -1.38 -7.62
CA PHE B 159 -0.33 -2.10 -7.16
C PHE B 159 0.97 -1.42 -7.56
N ARG B 160 1.80 -1.15 -6.55
CA ARG B 160 3.17 -0.79 -6.77
C ARG B 160 4.03 -1.79 -6.02
N ASP B 161 4.90 -2.48 -6.75
CA ASP B 161 5.84 -3.42 -6.16
C ASP B 161 6.89 -2.65 -5.40
N GLU B 162 6.49 -2.10 -4.26
CA GLU B 162 7.38 -1.40 -3.35
C GLU B 162 8.44 -2.39 -2.89
N GLN B 163 9.71 -2.03 -3.04
CA GLN B 163 10.79 -2.98 -2.75
C GLN B 163 10.73 -3.51 -1.32
N ARG B 164 10.52 -2.62 -0.37
CA ARG B 164 10.51 -3.02 1.03
C ARG B 164 9.27 -2.46 1.71
N PRO B 165 8.15 -3.18 1.55
CA PRO B 165 6.86 -2.78 2.11
C PRO B 165 7.00 -2.57 3.62
N ARG B 166 6.42 -1.51 4.14
CA ARG B 166 6.72 -1.08 5.50
C ARG B 166 5.59 -0.21 6.05
N PHE B 167 5.59 -0.03 7.36
CA PHE B 167 4.66 0.83 8.03
C PHE B 167 3.23 0.49 7.68
N GLY B 168 2.86 -0.78 7.76
CA GLY B 168 1.47 -1.19 7.47
C GLY B 168 0.83 -0.65 6.18
N VAL B 169 -0.28 0.07 6.32
CA VAL B 169 -0.98 0.54 5.15
C VAL B 169 -0.30 1.72 4.50
N MET B 170 0.72 2.26 5.14
CA MET B 170 1.36 3.49 4.63
C MET B 170 2.35 3.32 3.49
N ARG B 171 2.94 2.14 3.38
CA ARG B 171 3.94 1.85 2.36
C ARG B 171 3.80 0.40 1.93
N GLY B 172 2.58 -0.01 1.61
CA GLY B 172 2.34 -1.37 1.16
C GLY B 172 2.47 -1.48 -0.34
N ARG B 173 1.82 -2.49 -0.90
CA ARG B 173 1.88 -2.74 -2.32
C ARG B 173 0.50 -2.69 -2.99
N GLU B 174 -0.47 -3.39 -2.44
CA GLU B 174 -1.84 -3.25 -2.89
C GLU B 174 -2.53 -2.11 -2.15
N PHE B 175 -2.62 -0.95 -2.76
CA PHE B 175 -3.30 0.17 -2.10
C PHE B 175 -4.48 0.73 -2.90
N LEU B 176 -5.29 1.54 -2.23
CA LEU B 176 -6.50 2.08 -2.80
C LEU B 176 -6.35 3.58 -3.02
N MET B 177 -6.60 4.02 -4.24
CA MET B 177 -6.47 5.43 -4.55
C MET B 177 -7.67 6.04 -5.27
N LYS B 178 -7.93 7.30 -4.98
CA LYS B 178 -8.81 8.03 -5.85
C LYS B 178 -7.89 8.74 -6.78
N ASP B 179 -7.95 8.40 -8.06
CA ASP B 179 -7.20 9.11 -9.04
C ASP B 179 -8.13 9.72 -10.07
N ALA B 180 -8.02 11.03 -10.27
CA ALA B 180 -8.87 11.79 -11.18
C ALA B 180 -7.99 12.46 -12.22
N TYR B 181 -8.56 12.72 -13.41
CA TYR B 181 -7.76 13.13 -14.55
C TYR B 181 -8.50 14.17 -15.36
N SER B 182 -7.95 15.37 -15.41
CA SER B 182 -8.64 16.48 -16.05
C SER B 182 -8.28 16.56 -17.52
N PHE B 183 -9.19 17.13 -18.31
CA PHE B 183 -8.98 17.36 -19.76
C PHE B 183 -9.41 18.77 -20.22
N ASP B 184 -8.47 19.56 -20.76
CA ASP B 184 -8.76 20.93 -21.24
C ASP B 184 -8.14 21.26 -22.60
N VAL B 185 -8.56 22.38 -23.17
CA VAL B 185 -8.17 22.76 -24.51
C VAL B 185 -6.76 23.33 -24.53
N ASP B 186 -6.45 24.18 -23.54
CA ASP B 186 -5.14 24.83 -23.44
C ASP B 186 -4.64 24.81 -21.99
N GLU B 187 -3.45 25.35 -21.75
CA GLU B 187 -2.94 25.42 -20.38
C GLU B 187 -3.85 26.17 -19.42
N ALA B 188 -4.34 27.33 -19.85
CA ALA B 188 -5.17 28.16 -18.99
C ALA B 188 -6.31 27.33 -18.38
N GLY B 189 -7.00 26.56 -19.24
CA GLY B 189 -8.04 25.64 -18.84
C GLY B 189 -7.56 24.65 -17.81
N ALA B 190 -6.44 24.00 -18.07
CA ALA B 190 -5.87 23.07 -17.12
C ALA B 190 -5.65 23.71 -15.75
N ARG B 191 -5.08 24.90 -15.72
CA ARG B 191 -4.92 25.64 -14.47
C ARG B 191 -6.24 25.78 -13.68
N LYS B 192 -7.31 26.19 -14.36
CA LYS B 192 -8.61 26.29 -13.71
C LYS B 192 -9.00 24.93 -13.12
N SER B 193 -8.79 23.88 -13.90
CA SER B 193 -9.10 22.50 -13.52
C SER B 193 -8.32 22.03 -12.33
N TYR B 194 -7.02 22.33 -12.33
CA TYR B 194 -6.09 22.07 -11.24
C TYR B 194 -6.49 22.80 -9.96
N ASN B 195 -6.85 24.08 -10.07
CA ASN B 195 -7.27 24.87 -8.90
C ASN B 195 -8.50 24.22 -8.26
N LYS B 196 -9.41 23.77 -9.11
CA LYS B 196 -10.60 23.06 -8.64
C LYS B 196 -10.24 21.87 -7.77
N MET B 197 -9.30 21.05 -8.25
CA MET B 197 -8.84 19.88 -7.53
C MET B 197 -8.08 20.26 -6.26
N PHE B 198 -7.26 21.30 -6.37
CA PHE B 198 -6.58 21.88 -5.21
C PHE B 198 -7.57 22.22 -4.07
N VAL B 199 -8.59 23.01 -4.41
CA VAL B 199 -9.63 23.38 -3.46
C VAL B 199 -10.42 22.16 -2.96
N ALA B 200 -10.68 21.20 -3.83
CA ALA B 200 -11.38 20.00 -3.41
C ALA B 200 -10.53 19.23 -2.38
N TYR B 201 -9.22 19.29 -2.54
CA TYR B 201 -8.33 18.58 -1.65
C TYR B 201 -8.32 19.20 -0.24
N LEU B 202 -8.28 20.54 -0.16
CA LEU B 202 -8.34 21.21 1.13
C LEU B 202 -9.57 20.74 1.92
N ARG B 203 -10.71 20.69 1.25
CA ARG B 203 -11.95 20.25 1.89
C ARG B 203 -11.93 18.77 2.26
N THR B 204 -11.54 17.91 1.32
CA THR B 204 -11.44 16.47 1.55
C THR B 204 -10.75 16.16 2.88
N PHE B 205 -9.55 16.71 3.06
CA PHE B 205 -8.74 16.33 4.20
C PHE B 205 -9.27 16.98 5.45
N ALA B 206 -9.77 18.21 5.31
CA ALA B 206 -10.27 18.94 6.46
C ALA B 206 -11.47 18.19 6.99
N ARG B 207 -12.34 17.75 6.08
CA ARG B 207 -13.51 16.96 6.44
C ARG B 207 -13.13 15.71 7.23
N MET B 208 -11.88 15.27 7.10
CA MET B 208 -11.39 14.12 7.86
C MET B 208 -10.66 14.53 9.13
N GLY B 209 -10.68 15.82 9.43
CA GLY B 209 -10.08 16.32 10.66
C GLY B 209 -8.58 16.36 10.54
N LEU B 210 -8.10 16.39 9.30
CA LEU B 210 -6.67 16.45 9.04
C LEU B 210 -6.28 17.87 8.66
N LYS B 211 -5.02 18.18 8.89
CA LYS B 211 -4.44 19.42 8.40
C LYS B 211 -3.39 19.02 7.39
N ALA B 212 -3.80 18.83 6.13
CA ALA B 212 -2.86 18.45 5.07
C ALA B 212 -2.39 19.71 4.43
N ILE B 213 -1.09 19.90 4.37
CA ILE B 213 -0.55 21.13 3.83
C ILE B 213 -0.16 20.97 2.37
N PRO B 214 -0.74 21.81 1.49
CA PRO B 214 -0.37 21.80 0.09
C PRO B 214 1.01 22.40 -0.01
N MET B 215 1.98 21.61 -0.46
CA MET B 215 3.32 22.11 -0.65
C MET B 215 3.75 21.75 -2.01
N ARG B 216 4.60 22.59 -2.57
CA ARG B 216 5.22 22.37 -3.84
C ARG B 216 6.03 21.06 -3.88
N ALA B 217 6.06 20.45 -5.05
CA ALA B 217 6.57 19.11 -5.19
C ALA B 217 7.07 18.91 -6.60
N GLU B 218 7.71 17.76 -6.84
CA GLU B 218 8.05 17.32 -8.19
C GLU B 218 7.06 16.23 -8.60
N THR B 219 6.94 15.99 -9.91
CA THR B 219 5.93 15.06 -10.45
C THR B 219 6.45 13.63 -10.77
N GLY B 220 7.78 13.50 -10.86
CA GLY B 220 8.46 12.21 -11.13
C GLY B 220 8.02 11.47 -12.40
N PRO B 221 7.52 10.22 -12.26
CA PRO B 221 7.03 9.46 -13.43
C PRO B 221 5.72 10.00 -13.99
N ILE B 222 4.94 10.73 -13.18
CA ILE B 222 3.64 11.26 -13.63
C ILE B 222 3.82 12.34 -14.70
N GLY B 223 4.83 13.22 -14.50
CA GLY B 223 5.13 14.32 -15.44
C GLY B 223 4.65 15.71 -15.03
N GLY B 224 5.13 16.73 -15.76
CA GLY B 224 4.75 18.13 -15.53
C GLY B 224 5.71 18.97 -14.68
N ASP B 225 5.58 20.31 -14.80
CA ASP B 225 6.34 21.27 -13.97
C ASP B 225 5.48 21.99 -12.91
N LEU B 226 4.18 21.66 -12.85
CA LEU B 226 3.26 22.25 -11.84
C LEU B 226 2.65 21.20 -10.89
N SER B 227 3.01 21.24 -9.61
CA SER B 227 2.64 20.18 -8.67
C SER B 227 2.63 20.59 -7.20
N HIS B 228 1.71 20.00 -6.45
CA HIS B 228 1.66 20.09 -5.01
C HIS B 228 1.41 18.73 -4.39
N GLU B 229 1.87 18.57 -3.17
CA GLU B 229 1.53 17.41 -2.39
C GLU B 229 0.81 17.88 -1.18
N PHE B 230 -0.22 17.16 -0.80
CA PHE B 230 -0.92 17.48 0.41
C PHE B 230 -0.37 16.62 1.51
N ILE B 231 0.37 17.25 2.42
CA ILE B 231 1.10 16.50 3.41
C ILE B 231 0.69 16.78 4.82
N VAL B 232 0.35 15.73 5.53
CA VAL B 232 -0.06 15.82 6.92
C VAL B 232 1.18 15.74 7.80
N LEU B 233 1.48 16.81 8.53
CA LEU B 233 2.68 16.87 9.41
C LEU B 233 2.73 15.75 10.45
N ALA B 234 3.90 15.12 10.60
CA ALA B 234 4.05 14.02 11.55
C ALA B 234 5.43 13.35 11.56
N GLU B 235 6.18 13.64 12.63
CA GLU B 235 7.29 12.80 13.16
C GLU B 235 7.61 11.48 12.43
N THR B 236 6.66 10.55 12.42
CA THR B 236 6.85 9.22 11.83
C THR B 236 6.42 9.17 10.34
N GLY B 237 6.80 10.22 9.61
CA GLY B 237 6.36 10.39 8.23
C GLY B 237 7.49 10.50 7.25
N GLU B 238 7.45 9.61 6.26
CA GLU B 238 8.43 9.47 5.18
C GLU B 238 8.73 10.70 4.32
N SER B 239 8.25 11.88 4.71
CA SER B 239 8.36 13.05 3.84
C SER B 239 9.10 14.23 4.47
N GLY B 240 10.13 14.70 3.77
CA GLY B 240 10.90 15.84 4.24
C GLY B 240 10.21 17.09 3.76
N VAL B 241 9.69 17.88 4.69
CA VAL B 241 9.05 19.14 4.32
C VAL B 241 9.76 20.37 4.88
N TYR B 242 9.54 21.51 4.22
CA TYR B 242 10.16 22.76 4.58
C TYR B 242 9.12 23.84 4.37
N ILE B 243 8.35 24.12 5.44
CA ILE B 243 7.22 25.03 5.39
C ILE B 243 7.41 26.18 6.34
N ASP B 244 7.02 27.36 5.90
CA ASP B 244 6.85 28.52 6.76
C ASP B 244 5.61 28.32 7.61
N ARG B 245 5.77 28.17 8.93
CA ARG B 245 4.64 27.84 9.85
C ARG B 245 3.36 28.68 9.66
N ASP B 246 3.51 29.96 9.30
CA ASP B 246 2.37 30.78 8.89
C ASP B 246 1.36 29.89 8.16
N VAL B 247 1.85 29.27 7.09
CA VAL B 247 1.08 28.36 6.25
C VAL B 247 0.05 27.49 7.01
N LEU B 248 0.22 27.37 8.33
CA LEU B 248 -0.45 26.30 9.11
C LEU B 248 -1.90 26.48 9.66
N ASN B 249 -2.40 27.71 9.80
CA ASN B 249 -3.83 27.94 10.17
C ASN B 249 -4.60 28.80 9.14
N LEU B 250 -4.50 28.42 7.87
CA LEU B 250 -5.20 29.12 6.81
C LEU B 250 -6.62 28.57 6.67
N PRO B 251 -7.57 29.39 6.18
CA PRO B 251 -8.98 29.00 6.20
C PRO B 251 -9.34 27.99 5.11
N VAL B 252 -10.08 26.95 5.48
CA VAL B 252 -10.52 25.93 4.53
C VAL B 252 -11.91 26.26 3.92
N PRO B 253 -11.95 26.52 2.60
CA PRO B 253 -13.18 26.98 1.95
C PRO B 253 -14.38 26.08 2.29
N ASP B 254 -15.54 26.69 2.56
CA ASP B 254 -16.71 25.96 3.10
C ASP B 254 -17.36 25.04 2.09
N GLU B 255 -18.52 24.45 2.42
CA GLU B 255 -19.24 23.54 1.50
C GLU B 255 -19.82 24.22 0.25
N ASN B 256 -19.82 25.56 0.29
CA ASN B 256 -20.48 26.39 -0.72
C ASN B 256 -19.56 27.19 -1.63
N VAL B 257 -18.27 26.86 -1.62
CA VAL B 257 -17.34 27.41 -2.57
C VAL B 257 -17.88 27.23 -4.01
N ASP B 258 -17.71 28.26 -4.84
CA ASP B 258 -18.26 28.25 -6.19
C ASP B 258 -17.21 27.77 -7.17
N TYR B 259 -17.29 26.49 -7.55
CA TYR B 259 -16.30 25.86 -8.45
C TYR B 259 -16.18 26.39 -9.88
N ASP B 260 -17.23 27.06 -10.37
CA ASP B 260 -17.18 27.70 -11.70
C ASP B 260 -16.68 29.17 -11.63
N GLY B 261 -16.66 29.73 -10.42
CA GLY B 261 -16.10 31.09 -10.19
C GLY B 261 -14.58 31.11 -10.16
N ASP B 262 -13.98 32.29 -9.98
CA ASP B 262 -12.53 32.39 -9.94
C ASP B 262 -12.01 31.87 -8.63
N LEU B 263 -11.28 30.74 -8.71
CA LEU B 263 -10.73 30.10 -7.54
C LEU B 263 -9.35 30.65 -7.17
N THR B 264 -8.77 31.42 -8.08
CA THR B 264 -7.46 32.05 -7.91
C THR B 264 -7.17 32.56 -6.49
N PRO B 265 -8.04 33.43 -5.93
CA PRO B 265 -7.77 33.97 -4.60
C PRO B 265 -7.47 32.94 -3.51
N ILE B 266 -8.07 31.76 -3.57
CA ILE B 266 -7.89 30.75 -2.52
C ILE B 266 -6.55 30.05 -2.71
N ILE B 267 -6.25 29.71 -3.95
CA ILE B 267 -4.97 29.13 -4.27
C ILE B 267 -3.85 30.07 -3.87
N LYS B 268 -3.95 31.33 -4.25
CA LYS B 268 -2.98 32.34 -3.85
C LYS B 268 -2.82 32.45 -2.34
N GLN B 269 -3.93 32.58 -1.62
CA GLN B 269 -3.89 32.54 -0.18
C GLN B 269 -2.97 31.40 0.24
N TRP B 270 -3.22 30.18 -0.26
CA TRP B 270 -2.47 28.98 0.18
C TRP B 270 -1.09 28.75 -0.44
N THR B 271 -0.71 29.57 -1.42
CA THR B 271 0.60 29.45 -2.08
C THR B 271 1.45 30.74 -2.09
N SER B 272 1.01 31.76 -1.35
CA SER B 272 1.78 33.00 -1.24
C SER B 272 2.95 32.76 -0.29
N VAL B 273 2.71 31.90 0.71
CA VAL B 273 3.71 31.39 1.68
C VAL B 273 4.58 30.24 1.08
N TYR B 274 5.91 30.27 1.32
CA TYR B 274 6.85 29.18 0.96
C TYR B 274 6.50 27.83 1.59
N ALA B 275 6.27 26.81 0.76
CA ALA B 275 6.05 25.43 1.25
C ALA B 275 6.54 24.41 0.25
N ALA B 276 7.65 23.74 0.57
CA ALA B 276 8.26 22.80 -0.37
C ALA B 276 8.49 21.44 0.26
N THR B 277 8.33 20.37 -0.52
CA THR B 277 8.84 19.08 -0.09
C THR B 277 10.33 19.13 -0.37
N GLU B 278 11.05 18.09 0.10
CA GLU B 278 12.49 18.05 -0.02
C GLU B 278 12.98 17.90 -1.46
N ASP B 279 12.12 17.40 -2.37
CA ASP B 279 12.53 17.23 -3.77
C ASP B 279 12.68 18.57 -4.49
N VAL B 280 11.96 19.58 -4.02
CA VAL B 280 11.98 20.86 -4.72
C VAL B 280 12.50 21.97 -3.86
N HIS B 281 12.49 21.76 -2.55
CA HIS B 281 13.12 22.68 -1.58
C HIS B 281 14.41 23.27 -2.13
N GLU B 282 14.53 24.58 -2.07
CA GLU B 282 15.78 25.26 -2.36
C GLU B 282 16.02 26.14 -1.16
N PRO B 283 17.30 26.23 -0.73
CA PRO B 283 17.59 26.85 0.57
C PRO B 283 17.82 28.36 0.49
N ALA B 284 18.32 28.87 -0.63
CA ALA B 284 18.38 30.31 -0.82
C ALA B 284 17.00 30.92 -0.44
N ARG B 285 16.01 30.74 -1.33
CA ARG B 285 14.61 31.10 -1.06
C ARG B 285 14.25 30.88 0.41
N TYR B 286 14.00 29.64 0.81
CA TYR B 286 13.60 29.37 2.19
C TYR B 286 13.90 30.54 3.16
N GLU B 287 15.17 30.80 3.44
CA GLU B 287 15.57 31.88 4.37
C GLU B 287 15.08 33.22 3.87
N SER B 288 15.56 33.61 2.68
CA SER B 288 15.25 34.90 2.08
C SER B 288 13.79 35.00 1.57
N GLU B 289 12.87 34.40 2.32
CA GLU B 289 11.43 34.44 2.05
C GLU B 289 10.67 34.06 3.32
N VAL B 290 11.39 33.66 4.37
CA VAL B 290 10.74 33.15 5.58
C VAL B 290 11.27 33.78 6.90
N PRO B 291 10.36 33.97 7.90
CA PRO B 291 10.81 34.28 9.27
C PRO B 291 11.52 33.08 9.90
N GLU B 292 12.70 33.34 10.47
CA GLU B 292 13.51 32.31 11.10
C GLU B 292 12.73 31.57 12.18
N ALA B 293 11.79 32.27 12.81
CA ALA B 293 11.06 31.71 13.94
C ALA B 293 9.97 30.74 13.51
N ASN B 294 9.45 30.96 12.31
CA ASN B 294 8.44 30.07 11.77
C ASN B 294 9.03 28.90 10.99
N ARG B 295 10.09 29.17 10.21
CA ARG B 295 10.86 28.11 9.50
C ARG B 295 10.80 26.84 10.29
N LEU B 296 10.11 25.83 9.76
CA LEU B 296 10.25 24.52 10.33
C LEU B 296 10.45 23.39 9.30
N ASN B 297 11.70 22.98 9.13
CA ASN B 297 12.02 21.69 8.55
C ASN B 297 11.23 20.63 9.34
N THR B 298 10.73 19.60 8.68
CA THR B 298 9.98 18.57 9.41
C THR B 298 9.37 17.43 8.57
N ARG B 299 8.96 16.38 9.24
CA ARG B 299 8.41 15.19 8.62
C ARG B 299 6.90 15.34 8.44
N GLY B 300 6.36 14.58 7.48
CA GLY B 300 4.92 14.50 7.28
C GLY B 300 4.53 13.29 6.44
N ILE B 301 3.24 13.00 6.40
CA ILE B 301 2.68 11.98 5.51
C ILE B 301 2.04 12.64 4.27
N GLU B 302 2.35 12.12 3.09
CA GLU B 302 1.72 12.54 1.83
C GLU B 302 0.43 11.77 1.58
N VAL B 303 -0.69 12.44 1.77
CA VAL B 303 -2.01 11.82 1.60
C VAL B 303 -2.62 12.10 0.22
N GLY B 304 -2.13 13.13 -0.47
CA GLY B 304 -2.61 13.43 -1.80
C GLY B 304 -1.60 14.18 -2.63
N GLN B 305 -1.68 14.05 -3.95
CA GLN B 305 -0.77 14.78 -4.84
C GLN B 305 -1.50 15.22 -6.09
N ILE B 306 -1.21 16.44 -6.54
CA ILE B 306 -1.81 16.99 -7.76
C ILE B 306 -0.72 17.46 -8.74
N PHE B 307 -0.93 17.21 -10.03
CA PHE B 307 0.02 17.52 -11.12
C PHE B 307 -0.72 18.07 -12.35
N TYR B 308 -0.04 18.92 -13.11
CA TYR B 308 -0.49 19.27 -14.44
C TYR B 308 0.63 18.90 -15.35
N PHE B 309 0.37 17.92 -16.22
CA PHE B 309 1.42 17.41 -17.07
C PHE B 309 1.30 17.84 -18.54
N GLY B 310 0.57 18.93 -18.77
CA GLY B 310 0.35 19.43 -20.15
C GLY B 310 -0.02 18.32 -21.13
N THR B 311 0.63 18.32 -22.29
CA THR B 311 0.28 17.39 -23.37
C THR B 311 1.06 16.08 -23.32
N LYS B 312 1.63 15.77 -22.17
CA LYS B 312 2.44 14.56 -22.05
C LYS B 312 1.81 13.39 -22.79
N TYR B 313 0.65 12.92 -22.33
CA TYR B 313 0.03 11.69 -22.85
C TYR B 313 -0.77 11.92 -24.13
N SER B 314 -1.36 13.11 -24.25
CA SER B 314 -2.13 13.44 -25.45
C SER B 314 -1.29 13.50 -26.73
N ASP B 315 -0.03 13.94 -26.62
CA ASP B 315 0.92 13.92 -27.74
C ASP B 315 1.19 12.51 -28.21
N SER B 316 1.81 11.72 -27.35
CA SER B 316 2.21 10.39 -27.71
C SER B 316 1.03 9.47 -27.94
N MET B 317 -0.18 9.91 -27.62
CA MET B 317 -1.34 9.04 -27.81
C MET B 317 -2.41 9.56 -28.72
N LYS B 318 -2.15 10.72 -29.31
CA LYS B 318 -3.01 11.26 -30.35
C LYS B 318 -4.43 11.54 -29.82
N ALA B 319 -4.50 12.10 -28.61
CA ALA B 319 -5.75 12.54 -28.01
C ALA B 319 -5.94 14.01 -28.31
N ASN B 320 -6.50 14.30 -29.47
CA ASN B 320 -6.70 15.68 -29.90
C ASN B 320 -8.17 16.08 -29.83
N VAL B 321 -8.44 17.39 -29.71
CA VAL B 321 -9.79 17.92 -29.89
C VAL B 321 -9.78 19.10 -30.87
N THR B 322 -10.94 19.39 -31.46
CA THR B 322 -11.09 20.57 -32.30
C THR B 322 -11.27 21.79 -31.41
N GLY B 323 -10.36 22.75 -31.57
CA GLY B 323 -10.39 24.01 -30.81
C GLY B 323 -11.38 25.02 -31.36
N PRO B 324 -11.49 26.19 -30.71
CA PRO B 324 -12.36 27.29 -31.20
C PRO B 324 -12.02 27.70 -32.65
N ASP B 325 -10.74 27.92 -32.94
CA ASP B 325 -10.29 28.27 -34.30
C ASP B 325 -10.39 27.13 -35.33
N GLY B 326 -11.37 26.25 -35.14
CA GLY B 326 -11.55 25.07 -36.00
C GLY B 326 -10.38 24.09 -36.13
N THR B 327 -9.24 24.38 -35.48
CA THR B 327 -8.03 23.53 -35.59
C THR B 327 -7.94 22.42 -34.54
N ASP B 328 -7.17 21.39 -34.85
CA ASP B 328 -6.94 20.31 -33.92
C ASP B 328 -5.62 20.42 -33.16
N ALA B 329 -5.71 20.23 -31.84
CA ALA B 329 -4.55 20.32 -30.95
C ALA B 329 -4.71 19.40 -29.74
N PRO B 330 -3.62 18.76 -29.29
CA PRO B 330 -3.68 17.86 -28.14
C PRO B 330 -4.33 18.51 -26.91
N ILE B 331 -4.95 17.70 -26.06
CA ILE B 331 -5.51 18.24 -24.84
C ILE B 331 -4.46 18.37 -23.75
N HIS B 332 -4.72 19.29 -22.82
CA HIS B 332 -3.85 19.50 -21.66
C HIS B 332 -4.44 18.78 -20.46
N GLY B 333 -3.69 17.79 -19.96
CA GLY B 333 -4.12 16.99 -18.84
C GLY B 333 -3.45 17.26 -17.48
N GLY B 334 -4.11 16.80 -16.43
CA GLY B 334 -3.56 16.78 -15.09
C GLY B 334 -4.13 15.57 -14.38
N SER B 335 -3.44 15.09 -13.35
CA SER B 335 -4.00 14.00 -12.56
C SER B 335 -3.97 14.32 -11.08
N TYR B 336 -4.78 13.59 -10.31
CA TYR B 336 -5.05 13.93 -8.91
C TYR B 336 -5.34 12.65 -8.14
N GLY B 337 -4.50 12.38 -7.15
CA GLY B 337 -4.64 11.17 -6.37
C GLY B 337 -4.71 11.41 -4.88
N VAL B 338 -5.40 10.51 -4.20
CA VAL B 338 -5.59 10.59 -2.76
C VAL B 338 -5.35 9.19 -2.30
N GLY B 339 -4.49 9.02 -1.30
CA GLY B 339 -4.23 7.69 -0.76
C GLY B 339 -5.36 7.30 0.15
N VAL B 340 -6.35 6.63 -0.42
CA VAL B 340 -7.53 6.31 0.38
C VAL B 340 -7.09 5.39 1.50
N SER B 341 -6.55 4.21 1.14
CA SER B 341 -6.17 3.24 2.16
C SER B 341 -5.08 3.80 3.07
N ARG B 342 -4.21 4.67 2.54
CA ARG B 342 -3.16 5.27 3.36
C ARG B 342 -3.76 6.22 4.39
N LEU B 343 -4.84 6.90 4.03
CA LEU B 343 -5.43 7.83 4.98
C LEU B 343 -5.74 7.19 6.33
N LEU B 344 -6.09 5.90 6.36
CA LEU B 344 -6.38 5.26 7.65
C LEU B 344 -5.16 5.44 8.50
N GLY B 345 -4.04 4.88 8.05
CA GLY B 345 -2.75 5.07 8.69
C GLY B 345 -2.53 6.51 9.11
N ALA B 346 -2.68 7.45 8.18
CA ALA B 346 -2.31 8.83 8.47
C ALA B 346 -3.25 9.47 9.48
N ILE B 347 -4.52 9.13 9.42
CA ILE B 347 -5.50 9.68 10.39
C ILE B 347 -5.12 9.29 11.84
N ILE B 348 -4.88 8.01 12.06
CA ILE B 348 -4.53 7.50 13.36
C ILE B 348 -3.29 8.20 13.90
N GLU B 349 -2.27 8.33 13.07
CA GLU B 349 -1.01 8.95 13.49
C GLU B 349 -1.23 10.37 14.01
N ALA B 350 -2.24 11.03 13.47
CA ALA B 350 -2.56 12.41 13.84
C ALA B 350 -3.62 12.42 14.92
N CYS B 351 -4.24 11.27 15.16
CA CYS B 351 -5.33 11.15 16.13
C CYS B 351 -5.20 9.88 16.97
N HIS B 352 -4.31 9.93 17.95
CA HIS B 352 -4.16 8.87 18.92
C HIS B 352 -3.65 9.39 20.25
N ASP B 353 -3.84 8.58 21.30
CA ASP B 353 -3.17 8.73 22.59
C ASP B 353 -2.81 7.35 23.15
N ASP B 354 -2.23 7.33 24.34
CA ASP B 354 -1.72 6.09 24.97
C ASP B 354 -2.71 4.93 25.07
N ASN B 355 -4.00 5.22 24.94
CA ASN B 355 -5.03 4.21 25.06
C ASN B 355 -5.62 3.75 23.73
N GLY B 356 -5.33 4.49 22.67
CA GLY B 356 -5.66 4.01 21.34
C GLY B 356 -5.95 5.04 20.27
N ILE B 357 -6.86 4.65 19.37
CA ILE B 357 -7.28 5.49 18.28
C ILE B 357 -8.25 6.51 18.87
N ILE B 358 -8.29 7.71 18.28
CA ILE B 358 -9.37 8.68 18.52
C ILE B 358 -9.88 9.16 17.17
N TRP B 359 -10.92 8.51 16.66
CA TRP B 359 -11.45 8.76 15.34
C TRP B 359 -12.16 10.11 15.27
N PRO B 360 -11.75 10.97 14.31
CA PRO B 360 -12.58 12.12 13.95
C PRO B 360 -14.01 11.68 13.63
N GLU B 361 -15.00 12.56 13.80
CA GLU B 361 -16.39 12.12 13.77
C GLU B 361 -16.75 11.55 12.42
N ALA B 362 -16.33 12.26 11.37
CA ALA B 362 -16.69 11.95 10.00
C ALA B 362 -16.26 10.56 9.54
N VAL B 363 -15.16 10.05 10.08
CA VAL B 363 -14.56 8.80 9.60
C VAL B 363 -14.67 7.63 10.57
N ALA B 364 -15.30 7.85 11.72
CA ALA B 364 -15.47 6.82 12.72
C ALA B 364 -16.29 5.64 12.18
N PRO B 365 -15.92 4.40 12.53
CA PRO B 365 -16.70 3.22 12.20
C PRO B 365 -18.10 3.18 12.85
N PHE B 366 -18.20 3.75 14.06
CA PHE B 366 -19.48 3.92 14.76
C PHE B 366 -19.38 5.25 15.50
N ARG B 367 -20.51 5.90 15.77
CA ARG B 367 -20.46 7.22 16.42
C ARG B 367 -20.41 7.06 17.93
N VAL B 368 -21.10 6.04 18.40
CA VAL B 368 -21.17 5.75 19.82
C VAL B 368 -21.27 4.26 20.08
N THR B 369 -20.59 3.81 21.11
CA THR B 369 -20.70 2.45 21.59
C THR B 369 -21.35 2.37 22.98
N ILE B 370 -22.28 1.44 23.14
CA ILE B 370 -22.91 1.21 24.43
C ILE B 370 -22.19 0.06 25.15
N LEU B 371 -21.57 0.40 26.27
CA LEU B 371 -20.85 -0.54 27.12
C LEU B 371 -21.76 -1.07 28.23
N ASN B 372 -21.98 -2.37 28.25
CA ASN B 372 -22.85 -2.97 29.26
C ASN B 372 -21.99 -3.59 30.34
N LEU B 373 -22.22 -3.14 31.58
CA LEU B 373 -21.28 -3.42 32.65
C LEU B 373 -21.69 -4.56 33.57
N LYS B 374 -22.82 -5.21 33.26
CA LYS B 374 -23.24 -6.44 33.95
C LYS B 374 -24.17 -7.29 33.05
N GLN B 375 -23.56 -7.93 32.05
CA GLN B 375 -24.27 -8.68 31.02
C GLN B 375 -25.10 -9.84 31.56
N GLY B 376 -26.40 -9.85 31.27
CA GLY B 376 -27.27 -10.92 31.76
C GLY B 376 -28.33 -10.45 32.74
N ASP B 377 -28.00 -9.43 33.54
CA ASP B 377 -28.98 -8.69 34.35
C ASP B 377 -30.00 -8.01 33.43
N ALA B 378 -31.26 -8.40 33.56
CA ALA B 378 -32.32 -7.90 32.69
C ALA B 378 -32.53 -6.39 32.80
N ALA B 379 -32.28 -5.83 33.97
CA ALA B 379 -32.42 -4.38 34.19
C ALA B 379 -31.58 -3.54 33.23
N THR B 380 -30.26 -3.75 33.22
CA THR B 380 -29.40 -2.98 32.31
C THR B 380 -29.51 -3.44 30.85
N ASP B 381 -29.61 -4.76 30.64
CA ASP B 381 -29.81 -5.29 29.30
C ASP B 381 -30.93 -4.52 28.59
N ALA B 382 -32.15 -4.58 29.13
CA ALA B 382 -33.30 -3.91 28.52
C ALA B 382 -33.07 -2.42 28.34
N ALA B 383 -32.44 -1.81 29.34
CA ALA B 383 -32.11 -0.39 29.26
C ALA B 383 -31.17 -0.12 28.10
N CYS B 384 -30.27 -1.07 27.84
CA CYS B 384 -29.32 -0.98 26.73
C CYS B 384 -30.00 -1.19 25.37
N ASP B 385 -30.70 -2.30 25.22
CA ASP B 385 -31.50 -2.62 24.03
C ASP B 385 -32.30 -1.42 23.52
N GLN B 386 -33.08 -0.80 24.41
CA GLN B 386 -33.87 0.39 24.07
C GLN B 386 -32.96 1.49 23.51
N LEU B 387 -31.88 1.79 24.24
CA LEU B 387 -30.87 2.73 23.78
C LEU B 387 -30.24 2.32 22.45
N TYR B 388 -30.05 1.02 22.27
CA TYR B 388 -29.51 0.49 21.03
C TYR B 388 -30.48 0.83 19.90
N ARG B 389 -31.75 0.45 20.12
CA ARG B 389 -32.80 0.54 19.09
C ARG B 389 -33.18 1.97 18.73
N GLU B 390 -33.27 2.85 19.75
CA GLU B 390 -33.63 4.25 19.51
C GLU B 390 -32.57 5.04 18.75
N LEU B 391 -31.30 4.88 19.16
CA LEU B 391 -30.17 5.55 18.52
C LEU B 391 -30.02 5.15 17.07
N SER B 392 -30.41 3.91 16.76
CA SER B 392 -30.51 3.41 15.38
C SER B 392 -31.52 4.25 14.61
N ALA B 393 -32.80 4.08 14.97
CA ALA B 393 -33.91 4.84 14.39
C ALA B 393 -33.62 6.33 14.20
N LYS B 394 -32.88 6.94 15.13
CA LYS B 394 -32.50 8.36 15.07
C LYS B 394 -31.34 8.68 14.09
N GLY B 395 -30.94 7.67 13.31
CA GLY B 395 -29.97 7.83 12.23
C GLY B 395 -28.57 8.14 12.73
N VAL B 396 -27.86 7.10 13.17
CA VAL B 396 -26.58 7.22 13.89
C VAL B 396 -25.88 5.86 13.99
N ASP B 397 -24.57 5.86 13.72
CA ASP B 397 -23.78 4.63 13.84
C ASP B 397 -23.62 4.23 15.32
N VAL B 398 -24.18 3.10 15.70
CA VAL B 398 -24.14 2.68 17.10
C VAL B 398 -23.63 1.27 17.25
N LEU B 399 -22.75 1.07 18.22
CA LEU B 399 -22.22 -0.26 18.53
C LEU B 399 -22.54 -0.65 19.98
N TYR B 400 -23.12 -1.83 20.16
CA TYR B 400 -23.42 -2.31 21.50
C TYR B 400 -22.48 -3.44 21.92
N ASP B 401 -21.63 -3.16 22.91
CA ASP B 401 -20.80 -4.19 23.52
C ASP B 401 -21.66 -5.02 24.44
N ASP B 402 -22.26 -6.08 23.90
CA ASP B 402 -23.06 -6.97 24.73
C ASP B 402 -22.30 -8.24 25.10
N THR B 403 -20.98 -8.14 25.15
CA THR B 403 -20.19 -9.35 25.37
C THR B 403 -20.21 -9.81 26.84
N ASP B 404 -19.86 -11.09 27.03
CA ASP B 404 -19.62 -11.72 28.35
C ASP B 404 -18.53 -11.03 29.17
N GLN B 405 -18.04 -9.88 28.72
CA GLN B 405 -16.86 -9.23 29.30
C GLN B 405 -17.25 -8.33 30.45
N ARG B 406 -16.26 -7.99 31.27
CA ARG B 406 -16.44 -7.14 32.44
C ARG B 406 -16.05 -5.69 32.11
N ALA B 407 -16.47 -4.76 32.97
CA ALA B 407 -16.33 -3.32 32.72
C ALA B 407 -14.91 -2.92 32.33
N GLY B 408 -13.94 -3.40 33.09
CA GLY B 408 -12.54 -3.10 32.83
C GLY B 408 -12.19 -3.36 31.37
N ALA B 409 -12.56 -4.55 30.89
CA ALA B 409 -12.30 -5.01 29.52
C ALA B 409 -13.05 -4.19 28.48
N LYS B 410 -14.33 -3.94 28.73
CA LYS B 410 -15.11 -3.11 27.83
C LYS B 410 -14.57 -1.69 27.77
N PHE B 411 -14.07 -1.18 28.88
CA PHE B 411 -13.42 0.12 28.85
C PHE B 411 -12.22 0.12 27.94
N ALA B 412 -11.31 -0.85 28.12
CA ALA B 412 -10.05 -0.89 27.38
C ALA B 412 -10.27 -1.03 25.87
N THR B 413 -11.12 -1.97 25.48
CA THR B 413 -11.52 -2.22 24.09
C THR B 413 -12.15 -0.98 23.45
N ALA B 414 -13.19 -0.44 24.09
CA ALA B 414 -13.87 0.76 23.56
C ALA B 414 -12.97 1.98 23.45
N ASP B 415 -11.93 2.01 24.27
CA ASP B 415 -10.96 3.08 24.25
C ASP B 415 -10.06 2.88 23.04
N LEU B 416 -9.77 1.61 22.76
CA LEU B 416 -8.84 1.20 21.73
C LEU B 416 -9.30 1.62 20.33
N ILE B 417 -10.35 0.94 19.86
CA ILE B 417 -11.00 1.19 18.57
C ILE B 417 -11.49 2.63 18.36
N GLY B 418 -11.44 3.46 19.40
CA GLY B 418 -11.58 4.90 19.22
C GLY B 418 -12.87 5.46 18.64
N ILE B 419 -14.01 4.99 19.15
CA ILE B 419 -15.31 5.57 18.83
C ILE B 419 -15.45 6.90 19.55
N PRO B 420 -15.95 7.97 18.87
CA PRO B 420 -15.97 9.31 19.48
C PRO B 420 -16.75 9.41 20.81
N TRP B 421 -17.68 8.50 21.07
CA TRP B 421 -18.52 8.53 22.27
C TRP B 421 -18.78 7.14 22.84
N GLN B 422 -18.60 7.00 24.15
CA GLN B 422 -18.97 5.75 24.85
C GLN B 422 -20.21 5.98 25.71
N ILE B 423 -21.09 5.00 25.78
CA ILE B 423 -22.20 5.04 26.72
C ILE B 423 -22.07 3.92 27.76
N HIS B 424 -21.82 4.33 29.00
CA HIS B 424 -21.58 3.43 30.13
C HIS B 424 -22.89 3.14 30.87
N VAL B 425 -23.48 1.97 30.59
CA VAL B 425 -24.75 1.58 31.20
C VAL B 425 -24.51 0.54 32.29
N GLY B 426 -25.11 0.78 33.46
CA GLY B 426 -24.98 -0.14 34.60
C GLY B 426 -26.01 0.09 35.71
N PRO B 427 -26.14 -0.87 36.65
CA PRO B 427 -27.18 -0.76 37.68
C PRO B 427 -26.89 0.27 38.78
N ARG B 428 -25.61 0.68 38.91
CA ARG B 428 -25.22 1.78 39.82
C ARG B 428 -25.87 3.09 39.40
N GLY B 429 -25.54 3.57 38.19
CA GLY B 429 -26.20 4.75 37.63
C GLY B 429 -27.66 4.53 37.28
N LEU B 430 -28.01 3.30 36.90
CA LEU B 430 -29.36 2.97 36.44
C LEU B 430 -30.42 2.98 37.56
N ALA B 431 -29.99 2.67 38.78
CA ALA B 431 -30.84 2.84 39.94
C ALA B 431 -31.42 4.26 39.93
N GLU B 432 -30.56 5.26 39.68
CA GLU B 432 -30.98 6.66 39.58
C GLU B 432 -31.50 7.02 38.19
N GLY B 433 -31.85 6.00 37.41
CA GLY B 433 -32.32 6.17 36.03
C GLY B 433 -31.39 7.06 35.21
N LYS B 434 -30.08 6.84 35.38
CA LYS B 434 -29.05 7.64 34.72
C LYS B 434 -27.91 6.79 34.11
N VAL B 435 -27.19 7.36 33.15
CA VAL B 435 -26.04 6.68 32.53
C VAL B 435 -24.90 7.67 32.33
N GLU B 436 -23.67 7.16 32.22
CA GLU B 436 -22.50 8.01 31.96
C GLU B 436 -22.22 8.11 30.46
N LEU B 437 -21.70 9.26 30.06
CA LEU B 437 -21.36 9.55 28.68
C LEU B 437 -19.92 10.08 28.59
N LYS B 438 -19.06 9.31 27.91
CA LYS B 438 -17.64 9.67 27.77
C LYS B 438 -17.31 10.11 26.35
N ARG B 439 -16.72 11.30 26.22
CA ARG B 439 -16.21 11.78 24.95
C ARG B 439 -14.79 11.22 24.83
N ARG B 440 -14.57 10.28 23.91
CA ARG B 440 -13.26 9.64 23.75
C ARG B 440 -12.21 10.68 23.44
N SER B 441 -12.62 11.70 22.70
CA SER B 441 -11.79 12.85 22.34
C SER B 441 -10.83 13.31 23.43
N ASP B 442 -11.31 13.38 24.68
CA ASP B 442 -10.56 13.94 25.83
C ASP B 442 -10.88 13.34 27.21
N GLY B 443 -11.87 12.46 27.29
CA GLY B 443 -12.19 11.79 28.55
C GLY B 443 -13.28 12.45 29.38
N ALA B 444 -13.75 13.62 28.93
CA ALA B 444 -14.84 14.32 29.59
C ALA B 444 -15.98 13.35 29.89
N ARG B 445 -16.43 13.33 31.14
CA ARG B 445 -17.50 12.43 31.58
C ARG B 445 -18.77 13.21 31.93
N GLU B 446 -19.86 12.49 32.20
CA GLU B 446 -21.16 13.13 32.41
C GLU B 446 -22.27 12.13 32.70
N ASN B 447 -22.93 12.29 33.84
CA ASN B 447 -24.16 11.56 34.11
C ASN B 447 -25.35 12.35 33.65
N LEU B 448 -26.26 11.68 32.96
CA LEU B 448 -27.53 12.30 32.63
C LEU B 448 -28.61 11.24 32.44
N ALA B 449 -29.86 11.66 32.58
CA ALA B 449 -31.01 10.75 32.51
C ALA B 449 -31.03 9.89 31.24
N LEU B 450 -31.61 8.71 31.37
CA LEU B 450 -31.76 7.77 30.26
C LEU B 450 -32.53 8.37 29.08
N ALA B 451 -33.24 9.48 29.32
CA ALA B 451 -33.99 10.16 28.26
C ALA B 451 -33.13 11.20 27.53
N ASP B 452 -32.72 12.24 28.24
CA ASP B 452 -31.97 13.38 27.66
C ASP B 452 -30.57 13.03 27.10
N VAL B 453 -30.31 11.74 26.91
CA VAL B 453 -29.05 11.23 26.34
C VAL B 453 -29.07 11.21 24.81
N VAL B 454 -29.98 10.40 24.25
CA VAL B 454 -30.23 10.31 22.80
C VAL B 454 -30.30 11.68 22.15
N ALA B 455 -31.19 12.53 22.65
CA ALA B 455 -31.36 13.88 22.15
C ALA B 455 -30.05 14.70 22.15
N ARG B 456 -29.08 14.32 22.98
CA ARG B 456 -27.80 15.05 23.01
C ARG B 456 -26.79 14.55 21.97
N LEU B 457 -27.13 13.48 21.26
CA LEU B 457 -26.27 12.93 20.21
C LEU B 457 -26.90 13.11 18.83
N THR B 458 -28.18 13.50 18.84
CA THR B 458 -28.98 13.70 17.63
C THR B 458 -29.32 15.18 17.47
N GLY C 18 53.46 7.01 15.92
CA GLY C 18 52.00 7.02 16.21
C GLY C 18 51.39 8.41 16.35
N SER C 19 50.29 8.64 15.60
CA SER C 19 49.61 9.96 15.49
C SER C 19 49.53 10.77 16.76
N HIS C 20 49.69 12.08 16.62
CA HIS C 20 49.62 12.97 17.77
C HIS C 20 49.05 14.29 17.38
N MET C 21 48.09 14.78 18.16
CA MET C 21 47.52 16.09 17.88
C MET C 21 47.16 16.85 19.17
N ARG C 22 47.29 18.17 19.13
CA ARG C 22 46.87 19.03 20.23
C ARG C 22 45.61 19.77 19.84
N LEU C 23 44.60 19.76 20.69
CA LEU C 23 43.31 20.30 20.30
C LEU C 23 43.34 21.78 19.88
N SER C 24 44.25 22.56 20.46
CA SER C 24 44.44 23.96 20.06
C SER C 24 45.06 24.09 18.68
N ARG C 25 45.45 22.98 18.07
CA ARG C 25 46.17 23.00 16.80
C ARG C 25 45.30 22.28 15.78
N PHE C 26 44.17 21.77 16.24
CA PHE C 26 43.30 20.94 15.45
C PHE C 26 42.14 21.79 15.00
N PHE C 27 41.17 21.16 14.35
CA PHE C 27 39.96 21.84 13.92
C PHE C 27 38.84 20.88 14.21
N LEU C 28 38.19 21.07 15.35
CA LEU C 28 37.14 20.16 15.79
C LEU C 28 35.96 20.99 16.24
N PRO C 29 35.08 21.39 15.30
CA PRO C 29 33.99 22.26 15.75
C PRO C 29 32.85 21.47 16.36
N ILE C 30 32.91 21.28 17.68
CA ILE C 30 31.86 20.63 18.45
C ILE C 30 30.56 21.46 18.42
N LEU C 31 29.40 20.79 18.41
CA LEU C 31 28.09 21.46 18.50
C LEU C 31 27.44 21.24 19.87
N LYS C 32 27.01 22.35 20.47
CA LYS C 32 26.35 22.37 21.80
C LYS C 32 25.03 21.62 21.77
N GLU C 33 24.22 21.88 20.73
CA GLU C 33 22.87 21.33 20.64
C GLU C 33 22.77 20.15 19.67
N ASN C 34 21.80 19.27 19.88
CA ASN C 34 21.45 18.23 18.90
C ASN C 34 20.82 18.86 17.65
N PRO C 35 21.44 18.67 16.47
CA PRO C 35 20.89 19.36 15.32
C PRO C 35 19.55 18.75 14.94
N LYS C 36 18.60 19.62 14.65
CA LYS C 36 17.22 19.22 14.45
C LYS C 36 17.08 18.42 13.17
N GLU C 37 17.99 18.65 12.22
CA GLU C 37 17.97 17.89 10.97
C GLU C 37 18.37 16.42 11.08
N ALA C 38 18.97 16.01 12.20
CA ALA C 38 19.34 14.61 12.37
C ALA C 38 18.23 13.80 13.02
N GLU C 39 17.74 12.79 12.32
CA GLU C 39 16.65 12.00 12.85
C GLU C 39 17.17 10.82 13.66
N ILE C 40 18.44 10.49 13.48
CA ILE C 40 19.02 9.34 14.19
C ILE C 40 20.40 9.59 14.81
N VAL C 41 20.75 8.68 15.70
CA VAL C 41 21.86 8.82 16.61
C VAL C 41 23.18 9.04 15.88
N SER C 42 23.53 8.14 14.97
CA SER C 42 24.80 8.28 14.28
C SER C 42 24.92 9.61 13.56
N HIS C 43 23.86 10.09 12.93
CA HIS C 43 23.94 11.33 12.16
C HIS C 43 24.16 12.51 13.11
N ARG C 44 23.39 12.52 14.20
CA ARG C 44 23.42 13.55 15.23
C ARG C 44 24.80 13.64 15.90
N LEU C 45 25.34 12.47 16.22
CA LEU C 45 26.64 12.41 16.87
C LEU C 45 27.75 12.84 15.95
N MET C 46 27.73 12.36 14.70
CA MET C 46 28.79 12.77 13.78
C MET C 46 28.80 14.28 13.59
N LEU C 47 27.62 14.89 13.66
CA LEU C 47 27.51 16.35 13.52
C LEU C 47 27.92 17.01 14.84
N ARG C 48 27.42 16.50 15.97
CA ARG C 48 27.83 17.11 17.23
C ARG C 48 29.35 17.02 17.45
N ALA C 49 29.94 15.92 16.98
CA ALA C 49 31.33 15.58 17.30
C ALA C 49 32.29 16.19 16.32
N GLY C 50 31.79 17.09 15.49
CA GLY C 50 32.59 17.78 14.49
C GLY C 50 33.30 16.84 13.52
N MET C 51 32.59 15.79 13.08
CA MET C 51 33.12 14.84 12.11
C MET C 51 32.64 15.12 10.65
N LEU C 52 31.47 15.77 10.53
CA LEU C 52 30.75 15.81 9.28
C LEU C 52 30.15 17.19 9.00
N ARG C 53 30.12 17.59 7.73
CA ARG C 53 29.30 18.71 7.33
C ARG C 53 28.58 18.41 6.01
N GLN C 54 27.28 18.72 5.98
CA GLN C 54 26.48 18.52 4.79
C GLN C 54 26.76 19.63 3.81
N GLU C 55 26.95 19.29 2.53
CA GLU C 55 27.26 20.28 1.51
C GLU C 55 26.17 20.29 0.46
N ALA C 56 25.45 19.21 0.37
CA ALA C 56 24.23 19.15 -0.41
C ALA C 56 23.53 17.89 0.07
N ALA C 57 22.25 17.73 -0.24
CA ALA C 57 21.52 16.53 0.13
C ALA C 57 22.35 15.25 -0.16
N GLY C 58 22.59 14.46 0.87
CA GLY C 58 23.37 13.24 0.76
C GLY C 58 24.83 13.38 0.34
N ILE C 59 25.38 14.61 0.42
CA ILE C 59 26.77 14.88 0.00
C ILE C 59 27.52 15.64 1.07
N TYR C 60 28.66 15.12 1.53
CA TYR C 60 29.29 15.65 2.75
C TYR C 60 30.77 15.96 2.69
N ALA C 61 31.19 16.80 3.62
CA ALA C 61 32.59 16.96 3.88
C ALA C 61 32.86 16.16 5.11
N TRP C 62 34.03 15.54 5.13
CA TRP C 62 34.51 14.83 6.30
C TRP C 62 35.51 15.74 6.95
N LEU C 63 35.16 16.22 8.14
CA LEU C 63 36.03 17.11 8.86
C LEU C 63 37.15 16.30 9.49
N PRO C 64 38.22 16.97 9.94
CA PRO C 64 39.45 16.26 10.34
C PRO C 64 39.23 15.04 11.22
N LEU C 65 38.42 15.15 12.27
CA LEU C 65 38.22 14.00 13.14
C LEU C 65 37.51 12.90 12.38
N GLY C 66 36.58 13.29 11.52
CA GLY C 66 35.78 12.36 10.72
C GLY C 66 36.64 11.62 9.71
N HIS C 67 37.50 12.39 9.02
CA HIS C 67 38.43 11.84 8.08
C HIS C 67 39.35 10.78 8.68
N ARG C 68 39.73 10.94 9.96
CA ARG C 68 40.65 9.96 10.50
C ARG C 68 39.98 8.61 10.66
N VAL C 69 38.74 8.60 11.14
CA VAL C 69 38.06 7.31 11.23
C VAL C 69 37.92 6.70 9.84
N LEU C 70 37.46 7.51 8.87
CA LEU C 70 37.29 7.02 7.50
C LEU C 70 38.56 6.28 7.03
N LYS C 71 39.71 6.96 7.16
CA LYS C 71 41.00 6.36 6.85
C LYS C 71 41.23 5.02 7.58
N LYS C 72 41.10 5.02 8.91
CA LYS C 72 41.26 3.79 9.67
C LYS C 72 40.41 2.64 9.09
N ILE C 73 39.12 2.92 8.84
CA ILE C 73 38.22 1.94 8.26
C ILE C 73 38.75 1.49 6.90
N GLU C 74 39.13 2.46 6.09
CA GLU C 74 39.65 2.18 4.76
C GLU C 74 40.83 1.17 4.87
N GLN C 75 41.85 1.54 5.65
CA GLN C 75 43.04 0.69 5.90
C GLN C 75 42.73 -0.74 6.37
N ILE C 76 41.70 -0.91 7.20
CA ILE C 76 41.32 -2.26 7.66
C ILE C 76 40.74 -3.04 6.48
N VAL C 77 39.95 -2.36 5.65
CA VAL C 77 39.37 -3.02 4.49
C VAL C 77 40.50 -3.42 3.53
N ARG C 78 41.41 -2.48 3.25
CA ARG C 78 42.54 -2.77 2.35
C ARG C 78 43.32 -3.96 2.85
N GLU C 79 43.85 -3.87 4.07
CA GLU C 79 44.55 -5.01 4.70
C GLU C 79 43.88 -6.36 4.51
N GLU C 80 42.58 -6.45 4.81
CA GLU C 80 41.90 -7.75 4.68
C GLU C 80 41.68 -8.24 3.21
N GLN C 81 41.45 -7.32 2.26
CA GLN C 81 41.44 -7.65 0.84
C GLN C 81 42.76 -8.23 0.40
N ASN C 82 43.85 -7.60 0.83
CA ASN C 82 45.18 -8.08 0.43
C ASN C 82 45.46 -9.50 0.96
N ARG C 83 45.15 -9.73 2.23
CA ARG C 83 45.32 -11.05 2.82
C ARG C 83 44.52 -12.09 2.03
N ALA C 84 43.32 -11.71 1.63
CA ALA C 84 42.47 -12.58 0.84
C ALA C 84 42.96 -12.78 -0.63
N GLY C 85 43.96 -12.02 -1.08
CA GLY C 85 44.56 -12.31 -2.38
C GLY C 85 44.19 -11.34 -3.49
N ALA C 86 43.44 -10.30 -3.14
CA ALA C 86 42.90 -9.30 -4.08
C ALA C 86 43.96 -8.24 -4.39
N ILE C 87 43.87 -7.61 -5.56
CA ILE C 87 44.89 -6.65 -5.99
C ILE C 87 44.29 -5.27 -6.18
N GLU C 88 44.79 -4.29 -5.42
CA GLU C 88 44.25 -2.94 -5.44
C GLU C 88 44.65 -2.17 -6.70
N LEU C 89 43.69 -1.48 -7.31
CA LEU C 89 43.98 -0.45 -8.30
C LEU C 89 42.96 0.66 -8.07
N LEU C 90 42.94 1.65 -8.96
CA LEU C 90 41.92 2.67 -8.85
C LEU C 90 41.31 3.00 -10.20
N MET C 91 39.99 2.84 -10.28
CA MET C 91 39.20 3.28 -11.43
C MET C 91 38.71 4.71 -11.21
N PRO C 92 38.42 5.45 -12.30
CA PRO C 92 37.99 6.84 -12.15
C PRO C 92 36.58 6.96 -11.62
N THR C 93 36.20 8.18 -11.27
CA THR C 93 34.83 8.47 -10.86
C THR C 93 33.89 8.66 -12.07
N LEU C 94 34.43 9.12 -13.18
CA LEU C 94 33.60 9.33 -14.35
C LEU C 94 33.80 8.21 -15.37
N GLN C 95 32.69 7.65 -15.85
CA GLN C 95 32.73 6.62 -16.87
C GLN C 95 31.97 7.06 -18.12
N LEU C 96 32.18 6.37 -19.24
CA LEU C 96 31.57 6.71 -20.52
C LEU C 96 30.28 5.94 -20.71
N ALA C 97 29.23 6.61 -21.16
CA ALA C 97 27.93 5.96 -21.27
C ALA C 97 27.96 4.77 -22.22
N ASP C 98 28.81 4.87 -23.26
CA ASP C 98 29.04 3.77 -24.20
C ASP C 98 29.33 2.45 -23.45
N LEU C 99 30.31 2.49 -22.57
CA LEU C 99 30.65 1.33 -21.78
C LEU C 99 29.42 0.59 -21.24
N TRP C 100 28.45 1.34 -20.76
CA TRP C 100 27.24 0.77 -20.19
C TRP C 100 26.22 0.41 -21.27
N ARG C 101 26.35 1.03 -22.44
CA ARG C 101 25.52 0.59 -23.54
C ARG C 101 25.89 -0.84 -23.87
N GLU C 102 27.19 -1.12 -23.93
CA GLU C 102 27.69 -2.48 -24.11
C GLU C 102 27.07 -3.53 -23.18
N SER C 103 26.48 -3.09 -22.08
CA SER C 103 25.87 -4.00 -21.11
C SER C 103 24.37 -3.97 -21.17
N GLY C 104 23.84 -2.85 -21.63
CA GLY C 104 22.41 -2.65 -21.61
C GLY C 104 22.00 -2.24 -20.22
N ARG C 105 22.99 -1.90 -19.38
CA ARG C 105 22.71 -1.35 -18.07
C ARG C 105 22.44 0.16 -18.13
N TYR C 106 22.87 0.83 -19.20
CA TYR C 106 22.66 2.28 -19.28
C TYR C 106 21.25 2.58 -18.90
N ASP C 107 20.33 2.35 -19.84
CA ASP C 107 18.93 2.73 -19.62
C ASP C 107 18.26 1.91 -18.53
N ALA C 108 18.97 0.93 -17.98
CA ALA C 108 18.35 0.05 -17.00
C ALA C 108 18.87 0.22 -15.57
N TYR C 109 19.58 1.31 -15.31
CA TYR C 109 19.98 1.62 -13.93
C TYR C 109 18.97 2.52 -13.21
N GLY C 110 18.18 3.23 -14.01
CA GLY C 110 17.15 4.10 -13.49
C GLY C 110 17.70 5.47 -13.14
N PRO C 111 16.90 6.25 -12.40
CA PRO C 111 17.26 7.63 -12.14
C PRO C 111 18.36 7.82 -11.07
N GLU C 112 18.79 6.76 -10.39
CA GLU C 112 19.96 6.88 -9.51
C GLU C 112 21.30 7.06 -10.27
N MET C 113 21.29 6.96 -11.58
CA MET C 113 22.53 7.17 -12.27
C MET C 113 22.66 8.63 -12.53
N LEU C 114 23.83 9.21 -12.26
CA LEU C 114 23.97 10.64 -12.50
C LEU C 114 24.63 10.80 -13.85
N ARG C 115 23.85 11.21 -14.84
CA ARG C 115 24.38 11.40 -16.20
C ARG C 115 24.96 12.77 -16.36
N ILE C 116 25.92 12.90 -17.25
CA ILE C 116 26.76 14.09 -17.33
C ILE C 116 27.17 14.31 -18.79
N ALA C 117 26.92 15.49 -19.34
CA ALA C 117 27.43 15.78 -20.70
C ALA C 117 28.64 16.69 -20.59
N ASP C 118 29.78 16.31 -21.16
CA ASP C 118 30.92 17.25 -21.11
C ASP C 118 30.81 18.32 -22.19
N ARG C 119 31.80 19.19 -22.28
CA ARG C 119 31.72 20.29 -23.22
C ARG C 119 31.54 19.83 -24.67
N HIS C 120 31.90 18.59 -24.96
CA HIS C 120 31.80 18.13 -26.32
C HIS C 120 30.54 17.33 -26.52
N LYS C 121 29.66 17.30 -25.53
CA LYS C 121 28.36 16.62 -25.67
C LYS C 121 28.43 15.10 -25.54
N ARG C 122 29.63 14.58 -25.29
CA ARG C 122 29.82 13.18 -24.99
C ARG C 122 29.13 12.80 -23.69
N GLU C 123 28.38 11.70 -23.69
CA GLU C 123 27.66 11.34 -22.48
C GLU C 123 28.55 10.56 -21.52
N LEU C 124 28.81 11.16 -20.36
CA LEU C 124 29.54 10.53 -19.25
C LEU C 124 28.59 10.21 -18.11
N LEU C 125 29.04 9.43 -17.14
CA LEU C 125 28.25 9.23 -15.91
C LEU C 125 29.16 9.20 -14.69
N TYR C 126 28.58 9.31 -13.49
CA TYR C 126 29.36 9.24 -12.25
C TYR C 126 29.14 7.85 -11.73
N GLY C 127 30.15 7.01 -11.83
CA GLY C 127 30.04 5.58 -11.51
C GLY C 127 29.40 5.30 -10.18
N PRO C 128 28.23 4.62 -10.20
CA PRO C 128 27.54 4.01 -9.07
C PRO C 128 28.15 2.66 -8.65
N THR C 129 28.95 2.11 -9.55
CA THR C 129 29.60 0.81 -9.42
C THR C 129 30.50 0.62 -10.64
N ASN C 130 31.13 -0.55 -10.77
CA ASN C 130 32.21 -0.70 -11.74
C ASN C 130 32.27 -2.03 -12.49
N GLU C 131 31.27 -2.88 -12.34
CA GLU C 131 31.23 -4.14 -13.10
C GLU C 131 31.74 -4.03 -14.56
N GLU C 132 31.10 -3.20 -15.37
CA GLU C 132 31.48 -3.03 -16.79
C GLU C 132 32.93 -2.61 -16.98
N MET C 133 33.35 -1.57 -16.27
CA MET C 133 34.69 -0.98 -16.41
C MET C 133 35.79 -1.94 -15.98
N ILE C 134 35.53 -2.75 -14.96
CA ILE C 134 36.58 -3.68 -14.55
C ILE C 134 36.71 -4.78 -15.60
N THR C 135 35.57 -5.17 -16.16
CA THR C 135 35.52 -6.10 -17.25
C THR C 135 36.22 -5.49 -18.45
N GLU C 136 35.97 -4.21 -18.68
CA GLU C 136 36.65 -3.48 -19.72
C GLU C 136 38.13 -3.68 -19.51
N ILE C 137 38.63 -3.35 -18.32
CA ILE C 137 40.05 -3.51 -17.99
C ILE C 137 40.51 -4.97 -18.13
N PHE C 138 39.78 -5.89 -17.53
CA PHE C 138 40.15 -7.30 -17.64
C PHE C 138 40.39 -7.75 -19.07
N ARG C 139 39.40 -7.54 -19.94
CA ARG C 139 39.43 -8.06 -21.30
C ARG C 139 40.50 -7.44 -22.18
N ALA C 140 41.07 -6.33 -21.75
CA ALA C 140 42.14 -5.70 -22.51
C ALA C 140 43.43 -6.50 -22.47
N TYR C 141 43.65 -7.21 -21.36
CA TYR C 141 44.97 -7.70 -20.97
C TYR C 141 44.99 -9.19 -20.60
N ILE C 142 43.84 -9.74 -20.23
CA ILE C 142 43.81 -11.10 -19.74
C ILE C 142 43.18 -11.98 -20.81
N LYS C 143 43.90 -13.05 -21.15
CA LYS C 143 43.50 -13.94 -22.24
C LYS C 143 43.46 -15.45 -21.87
N SER C 144 44.18 -15.83 -20.82
CA SER C 144 44.37 -17.26 -20.48
C SER C 144 43.80 -17.68 -19.13
N TYR C 145 43.29 -18.92 -19.04
CA TYR C 145 42.86 -19.48 -17.76
C TYR C 145 44.02 -19.46 -16.73
N LYS C 146 45.26 -19.34 -17.22
CA LYS C 146 46.46 -19.31 -16.37
C LYS C 146 46.62 -18.06 -15.51
N SER C 147 45.84 -17.02 -15.77
CA SER C 147 45.98 -15.78 -15.01
C SER C 147 45.01 -15.78 -13.85
N LEU C 148 44.18 -16.81 -13.77
CA LEU C 148 43.06 -16.87 -12.81
C LEU C 148 43.29 -17.92 -11.72
N PRO C 149 42.63 -17.79 -10.55
CA PRO C 149 41.68 -16.73 -10.22
C PRO C 149 42.38 -15.39 -10.08
N LEU C 150 41.60 -14.32 -10.23
CA LEU C 150 42.08 -12.96 -10.12
C LEU C 150 41.00 -12.12 -9.53
N ASN C 151 41.38 -11.20 -8.65
CA ASN C 151 40.46 -10.29 -7.98
C ASN C 151 41.08 -8.93 -7.93
N LEU C 152 40.44 -7.96 -8.57
CA LEU C 152 40.98 -6.62 -8.57
C LEU C 152 40.03 -5.75 -7.81
N TYR C 153 40.55 -4.83 -7.01
CA TYR C 153 39.66 -3.98 -6.27
C TYR C 153 40.15 -2.56 -6.16
N HIS C 154 39.20 -1.67 -5.83
CA HIS C 154 39.53 -0.29 -5.48
C HIS C 154 38.67 0.26 -4.35
N ILE C 155 39.09 1.38 -3.82
CA ILE C 155 38.31 2.13 -2.86
C ILE C 155 38.21 3.54 -3.43
N GLN C 156 37.00 3.88 -3.83
CA GLN C 156 36.73 5.01 -4.72
C GLN C 156 35.35 5.55 -4.48
N TRP C 157 35.18 6.83 -4.80
CA TRP C 157 33.91 7.48 -4.54
C TRP C 157 32.89 7.10 -5.56
N LYS C 158 31.67 6.96 -5.11
CA LYS C 158 30.59 6.57 -6.00
C LYS C 158 29.48 7.54 -5.85
N PHE C 159 28.59 7.56 -6.81
CA PHE C 159 27.38 8.36 -6.66
C PHE C 159 26.16 7.53 -6.99
N ARG C 160 25.20 7.54 -6.08
CA ARG C 160 23.86 7.07 -6.42
C ARG C 160 22.89 8.23 -6.14
N ASP C 161 22.11 8.61 -7.15
CA ASP C 161 21.17 9.70 -6.97
C ASP C 161 19.96 9.23 -6.24
N GLU C 162 20.16 8.87 -4.99
CA GLU C 162 19.10 8.43 -4.09
C GLU C 162 18.01 9.50 -4.03
N GLN C 163 16.79 9.07 -4.32
CA GLN C 163 15.66 9.99 -4.37
C GLN C 163 15.70 10.97 -3.20
N ARG C 164 15.74 10.41 -2.00
CA ARG C 164 15.63 11.17 -0.76
C ARG C 164 16.83 10.89 0.14
N PRO C 165 17.91 11.63 -0.06
CA PRO C 165 19.05 11.38 0.78
C PRO C 165 18.63 11.53 2.23
N ARG C 166 18.76 10.46 3.01
CA ARG C 166 18.47 10.48 4.44
C ARG C 166 19.61 9.92 5.29
N PHE C 167 19.54 10.19 6.58
CA PHE C 167 20.37 9.53 7.59
C PHE C 167 21.89 9.76 7.49
N GLY C 168 22.28 11.01 7.31
CA GLY C 168 23.68 11.35 7.11
C GLY C 168 24.35 10.34 6.21
N VAL C 169 25.45 9.76 6.68
CA VAL C 169 26.32 8.97 5.81
C VAL C 169 25.77 7.62 5.51
N MET C 170 24.55 7.35 5.94
CA MET C 170 23.98 6.02 5.79
C MET C 170 23.11 5.79 4.54
N ARG C 171 22.34 6.80 4.16
CA ARG C 171 21.69 6.77 2.87
C ARG C 171 21.87 8.12 2.12
N GLY C 172 23.13 8.45 1.83
CA GLY C 172 23.42 9.64 1.04
C GLY C 172 23.53 9.33 -0.44
N ARG C 173 24.29 10.17 -1.13
CA ARG C 173 24.47 10.04 -2.56
C ARG C 173 25.94 9.88 -2.96
N GLU C 174 26.82 10.71 -2.42
CA GLU C 174 28.27 10.52 -2.60
C GLU C 174 28.79 9.68 -1.43
N PHE C 175 29.28 8.48 -1.74
CA PHE C 175 29.71 7.52 -0.70
C PHE C 175 30.93 6.73 -1.13
N LEU C 176 31.58 6.04 -0.18
CA LEU C 176 32.85 5.39 -0.47
C LEU C 176 32.67 3.92 -0.43
N MET C 177 33.07 3.26 -1.50
CA MET C 177 33.02 1.82 -1.54
C MET C 177 34.37 1.23 -1.81
N LYS C 178 34.63 0.13 -1.13
CA LYS C 178 35.59 -0.85 -1.59
C LYS C 178 34.74 -1.79 -2.43
N ASP C 179 34.90 -1.71 -3.74
CA ASP C 179 34.36 -2.70 -4.64
C ASP C 179 35.47 -3.45 -5.35
N ALA C 180 35.39 -4.77 -5.21
CA ALA C 180 36.31 -5.76 -5.76
C ALA C 180 35.56 -6.71 -6.66
N TYR C 181 36.31 -7.32 -7.58
CA TYR C 181 35.74 -8.04 -8.70
C TYR C 181 36.60 -9.27 -8.95
N SER C 182 35.99 -10.45 -8.86
CA SER C 182 36.70 -11.71 -9.14
C SER C 182 36.47 -12.19 -10.55
N PHE C 183 37.44 -12.93 -11.06
CA PHE C 183 37.45 -13.44 -12.41
C PHE C 183 37.89 -14.92 -12.40
N ASP C 184 37.06 -15.82 -12.93
CA ASP C 184 37.38 -17.26 -12.93
C ASP C 184 37.02 -17.90 -14.26
N VAL C 185 37.50 -19.12 -14.44
CA VAL C 185 37.27 -19.88 -15.65
C VAL C 185 35.87 -20.49 -15.64
N ASP C 186 35.38 -20.87 -14.47
CA ASP C 186 34.12 -21.61 -14.37
C ASP C 186 33.36 -21.32 -13.07
N GLU C 187 32.10 -21.74 -12.99
CA GLU C 187 31.34 -21.60 -11.75
C GLU C 187 32.13 -22.10 -10.54
N ALA C 188 32.80 -23.26 -10.67
CA ALA C 188 33.59 -23.82 -9.55
C ALA C 188 34.62 -22.82 -8.96
N GLY C 189 35.51 -22.31 -9.80
CA GLY C 189 36.54 -21.38 -9.38
C GLY C 189 35.96 -20.14 -8.74
N ALA C 190 34.89 -19.61 -9.33
CA ALA C 190 34.22 -18.43 -8.80
C ALA C 190 33.60 -18.70 -7.45
N ARG C 191 33.11 -19.91 -7.22
CA ARG C 191 32.61 -20.23 -5.89
C ARG C 191 33.74 -20.17 -4.90
N LYS C 192 34.95 -20.53 -5.32
CA LYS C 192 36.10 -20.43 -4.43
C LYS C 192 36.41 -18.97 -4.09
N SER C 193 36.43 -18.15 -5.13
CA SER C 193 36.62 -16.72 -5.03
C SER C 193 35.60 -16.06 -4.10
N TYR C 194 34.30 -16.34 -4.32
CA TYR C 194 33.24 -15.89 -3.45
C TYR C 194 33.59 -16.18 -1.99
N ASN C 195 33.85 -17.46 -1.65
CA ASN C 195 34.19 -17.88 -0.27
C ASN C 195 35.39 -17.12 0.33
N LYS C 196 36.44 -16.92 -0.47
CA LYS C 196 37.56 -16.12 -0.02
C LYS C 196 37.03 -14.77 0.47
N MET C 197 36.22 -14.10 -0.36
CA MET C 197 35.67 -12.81 0.02
C MET C 197 34.78 -12.90 1.29
N PHE C 198 33.95 -13.94 1.34
CA PHE C 198 33.12 -14.23 2.49
C PHE C 198 33.93 -14.21 3.81
N VAL C 199 35.03 -14.97 3.85
CA VAL C 199 35.89 -15.03 5.04
C VAL C 199 36.50 -13.64 5.30
N ALA C 200 37.01 -13.02 4.24
CA ALA C 200 37.55 -11.66 4.30
C ALA C 200 36.58 -10.67 4.96
N TYR C 201 35.29 -10.85 4.68
CA TYR C 201 34.28 -9.97 5.24
C TYR C 201 34.06 -10.29 6.71
N LEU C 202 34.00 -11.59 7.02
CA LEU C 202 33.93 -11.99 8.41
C LEU C 202 35.09 -11.33 9.19
N ARG C 203 36.28 -11.29 8.59
CA ARG C 203 37.41 -10.66 9.28
C ARG C 203 37.24 -9.13 9.33
N THR C 204 36.97 -8.52 8.16
CA THR C 204 36.82 -7.05 8.08
C THR C 204 35.94 -6.42 9.18
N PHE C 205 34.76 -6.98 9.42
CA PHE C 205 33.81 -6.29 10.28
C PHE C 205 34.14 -6.60 11.73
N ALA C 206 34.61 -7.82 12.00
CA ALA C 206 35.07 -8.20 13.36
C ALA C 206 36.19 -7.29 13.81
N ARG C 207 37.12 -6.99 12.91
CA ARG C 207 38.23 -6.10 13.24
C ARG C 207 37.73 -4.71 13.63
N MET C 208 36.49 -4.41 13.24
CA MET C 208 35.87 -3.12 13.54
C MET C 208 35.01 -3.21 14.78
N GLY C 209 34.99 -4.39 15.40
CA GLY C 209 34.19 -4.63 16.59
C GLY C 209 32.72 -4.79 16.28
N LEU C 210 32.38 -5.12 15.03
CA LEU C 210 30.98 -5.30 14.60
C LEU C 210 30.61 -6.75 14.34
N LYS C 211 29.33 -7.05 14.58
CA LYS C 211 28.82 -8.38 14.30
C LYS C 211 27.94 -8.31 13.06
N ALA C 212 28.58 -7.98 11.95
CA ALA C 212 27.90 -7.98 10.68
C ALA C 212 27.58 -9.42 10.34
N ILE C 213 26.32 -9.69 10.07
CA ILE C 213 25.89 -11.07 9.86
C ILE C 213 25.63 -11.40 8.38
N PRO C 214 26.29 -12.45 7.89
CA PRO C 214 26.04 -12.87 6.53
C PRO C 214 24.65 -13.51 6.42
N MET C 215 23.73 -12.88 5.69
CA MET C 215 22.47 -13.56 5.36
C MET C 215 22.12 -13.49 3.89
N ARG C 216 21.36 -14.49 3.44
CA ARG C 216 20.99 -14.69 2.04
C ARG C 216 20.23 -13.48 1.52
N ALA C 217 20.42 -13.16 0.24
N ALA C 217 20.36 -13.18 0.22
CA ALA C 217 20.00 -11.89 -0.31
CA ALA C 217 19.88 -11.88 -0.32
C ALA C 217 19.58 -12.01 -1.77
C ALA C 217 19.46 -11.82 -1.80
N GLU C 218 18.63 -11.14 -2.15
N GLU C 218 19.57 -10.62 -2.39
CA GLU C 218 18.01 -11.18 -3.47
CA GLU C 218 19.02 -10.30 -3.72
C GLU C 218 18.87 -11.75 -4.59
C GLU C 218 20.03 -9.53 -4.59
N THR C 219 18.22 -12.49 -5.49
N THR C 219 19.90 -9.64 -5.91
CA THR C 219 18.89 -13.20 -6.58
CA THR C 219 20.89 -9.09 -6.84
C THR C 219 18.48 -12.65 -7.96
C THR C 219 20.44 -7.82 -7.56
N GLY C 220 19.19 -13.10 -8.98
N GLY C 220 19.27 -7.30 -7.21
CA GLY C 220 18.76 -12.88 -10.36
CA GLY C 220 18.82 -6.09 -7.87
C GLY C 220 17.68 -13.89 -10.64
C GLY C 220 19.69 -5.91 -9.11
N PRO C 221 17.42 -14.17 -11.94
N PRO C 221 20.19 -4.68 -9.33
CA PRO C 221 16.46 -15.19 -12.39
CA PRO C 221 20.88 -4.31 -10.56
C PRO C 221 16.86 -16.63 -12.02
C PRO C 221 22.13 -5.11 -10.89
N ILE C 222 18.07 -17.04 -12.40
N ILE C 222 22.73 -5.75 -9.89
CA ILE C 222 18.52 -18.41 -12.13
CA ILE C 222 24.08 -6.34 -10.04
C ILE C 222 18.24 -18.84 -10.67
C ILE C 222 24.08 -7.65 -10.81
N GLY C 223 18.08 -17.86 -9.78
N GLY C 223 23.05 -8.45 -10.62
CA GLY C 223 18.00 -18.15 -8.36
CA GLY C 223 22.83 -9.66 -11.44
C GLY C 223 19.39 -18.39 -7.81
C GLY C 223 23.13 -10.96 -10.73
N GLY C 224 19.60 -19.54 -7.18
N GLY C 224 22.90 -12.07 -11.43
CA GLY C 224 20.92 -19.91 -6.64
CA GLY C 224 23.31 -13.40 -10.93
C GLY C 224 21.18 -19.49 -5.20
C GLY C 224 22.41 -14.05 -9.89
N ASP C 225 22.37 -19.84 -4.70
N ASP C 225 22.83 -15.21 -9.39
CA ASP C 225 22.67 -19.64 -3.27
CA ASP C 225 22.00 -16.02 -8.49
C ASP C 225 23.64 -18.48 -2.96
C ASP C 225 22.55 -16.33 -7.09
N LEU C 226 24.33 -17.97 -3.98
N LEU C 226 23.81 -16.03 -6.81
CA LEU C 226 25.46 -17.04 -3.76
CA LEU C 226 24.29 -16.13 -5.43
C LEU C 226 25.08 -15.55 -3.72
C LEU C 226 24.64 -14.74 -4.89
N SER C 227 24.25 -15.17 -2.77
N SER C 227 24.18 -14.47 -3.67
CA SER C 227 24.04 -13.75 -2.50
CA SER C 227 24.53 -13.25 -2.96
C SER C 227 23.94 -13.52 -1.01
C SER C 227 24.33 -13.45 -1.46
N HIS C 228 25.00 -12.98 -0.42
N HIS C 228 25.08 -12.68 -0.69
CA HIS C 228 24.95 -12.63 0.99
CA HIS C 228 24.87 -12.55 0.75
C HIS C 228 25.12 -11.15 1.19
C HIS C 228 25.06 -11.09 1.12
N GLU C 229 24.37 -10.63 2.15
CA GLU C 229 24.55 -9.29 2.66
C GLU C 229 25.07 -9.49 4.03
N PHE C 230 26.07 -8.69 4.39
CA PHE C 230 26.60 -8.68 5.74
C PHE C 230 25.93 -7.57 6.52
N ILE C 231 25.14 -7.94 7.52
CA ILE C 231 24.28 -6.96 8.16
C ILE C 231 24.53 -6.84 9.63
N VAL C 232 24.57 -5.59 10.11
CA VAL C 232 24.78 -5.25 11.53
C VAL C 232 23.40 -5.02 12.13
N LEU C 233 22.98 -5.88 13.05
CA LEU C 233 21.67 -5.74 13.69
C LEU C 233 21.56 -4.37 14.30
N ALA C 234 20.39 -3.75 14.22
CA ALA C 234 20.21 -2.40 14.73
C ALA C 234 18.77 -1.90 14.63
N GLU C 235 18.28 -1.32 15.74
CA GLU C 235 16.96 -0.67 15.85
C GLU C 235 16.66 0.32 14.71
N THR C 236 17.65 1.15 14.34
CA THR C 236 17.50 2.15 13.25
C THR C 236 18.02 1.64 11.91
N GLY C 237 17.95 0.34 11.69
CA GLY C 237 18.33 -0.22 10.41
C GLY C 237 17.21 -0.13 9.38
N GLU C 238 17.60 0.01 8.11
CA GLU C 238 16.64 0.12 7.03
C GLU C 238 16.38 -1.21 6.32
N SER C 239 16.93 -2.29 6.87
CA SER C 239 16.76 -3.62 6.30
C SER C 239 16.02 -4.46 7.32
N GLY C 240 15.03 -5.21 6.88
CA GLY C 240 14.32 -6.14 7.74
C GLY C 240 14.98 -7.49 7.63
N VAL C 241 15.46 -8.01 8.76
CA VAL C 241 16.09 -9.34 8.81
C VAL C 241 15.33 -10.27 9.74
N TYR C 242 15.45 -11.57 9.47
CA TYR C 242 14.88 -12.59 10.30
C TYR C 242 15.94 -13.68 10.48
N ILE C 243 16.47 -13.79 11.69
CA ILE C 243 17.60 -14.68 11.96
C ILE C 243 17.42 -15.53 13.21
N ASP C 244 18.19 -16.61 13.25
CA ASP C 244 18.40 -17.34 14.47
C ASP C 244 19.59 -16.71 15.19
N ARG C 245 19.35 -16.27 16.45
CA ARG C 245 20.36 -15.65 17.33
C ARG C 245 21.72 -16.35 17.36
N ASP C 246 21.71 -17.68 17.22
CA ASP C 246 22.93 -18.50 17.28
C ASP C 246 24.08 -17.95 16.41
N VAL C 247 23.70 -17.45 15.23
CA VAL C 247 24.63 -16.77 14.35
C VAL C 247 25.43 -15.65 15.06
N LEU C 248 24.83 -15.01 16.06
CA LEU C 248 25.51 -13.90 16.75
C LEU C 248 26.69 -14.39 17.58
N ASN C 249 26.92 -15.70 17.61
CA ASN C 249 27.99 -16.30 18.42
C ASN C 249 28.96 -17.21 17.66
N LEU C 250 28.87 -17.27 16.35
CA LEU C 250 29.81 -18.04 15.57
C LEU C 250 31.22 -17.42 15.57
N PRO C 251 32.27 -18.26 15.51
CA PRO C 251 33.64 -17.73 15.58
C PRO C 251 34.14 -17.16 14.25
N VAL C 252 34.95 -16.11 14.32
CA VAL C 252 35.53 -15.53 13.13
C VAL C 252 36.97 -16.04 12.92
N PRO C 253 37.29 -16.53 11.71
CA PRO C 253 38.66 -16.98 11.42
C PRO C 253 39.72 -15.90 11.75
N ASP C 254 40.87 -16.32 12.28
CA ASP C 254 41.96 -15.40 12.64
C ASP C 254 42.85 -15.08 11.44
N GLU C 255 43.84 -14.22 11.69
CA GLU C 255 44.77 -13.73 10.67
C GLU C 255 45.53 -14.81 9.88
N ASN C 256 45.46 -16.06 10.34
CA ASN C 256 46.28 -17.14 9.74
C ASN C 256 45.47 -18.18 8.98
N VAL C 257 44.18 -17.88 8.81
CA VAL C 257 43.29 -18.63 7.93
C VAL C 257 43.96 -18.82 6.56
N ASP C 258 43.93 -20.05 6.04
CA ASP C 258 44.61 -20.32 4.77
C ASP C 258 43.69 -20.11 3.56
N TYR C 259 43.93 -19.03 2.84
CA TYR C 259 43.04 -18.67 1.72
C TYR C 259 43.13 -19.59 0.52
N ASP C 260 44.24 -20.32 0.41
CA ASP C 260 44.31 -21.35 -0.63
C ASP C 260 43.71 -22.69 -0.20
N GLY C 261 43.45 -22.82 1.09
CA GLY C 261 42.76 -23.99 1.64
C GLY C 261 41.31 -24.11 1.20
N ASP C 262 40.68 -25.23 1.53
CA ASP C 262 39.27 -25.41 1.23
C ASP C 262 38.47 -24.63 2.27
N LEU C 263 37.80 -23.57 1.85
CA LEU C 263 37.17 -22.69 2.82
C LEU C 263 35.78 -23.15 3.24
N THR C 264 35.30 -24.21 2.58
CA THR C 264 33.95 -24.75 2.79
C THR C 264 33.53 -24.85 4.25
N PRO C 265 34.26 -25.63 5.08
CA PRO C 265 33.93 -25.71 6.50
C PRO C 265 33.43 -24.41 7.13
N ILE C 266 34.13 -23.29 6.88
CA ILE C 266 33.74 -22.01 7.47
C ILE C 266 32.41 -21.47 6.92
N ILE C 267 32.30 -21.48 5.59
CA ILE C 267 31.08 -21.10 4.92
C ILE C 267 29.90 -21.88 5.49
N LYS C 268 30.03 -23.20 5.42
CA LYS C 268 29.00 -24.15 5.82
C LYS C 268 28.53 -23.90 7.25
N GLN C 269 29.48 -23.56 8.11
CA GLN C 269 29.21 -23.26 9.53
C GLN C 269 28.39 -21.98 9.68
N TRP C 270 28.70 -20.97 8.86
CA TRP C 270 28.03 -19.66 8.89
C TRP C 270 26.78 -19.64 8.03
N THR C 271 26.50 -20.73 7.33
CA THR C 271 25.30 -20.75 6.52
C THR C 271 24.43 -21.94 6.82
N SER C 272 24.55 -22.46 8.04
CA SER C 272 23.75 -23.61 8.45
C SER C 272 22.68 -23.23 9.45
N VAL C 273 22.83 -22.06 10.09
CA VAL C 273 21.73 -21.52 10.89
C VAL C 273 21.04 -20.39 10.11
N TYR C 274 19.72 -20.30 10.26
CA TYR C 274 18.89 -19.43 9.42
C TYR C 274 19.23 -17.95 9.54
N ALA C 275 19.45 -17.33 8.39
CA ALA C 275 19.67 -15.88 8.29
C ALA C 275 19.19 -15.42 6.93
N ALA C 276 18.21 -14.50 6.90
CA ALA C 276 17.62 -14.02 5.66
C ALA C 276 17.13 -12.59 5.75
N THR C 277 17.35 -11.83 4.69
CA THR C 277 16.77 -10.50 4.64
C THR C 277 15.34 -10.69 4.21
N GLU C 278 14.51 -9.67 4.47
CA GLU C 278 13.09 -9.73 4.16
C GLU C 278 12.82 -10.01 2.70
N ASP C 279 13.78 -9.68 1.83
CA ASP C 279 13.69 -9.89 0.38
C ASP C 279 13.59 -11.33 -0.05
N VAL C 280 14.18 -12.24 0.74
CA VAL C 280 14.20 -13.68 0.42
C VAL C 280 13.69 -14.55 1.57
N HIS C 281 13.29 -13.91 2.66
CA HIS C 281 12.68 -14.57 3.81
C HIS C 281 11.51 -15.51 3.41
N GLU C 282 11.47 -16.70 4.00
CA GLU C 282 10.31 -17.61 3.87
C GLU C 282 9.89 -18.10 5.25
N PRO C 283 8.73 -17.63 5.76
CA PRO C 283 8.34 -17.86 7.17
C PRO C 283 8.11 -19.34 7.53
N ALA C 284 7.70 -20.14 6.55
CA ALA C 284 7.53 -21.59 6.75
C ALA C 284 8.85 -22.21 7.17
N ARG C 285 9.88 -21.92 6.37
CA ARG C 285 11.25 -22.36 6.60
C ARG C 285 11.80 -21.79 7.90
N TYR C 286 11.53 -20.51 8.15
CA TYR C 286 11.91 -19.86 9.41
C TYR C 286 11.43 -20.67 10.63
N GLU C 287 10.12 -20.90 10.72
CA GLU C 287 9.52 -21.60 11.88
C GLU C 287 9.97 -23.05 11.98
N SER C 288 10.01 -23.74 10.84
CA SER C 288 10.42 -25.15 10.82
C SER C 288 11.96 -25.34 10.78
N GLU C 289 12.70 -24.35 11.29
CA GLU C 289 14.18 -24.41 11.40
C GLU C 289 14.68 -23.74 12.68
N VAL C 290 14.10 -22.59 13.03
CA VAL C 290 14.53 -21.85 14.24
C VAL C 290 13.62 -22.05 15.46
N PRO C 291 14.19 -22.50 16.60
CA PRO C 291 13.39 -22.61 17.82
C PRO C 291 12.91 -21.24 18.31
N GLU C 292 11.77 -21.23 19.00
CA GLU C 292 11.10 -20.02 19.53
C GLU C 292 12.02 -18.93 20.10
N ALA C 293 12.78 -19.29 21.12
CA ALA C 293 13.57 -18.34 21.91
C ALA C 293 14.79 -17.79 21.17
N ASN C 294 15.09 -18.34 19.99
CA ASN C 294 16.23 -17.86 19.16
C ASN C 294 15.82 -16.96 17.99
N ARG C 295 14.57 -17.09 17.55
CA ARG C 295 13.99 -16.32 16.44
C ARG C 295 13.98 -14.82 16.69
N LEU C 296 14.82 -14.09 15.97
CA LEU C 296 14.89 -12.65 16.12
C LEU C 296 14.56 -11.98 14.80
N ASN C 297 13.37 -11.39 14.73
CA ASN C 297 12.98 -10.49 13.64
C ASN C 297 13.42 -9.11 14.10
N THR C 298 14.17 -8.42 13.25
CA THR C 298 14.78 -7.16 13.66
C THR C 298 15.21 -6.34 12.47
N ARG C 299 15.74 -5.16 12.73
CA ARG C 299 16.33 -4.34 11.69
C ARG C 299 17.85 -4.45 11.75
N GLY C 300 18.49 -3.84 10.74
CA GLY C 300 19.92 -3.81 10.64
C GLY C 300 20.39 -3.03 9.44
N ILE C 301 21.70 -2.89 9.36
CA ILE C 301 22.34 -2.09 8.34
C ILE C 301 23.22 -3.01 7.50
N GLU C 302 23.05 -2.95 6.18
CA GLU C 302 23.90 -3.68 5.27
C GLU C 302 25.16 -2.87 5.15
N VAL C 303 26.27 -3.48 5.52
CA VAL C 303 27.56 -2.83 5.36
C VAL C 303 28.43 -3.54 4.35
N GLY C 304 27.95 -4.68 3.85
CA GLY C 304 28.71 -5.43 2.87
C GLY C 304 27.82 -6.32 2.07
N GLN C 305 28.20 -6.53 0.82
CA GLN C 305 27.44 -7.42 -0.04
C GLN C 305 28.36 -8.06 -1.05
N ILE C 306 28.15 -9.35 -1.25
CA ILE C 306 28.96 -10.18 -2.12
C ILE C 306 27.99 -10.84 -3.08
N PHE C 307 28.32 -10.85 -4.38
N PHE C 307 28.32 -10.74 -4.37
CA PHE C 307 27.33 -11.26 -5.37
CA PHE C 307 27.47 -11.20 -5.46
C PHE C 307 27.98 -11.96 -6.57
C PHE C 307 28.28 -12.13 -6.35
N TYR C 308 27.67 -13.24 -6.73
CA TYR C 308 28.17 -14.02 -7.86
C TYR C 308 27.19 -13.78 -9.00
N PHE C 309 27.72 -13.33 -10.14
CA PHE C 309 26.91 -12.98 -11.31
C PHE C 309 27.35 -13.71 -12.60
N GLY C 310 28.13 -14.79 -12.44
CA GLY C 310 28.51 -15.63 -13.56
C GLY C 310 29.01 -14.88 -14.79
N THR C 311 28.29 -15.04 -15.90
CA THR C 311 28.78 -14.52 -17.18
C THR C 311 28.01 -13.31 -17.68
N LYS C 312 27.29 -12.66 -16.76
CA LYS C 312 26.52 -11.48 -17.11
C LYS C 312 27.36 -10.48 -17.94
N TYR C 313 28.53 -10.09 -17.44
CA TYR C 313 29.24 -9.02 -18.09
C TYR C 313 30.22 -9.59 -19.11
N SER C 314 30.74 -10.78 -18.86
CA SER C 314 31.73 -11.34 -19.75
C SER C 314 31.13 -11.70 -21.11
N ASP C 315 29.87 -12.17 -21.08
CA ASP C 315 29.05 -12.41 -22.28
C ASP C 315 28.95 -11.20 -23.18
N SER C 316 28.13 -10.24 -22.74
CA SER C 316 27.86 -9.02 -23.50
C SER C 316 29.12 -8.20 -23.82
N MET C 317 30.18 -8.37 -23.04
CA MET C 317 31.37 -7.58 -23.29
C MET C 317 32.49 -8.37 -23.96
N LYS C 318 32.27 -9.67 -24.09
CA LYS C 318 33.19 -10.54 -24.77
C LYS C 318 34.50 -10.62 -24.00
N ALA C 319 34.37 -10.99 -22.72
CA ALA C 319 35.50 -11.20 -21.84
C ALA C 319 35.87 -12.67 -21.75
N ASN C 320 36.49 -13.21 -22.80
CA ASN C 320 36.78 -14.64 -22.84
C ASN C 320 38.23 -14.93 -22.47
N VAL C 321 38.50 -16.13 -21.95
CA VAL C 321 39.86 -16.66 -21.80
C VAL C 321 40.01 -18.07 -22.38
N THR C 322 41.17 -18.35 -22.97
CA THR C 322 41.44 -19.70 -23.42
C THR C 322 41.46 -20.59 -22.17
N GLY C 323 40.72 -21.69 -22.24
CA GLY C 323 40.65 -22.70 -21.17
C GLY C 323 41.73 -23.77 -21.33
N PRO C 324 41.75 -24.78 -20.43
CA PRO C 324 42.77 -25.84 -20.59
C PRO C 324 42.68 -26.56 -21.95
N ASP C 325 41.47 -27.04 -22.27
CA ASP C 325 41.13 -27.70 -23.55
C ASP C 325 41.39 -26.84 -24.81
N GLY C 326 41.90 -25.63 -24.63
CA GLY C 326 42.25 -24.75 -25.75
C GLY C 326 41.06 -23.97 -26.24
N THR C 327 39.89 -24.26 -25.66
CA THR C 327 38.62 -23.55 -25.97
C THR C 327 38.53 -22.14 -25.34
N ASP C 328 37.86 -21.21 -26.03
CA ASP C 328 37.56 -19.91 -25.46
C ASP C 328 36.16 -19.90 -24.86
N ALA C 329 36.02 -19.32 -23.67
CA ALA C 329 34.74 -19.19 -23.00
C ALA C 329 34.72 -17.95 -22.12
N PRO C 330 33.54 -17.31 -21.98
CA PRO C 330 33.31 -16.16 -21.09
C PRO C 330 33.71 -16.44 -19.64
N ILE C 331 34.41 -15.49 -19.00
CA ILE C 331 34.77 -15.69 -17.59
C ILE C 331 33.55 -15.67 -16.65
N HIS C 332 33.71 -16.31 -15.50
CA HIS C 332 32.75 -16.19 -14.40
C HIS C 332 33.28 -15.18 -13.39
N GLY C 333 32.48 -14.16 -13.12
CA GLY C 333 32.84 -13.16 -12.16
C GLY C 333 31.90 -13.02 -10.99
N GLY C 334 32.33 -12.22 -10.03
CA GLY C 334 31.57 -11.93 -8.82
C GLY C 334 31.97 -10.56 -8.33
N SER C 335 31.16 -9.97 -7.45
CA SER C 335 31.47 -8.64 -7.01
C SER C 335 31.25 -8.54 -5.51
N TYR C 336 32.06 -7.68 -4.90
CA TYR C 336 32.23 -7.65 -3.47
C TYR C 336 32.36 -6.20 -3.07
N GLY C 337 31.51 -5.77 -2.16
CA GLY C 337 31.45 -4.35 -1.83
C GLY C 337 31.21 -4.08 -0.37
N VAL C 338 31.96 -3.11 0.16
CA VAL C 338 31.87 -2.77 1.55
C VAL C 338 31.63 -1.28 1.65
N GLY C 339 30.53 -0.91 2.30
CA GLY C 339 30.20 0.50 2.47
C GLY C 339 31.10 1.17 3.48
N VAL C 340 32.27 1.59 2.98
CA VAL C 340 33.28 2.17 3.82
C VAL C 340 32.76 3.41 4.51
N SER C 341 32.23 4.37 3.76
CA SER C 341 31.72 5.60 4.39
C SER C 341 30.48 5.32 5.25
N ARG C 342 29.62 4.42 4.76
CA ARG C 342 28.47 4.00 5.52
C ARG C 342 28.87 3.42 6.86
N LEU C 343 30.01 2.74 6.91
CA LEU C 343 30.48 2.09 8.15
C LEU C 343 30.65 3.06 9.34
N LEU C 344 30.98 4.33 9.10
CA LEU C 344 31.09 5.20 10.25
C LEU C 344 29.74 5.18 10.96
N GLY C 345 28.69 5.49 10.21
CA GLY C 345 27.33 5.47 10.70
C GLY C 345 26.96 4.18 11.39
N ALA C 346 27.22 3.04 10.76
CA ALA C 346 26.83 1.77 11.40
C ALA C 346 27.57 1.58 12.74
N ILE C 347 28.89 1.71 12.72
CA ILE C 347 29.66 1.65 13.96
C ILE C 347 29.05 2.50 15.11
N ILE C 348 28.80 3.78 14.87
CA ILE C 348 28.21 4.61 15.89
C ILE C 348 26.88 4.03 16.37
N GLU C 349 26.07 3.55 15.44
CA GLU C 349 24.78 2.97 15.80
C GLU C 349 24.97 1.79 16.72
N ALA C 350 26.00 0.98 16.48
CA ALA C 350 26.24 -0.18 17.33
C ALA C 350 26.96 0.20 18.61
N CYS C 351 27.62 1.36 18.62
CA CYS C 351 28.52 1.74 19.72
C CYS C 351 28.36 3.19 20.16
N HIS C 352 27.50 3.41 21.14
CA HIS C 352 27.28 4.73 21.69
C HIS C 352 26.52 4.56 23.02
N ASP C 353 26.44 5.64 23.81
CA ASP C 353 25.52 5.70 24.94
C ASP C 353 25.04 7.14 25.09
N ASP C 354 24.42 7.46 26.22
CA ASP C 354 23.90 8.82 26.38
C ASP C 354 24.96 9.90 26.12
N ASN C 355 26.24 9.56 26.30
CA ASN C 355 27.27 10.62 26.32
C ASN C 355 28.09 10.71 25.08
N GLY C 356 27.83 9.79 24.16
CA GLY C 356 28.29 9.93 22.79
C GLY C 356 28.79 8.63 22.22
N ILE C 357 29.81 8.74 21.36
CA ILE C 357 30.36 7.61 20.65
C ILE C 357 31.22 6.71 21.57
N ILE C 358 31.37 5.45 21.19
CA ILE C 358 32.27 4.52 21.82
C ILE C 358 33.02 3.76 20.73
N TRP C 359 33.99 4.43 20.11
CA TRP C 359 34.75 3.83 19.01
C TRP C 359 35.41 2.57 19.49
N PRO C 360 35.32 1.50 18.69
CA PRO C 360 36.19 0.37 18.96
C PRO C 360 37.63 0.82 18.68
N GLU C 361 38.58 0.39 19.49
CA GLU C 361 39.97 0.84 19.37
C GLU C 361 40.48 0.90 17.93
N ALA C 362 40.09 -0.07 17.11
CA ALA C 362 40.74 -0.28 15.83
C ALA C 362 40.37 0.80 14.87
N VAL C 363 39.24 1.47 15.10
CA VAL C 363 38.78 2.52 14.19
C VAL C 363 38.79 3.93 14.80
N ALA C 364 39.10 3.99 16.09
CA ALA C 364 39.19 5.27 16.82
C ALA C 364 40.07 6.31 16.11
N PRO C 365 39.70 7.60 16.14
CA PRO C 365 40.59 8.60 15.51
C PRO C 365 41.88 8.82 16.33
N PHE C 366 41.85 8.47 17.62
CA PHE C 366 43.04 8.42 18.49
C PHE C 366 42.75 7.36 19.55
N ARG C 367 43.78 6.83 20.18
CA ARG C 367 43.58 5.75 21.12
C ARG C 367 43.31 6.30 22.51
N VAL C 368 44.05 7.33 22.92
CA VAL C 368 43.81 7.96 24.20
C VAL C 368 43.77 9.46 24.06
N THR C 369 42.99 10.12 24.91
CA THR C 369 43.10 11.57 25.00
C THR C 369 43.53 11.99 26.43
N ILE C 370 44.46 12.95 26.49
CA ILE C 370 44.87 13.54 27.75
C ILE C 370 44.04 14.77 28.07
N LEU C 371 43.40 14.80 29.22
CA LEU C 371 42.61 15.97 29.60
C LEU C 371 43.29 16.79 30.70
N ASN C 372 43.88 17.92 30.31
CA ASN C 372 44.44 18.80 31.30
C ASN C 372 43.31 19.58 31.95
N LEU C 373 42.86 19.08 33.10
CA LEU C 373 41.77 19.69 33.88
C LEU C 373 42.09 21.04 34.49
N LYS C 374 43.31 21.56 34.27
CA LYS C 374 43.59 22.94 34.63
C LYS C 374 44.62 23.59 33.73
N GLN C 375 44.18 23.99 32.55
CA GLN C 375 45.06 24.48 31.51
C GLN C 375 45.79 25.71 32.01
N GLY C 376 47.06 25.88 31.62
CA GLY C 376 47.85 27.03 32.07
C GLY C 376 48.57 26.79 33.41
N ASP C 377 48.06 25.88 34.22
CA ASP C 377 48.74 25.48 35.47
C ASP C 377 49.99 24.66 35.17
N ALA C 378 51.15 25.18 35.61
CA ALA C 378 52.49 24.69 35.18
C ALA C 378 52.76 23.21 35.49
N ALA C 379 52.14 22.70 36.56
CA ALA C 379 52.23 21.30 36.91
C ALA C 379 51.52 20.45 35.85
N THR C 380 50.19 20.55 35.80
CA THR C 380 49.38 19.83 34.82
C THR C 380 49.98 19.99 33.45
N ASP C 381 50.23 21.22 33.03
CA ASP C 381 50.80 21.46 31.72
C ASP C 381 51.99 20.55 31.48
N ALA C 382 52.95 20.57 32.43
CA ALA C 382 54.21 19.83 32.31
C ALA C 382 54.02 18.34 32.28
N ALA C 383 53.18 17.83 33.18
CA ALA C 383 52.82 16.43 33.15
C ALA C 383 52.13 16.05 31.82
N CYS C 384 51.33 16.97 31.27
CA CYS C 384 50.55 16.67 30.08
C CYS C 384 51.43 16.55 28.88
N ASP C 385 52.37 17.50 28.74
CA ASP C 385 53.36 17.40 27.66
C ASP C 385 54.16 16.09 27.81
N GLN C 386 54.64 15.82 29.02
CA GLN C 386 55.41 14.62 29.23
C GLN C 386 54.63 13.40 28.74
N LEU C 387 53.40 13.24 29.25
CA LEU C 387 52.54 12.12 28.84
C LEU C 387 52.39 12.06 27.34
N TYR C 388 52.15 13.21 26.74
CA TYR C 388 51.90 13.35 25.30
C TYR C 388 53.11 12.91 24.46
N ARG C 389 54.26 13.51 24.72
CA ARG C 389 55.52 13.15 24.04
C ARG C 389 55.85 11.66 24.21
N GLU C 390 55.76 11.14 25.43
CA GLU C 390 56.07 9.73 25.69
C GLU C 390 55.18 8.79 24.89
N LEU C 391 53.87 8.89 25.12
CA LEU C 391 52.86 8.11 24.42
C LEU C 391 53.00 8.24 22.92
N SER C 392 53.46 9.39 22.46
CA SER C 392 53.73 9.56 21.05
C SER C 392 54.96 8.73 20.64
N ALA C 393 56.09 8.99 21.29
CA ALA C 393 57.28 8.18 21.13
C ALA C 393 56.99 6.67 21.02
N LYS C 394 56.07 6.15 21.85
CA LYS C 394 55.70 4.72 21.78
C LYS C 394 54.62 4.42 20.71
N GLY C 395 54.42 5.36 19.79
CA GLY C 395 53.46 5.14 18.71
C GLY C 395 52.07 4.80 19.21
N VAL C 396 51.47 5.72 19.94
CA VAL C 396 50.14 5.54 20.48
C VAL C 396 49.43 6.78 19.99
N ASP C 397 48.34 6.58 19.22
CA ASP C 397 47.62 7.69 18.64
C ASP C 397 47.03 8.48 19.80
N VAL C 398 47.56 9.66 20.04
CA VAL C 398 47.22 10.40 21.25
C VAL C 398 46.72 11.81 20.94
N LEU C 399 45.64 12.20 21.61
CA LEU C 399 45.14 13.55 21.51
C LEU C 399 45.30 14.28 22.84
N TYR C 400 45.92 15.46 22.79
CA TYR C 400 46.06 16.23 23.99
C TYR C 400 45.06 17.38 24.01
N ASP C 401 43.95 17.21 24.71
CA ASP C 401 43.03 18.34 24.88
C ASP C 401 43.67 19.47 25.67
N ASP C 402 44.28 20.41 24.97
CA ASP C 402 45.10 21.39 25.66
C ASP C 402 44.47 22.78 25.57
N THR C 403 43.17 22.78 25.37
CA THR C 403 42.43 24.00 25.16
C THR C 403 42.15 24.67 26.48
N ASP C 404 41.99 26.00 26.39
CA ASP C 404 41.66 26.87 27.52
C ASP C 404 40.17 26.78 27.83
N GLN C 405 39.73 25.62 28.31
CA GLN C 405 38.34 25.40 28.64
C GLN C 405 38.20 24.64 29.93
N ARG C 406 37.19 24.97 30.70
CA ARG C 406 36.90 24.32 31.95
C ARG C 406 36.75 22.81 31.75
N ALA C 407 37.10 22.05 32.78
CA ALA C 407 37.14 20.59 32.76
C ALA C 407 35.83 19.92 32.38
N GLY C 408 34.72 20.61 32.63
CA GLY C 408 33.40 20.05 32.37
C GLY C 408 33.25 19.91 30.88
N ALA C 409 33.65 20.96 30.17
CA ALA C 409 33.65 20.95 28.73
C ALA C 409 34.55 19.82 28.19
N LYS C 410 35.77 19.70 28.74
CA LYS C 410 36.71 18.65 28.32
C LYS C 410 36.12 17.27 28.58
N PHE C 411 35.55 17.08 29.76
CA PHE C 411 34.99 15.78 30.04
C PHE C 411 33.95 15.48 28.99
N ALA C 412 33.11 16.47 28.72
CA ALA C 412 31.96 16.31 27.81
C ALA C 412 32.42 15.96 26.40
N THR C 413 33.25 16.83 25.81
CA THR C 413 33.79 16.61 24.49
C THR C 413 34.46 15.26 24.36
N ALA C 414 35.25 14.88 25.36
CA ALA C 414 36.01 13.66 25.25
C ALA C 414 35.10 12.47 25.24
N ASP C 415 33.94 12.58 25.87
CA ASP C 415 33.01 11.47 25.87
C ASP C 415 32.31 11.40 24.52
N LEU C 416 31.99 12.58 24.03
CA LEU C 416 31.29 12.76 22.79
C LEU C 416 32.03 12.16 21.58
N ILE C 417 33.31 12.52 21.41
CA ILE C 417 34.05 12.08 20.25
C ILE C 417 34.57 10.66 20.40
N GLY C 418 34.38 10.06 21.57
CA GLY C 418 34.48 8.59 21.73
C GLY C 418 35.81 7.86 21.66
N ILE C 419 36.90 8.61 21.89
CA ILE C 419 38.27 8.06 22.07
C ILE C 419 38.22 6.94 23.09
N PRO C 420 38.81 5.76 22.78
CA PRO C 420 38.81 4.61 23.70
C PRO C 420 39.26 4.87 25.14
N TRP C 421 40.23 5.76 25.37
CA TRP C 421 40.87 5.97 26.69
C TRP C 421 41.06 7.44 27.02
N GLN C 422 40.83 7.82 28.28
CA GLN C 422 41.10 9.19 28.71
C GLN C 422 42.09 9.22 29.86
N ILE C 423 43.01 10.17 29.83
CA ILE C 423 43.84 10.44 30.99
C ILE C 423 43.44 11.80 31.53
N HIS C 424 42.99 11.79 32.78
CA HIS C 424 42.62 13.00 33.46
C HIS C 424 43.78 13.40 34.33
N VAL C 425 44.38 14.54 34.01
CA VAL C 425 45.51 15.07 34.75
C VAL C 425 45.03 16.32 35.48
N GLY C 426 44.79 16.16 36.79
CA GLY C 426 44.24 17.23 37.63
C GLY C 426 45.19 17.58 38.77
N PRO C 427 45.04 18.77 39.38
CA PRO C 427 46.07 19.25 40.29
C PRO C 427 46.17 18.43 41.56
N ARG C 428 45.04 18.03 42.13
CA ARG C 428 45.06 17.27 43.40
C ARG C 428 45.62 15.87 43.18
N GLY C 429 45.13 15.19 42.14
CA GLY C 429 45.67 13.90 41.78
C GLY C 429 47.13 13.96 41.39
N LEU C 430 47.56 15.10 40.85
CA LEU C 430 48.94 15.20 40.38
C LEU C 430 49.86 15.34 41.58
N ALA C 431 49.39 16.06 42.60
CA ALA C 431 50.13 16.24 43.83
C ALA C 431 50.47 14.91 44.48
N GLU C 432 49.66 13.89 44.23
CA GLU C 432 49.88 12.56 44.79
C GLU C 432 50.70 11.68 43.89
N GLY C 433 51.11 12.20 42.74
CA GLY C 433 51.84 11.42 41.75
C GLY C 433 50.93 10.65 40.82
N LYS C 434 49.63 10.93 40.90
CA LYS C 434 48.62 10.10 40.27
C LYS C 434 47.80 10.79 39.18
N VAL C 435 47.25 9.99 38.27
CA VAL C 435 46.31 10.51 37.26
C VAL C 435 45.19 9.51 37.15
N GLU C 436 44.08 9.94 36.53
CA GLU C 436 42.93 9.06 36.33
C GLU C 436 42.92 8.49 34.90
N LEU C 437 42.75 7.18 34.80
CA LEU C 437 42.59 6.49 33.54
C LEU C 437 41.16 5.99 33.44
N LYS C 438 40.42 6.56 32.49
CA LYS C 438 39.00 6.25 32.27
C LYS C 438 38.84 5.43 31.01
N ARG C 439 38.15 4.31 31.12
CA ARG C 439 37.82 3.55 29.92
C ARG C 439 36.44 3.98 29.47
N ARG C 440 36.32 4.36 28.20
CA ARG C 440 35.09 4.92 27.66
C ARG C 440 33.94 3.92 27.62
N SER C 441 34.23 2.69 27.19
CA SER C 441 33.21 1.67 26.95
C SER C 441 32.32 1.37 28.17
N ASP C 442 32.92 1.24 29.35
CA ASP C 442 32.14 1.06 30.58
C ASP C 442 32.20 2.24 31.55
N GLY C 443 33.16 3.11 31.35
CA GLY C 443 33.32 4.24 32.26
C GLY C 443 34.15 3.90 33.48
N ALA C 444 34.86 2.77 33.42
CA ALA C 444 35.73 2.37 34.50
C ALA C 444 36.84 3.40 34.67
N ARG C 445 36.82 4.06 35.81
CA ARG C 445 37.85 4.96 36.21
C ARG C 445 38.89 4.13 36.96
N GLU C 446 40.10 4.66 37.12
CA GLU C 446 41.17 3.94 37.82
C GLU C 446 42.33 4.89 38.13
N ASN C 447 42.57 5.13 39.42
CA ASN C 447 43.72 5.91 39.86
C ASN C 447 45.01 5.14 39.72
N LEU C 448 45.98 5.78 39.07
CA LEU C 448 47.33 5.25 39.00
C LEU C 448 48.38 6.32 38.66
N ALA C 449 49.65 5.94 38.72
CA ALA C 449 50.76 6.87 38.66
C ALA C 449 51.09 7.32 37.25
N LEU C 450 51.71 8.49 37.12
CA LEU C 450 52.32 8.93 35.87
C LEU C 450 53.08 7.81 35.18
N ALA C 451 54.05 7.24 35.90
CA ALA C 451 54.98 6.24 35.33
C ALA C 451 54.24 5.07 34.70
N ASP C 452 53.37 4.45 35.49
CA ASP C 452 52.65 3.26 35.04
C ASP C 452 51.69 3.52 33.88
N VAL C 453 51.05 4.68 33.83
CA VAL C 453 50.02 4.90 32.80
C VAL C 453 50.48 4.62 31.37
N VAL C 454 51.66 5.10 31.00
CA VAL C 454 52.16 4.85 29.65
C VAL C 454 52.36 3.36 29.42
N ALA C 455 52.95 2.67 30.38
CA ALA C 455 53.20 1.23 30.29
C ALA C 455 51.90 0.47 30.09
N ARG C 456 50.84 0.96 30.70
CA ARG C 456 49.51 0.36 30.57
C ARG C 456 48.85 0.56 29.21
N LEU C 457 49.42 1.44 28.38
CA LEU C 457 48.80 1.78 27.12
C LEU C 457 49.70 1.44 25.97
N THR C 458 50.88 0.94 26.29
CA THR C 458 51.75 0.37 25.29
C THR C 458 51.69 -1.13 25.45
CB P5A D . -2.24 10.85 -9.23
CG P5A D . -3.36 9.83 -9.27
C P5A D . -0.32 9.48 -8.98
O P5A D . -0.08 8.27 -9.07
N P5A D . -1.77 9.31 -10.93
CD P5A D . -3.07 8.92 -10.45
CA P5A D . -1.12 10.20 -10.01
N3S P5A D . 0.04 10.30 -8.00
S P5A D . 0.95 9.91 -6.66
O1S P5A D . 1.93 8.85 -7.08
O2S P5A D . 1.43 11.25 -6.13
O5' P5A D . -0.02 9.26 -5.54
C5' P5A D . -1.08 10.07 -5.06
C4' P5A D . -1.43 9.65 -3.65
O4' P5A D . -1.55 8.23 -3.62
C1' P5A D . -1.02 7.70 -2.38
N9 P5A D . -0.03 6.58 -2.59
C4 P5A D . 0.06 5.51 -1.79
N3 P5A D . -0.63 5.13 -0.67
C2 P5A D . -0.32 3.98 -0.03
N1 P5A D . 0.66 3.16 -0.48
C6 P5A D . 1.36 3.50 -1.59
N6 P5A D . 2.33 2.67 -2.02
C5 P5A D . 1.07 4.69 -2.28
N7 P5A D . 1.58 5.30 -3.40
C8 P5A D . 0.90 6.46 -3.57
C2' P5A D . -0.40 8.88 -1.63
O2' P5A D . -1.22 9.26 -0.52
C3' P5A D . -0.34 9.99 -2.66
O3' P5A D . -0.54 11.28 -2.07
CB P5A E . 29.03 -4.98 -5.41
CG P5A E . 30.41 -4.39 -5.23
C P5A E . 27.40 -3.20 -5.54
O P5A E . 27.08 -2.06 -5.86
N P5A E . 29.32 -3.27 -7.02
CD P5A E . 30.62 -3.48 -6.43
CA P5A E . 28.31 -4.04 -6.36
N3S P5A E . 27.03 -3.82 -4.42
S P5A E . 26.03 -3.07 -3.35
O1S P5A E . 25.05 -2.29 -4.19
O2S P5A E . 25.53 -4.10 -2.38
O5' P5A E . 26.98 -2.04 -2.53
C5' P5A E . 28.01 -2.53 -1.68
C4' P5A E . 28.08 -1.76 -0.35
O4' P5A E . 28.18 -0.32 -0.48
C1' P5A E . 27.40 0.32 0.55
N9 P5A E . 26.37 1.21 -0.05
C4 P5A E . 26.11 2.46 0.37
N3 P5A E . 26.63 3.22 1.37
C2 P5A E . 26.16 4.46 1.59
N1 P5A E . 25.19 5.01 0.85
C6 P5A E . 24.64 4.30 -0.17
N6 P5A E . 23.66 4.88 -0.91
C5 P5A E . 25.10 3.00 -0.44
N7 P5A E . 24.78 2.03 -1.33
C8 P5A E . 25.56 0.94 -1.09
C2' P5A E . 26.68 -0.77 1.31
O2' P5A E . 27.22 -0.92 2.61
C3' P5A E . 26.85 -2.02 0.49
O3' P5A E . 27.05 -3.17 1.28
#